data_3ZST
#
_entry.id   3ZST
#
_cell.length_a   113.240
_cell.length_b   113.240
_cell.length_c   314.500
_cell.angle_alpha   90.00
_cell.angle_beta   90.00
_cell.angle_gamma   90.00
#
_symmetry.space_group_name_H-M   'P 41 21 2'
#
loop_
_entity.id
_entity.type
_entity.pdbx_description
1 polymer 'PUTATIVE GLUCANOHYDROLASE PEP1A GLGE ISOFORM 1'
2 branched Cyclohexakis-(1-4)-(alpha-D-glucopyranose)
3 non-polymer 1,2-ETHANEDIOL
4 water water
#
_entity_poly.entity_id   1
_entity_poly.type   'polypeptide(L)'
_entity_poly.pdbx_seq_one_letter_code
;MGSSHHHHHHSSGLVPRGSHMPATHHSSATSAERPTVVGRIPVLDVRPVVQRGRRPAKAVTGESFEVSATVFREGHDAVG
ANVVLRDPRGRPGPWTPMRELAPGTDRWGATVTAGETGTWSYTVEAWGDPVTTWRHHARIKIPAGLDTDLVLEEGARLYE
RAAADVPGREDRRELLAAVDALRDESRPAASRLAAALTPQVDAVLARHPLRDLVTSSDPLPLLVERERALYGAWYEFFPR
SEGTPHTPHGTFRTAARRLPAIAAMGFDVVYLPPIHPIGTTHRKGRNNTLSATGDDVGVPWAIGSPEGGHDSIHPALGTL
DDFDHFVTEAGKLGLEIALDFALQCSPDHPWVHKHPEWFHHRPDGTIAHAENPPKKYQDIYPIAFDADPDGLATETVRIL
RHWMDHGVRIFRVDNPHTKPVAFWERVIADINGTDPDVIFLAEAFTRPAMMATLAQIGFQQSYTYFTWRNTKQELTEYLT
ELSGEAASYMRPNFFANTPDILHAYLQHGGRPAFEVRAVLAATLSPTWGIYSGYELCENTPLREGSEEYLDSEKYQLKPR
DWTRAAREGTTIAPLVTRLNTIRRENPALRQLRDLHFHPTDKEEVIAYSKRQGSNTVLVVVNLDPRHTQEATVSLDMPQL
GLDWHESVPVRDELTGETYHWGRANYVRLEPGRTPAHVCTVLRPSHPQIGGSHTT
;
_entity_poly.pdbx_strand_id   A,B
#
loop_
_chem_comp.id
_chem_comp.type
_chem_comp.name
_chem_comp.formula
EDO non-polymer 1,2-ETHANEDIOL 'C2 H6 O2'
GLC D-saccharide, alpha linking alpha-D-glucopyranose 'C6 H12 O6'
#
# COMPACT_ATOMS: atom_id res chain seq x y z
N PRO A 35 -39.01 -50.90 -14.98
CA PRO A 35 -37.94 -49.88 -14.97
C PRO A 35 -36.93 -50.07 -16.11
N THR A 36 -36.64 -48.99 -16.85
CA THR A 36 -35.75 -49.03 -17.99
C THR A 36 -34.32 -48.72 -17.56
N VAL A 37 -33.36 -49.38 -18.19
CA VAL A 37 -31.96 -49.09 -17.90
C VAL A 37 -31.60 -47.63 -18.29
N VAL A 38 -32.13 -47.15 -19.43
CA VAL A 38 -31.81 -45.79 -19.90
C VAL A 38 -32.86 -44.83 -19.38
N GLY A 39 -32.43 -43.63 -19.01
CA GLY A 39 -33.33 -42.61 -18.48
C GLY A 39 -33.94 -41.72 -19.55
N ARG A 40 -34.62 -40.66 -19.12
CA ARG A 40 -35.35 -39.80 -20.03
C ARG A 40 -34.38 -39.16 -21.00
N ILE A 41 -33.31 -38.57 -20.46
CA ILE A 41 -32.25 -38.04 -21.27
C ILE A 41 -31.03 -38.95 -21.06
N PRO A 42 -30.62 -39.74 -22.07
CA PRO A 42 -29.54 -40.67 -21.93
C PRO A 42 -28.25 -40.09 -21.37
N VAL A 43 -27.76 -40.73 -20.31
CA VAL A 43 -26.47 -40.37 -19.76
C VAL A 43 -25.78 -41.69 -19.51
N LEU A 44 -24.73 -41.94 -20.29
CA LEU A 44 -24.13 -43.24 -20.40
C LEU A 44 -22.61 -43.16 -20.27
N ASP A 45 -22.04 -44.25 -19.79
CA ASP A 45 -20.61 -44.46 -19.82
C ASP A 45 -19.87 -43.34 -19.12
N VAL A 46 -20.26 -43.07 -17.90
CA VAL A 46 -19.59 -42.10 -17.06
C VAL A 46 -18.20 -42.60 -16.71
N ARG A 47 -17.20 -41.75 -16.92
CA ARG A 47 -15.83 -42.07 -16.56
C ARG A 47 -15.34 -40.96 -15.65
N PRO A 48 -14.33 -41.25 -14.82
CA PRO A 48 -13.63 -42.52 -14.78
C PRO A 48 -14.45 -43.65 -14.13
N VAL A 49 -14.08 -44.87 -14.45
CA VAL A 49 -14.68 -46.05 -13.89
C VAL A 49 -13.57 -47.08 -13.74
N VAL A 50 -13.56 -47.79 -12.61
CA VAL A 50 -12.60 -48.79 -12.32
C VAL A 50 -13.37 -50.07 -12.04
N GLN A 51 -13.09 -51.11 -12.82
CA GLN A 51 -13.65 -52.42 -12.56
C GLN A 51 -15.18 -52.35 -12.58
N ARG A 52 -15.72 -51.58 -13.53
CA ARG A 52 -17.17 -51.41 -13.75
C ARG A 52 -17.92 -50.79 -12.57
N GLY A 53 -17.23 -50.00 -11.75
CA GLY A 53 -17.79 -49.47 -10.55
C GLY A 53 -17.56 -50.28 -9.28
N ARG A 54 -16.89 -51.42 -9.35
CA ARG A 54 -16.67 -52.22 -8.16
C ARG A 54 -15.50 -51.74 -7.30
N ARG A 55 -14.70 -50.82 -7.83
CA ARG A 55 -13.59 -50.25 -7.08
C ARG A 55 -13.59 -48.77 -7.36
N PRO A 56 -13.09 -47.98 -6.43
CA PRO A 56 -13.11 -46.57 -6.63
C PRO A 56 -12.01 -46.03 -7.51
N ALA A 57 -12.34 -45.00 -8.28
CA ALA A 57 -11.37 -44.13 -8.90
C ALA A 57 -10.67 -43.37 -7.77
N LYS A 58 -9.47 -42.87 -8.05
CA LYS A 58 -8.63 -42.23 -7.04
C LYS A 58 -8.38 -40.74 -7.32
N ALA A 59 -8.18 -39.99 -6.22
CA ALA A 59 -7.71 -38.64 -6.25
C ALA A 59 -7.00 -38.35 -4.93
N VAL A 60 -6.30 -37.21 -4.85
CA VAL A 60 -5.85 -36.71 -3.58
C VAL A 60 -6.45 -35.33 -3.36
N THR A 61 -6.47 -34.89 -2.13
CA THR A 61 -6.86 -33.54 -1.78
C THR A 61 -6.21 -32.50 -2.70
N GLY A 62 -7.03 -31.63 -3.26
CA GLY A 62 -6.55 -30.55 -4.15
C GLY A 62 -6.40 -30.93 -5.62
N GLU A 63 -6.59 -32.21 -5.95
CA GLU A 63 -6.35 -32.67 -7.29
C GLU A 63 -7.56 -32.52 -8.19
N SER A 64 -7.37 -31.95 -9.36
CA SER A 64 -8.41 -31.87 -10.38
C SER A 64 -8.36 -33.00 -11.37
N PHE A 65 -9.52 -33.40 -11.83
CA PHE A 65 -9.63 -34.38 -12.91
C PHE A 65 -10.95 -34.24 -13.59
N GLU A 66 -11.06 -34.92 -14.72
CA GLU A 66 -12.17 -34.75 -15.61
C GLU A 66 -13.17 -35.87 -15.36
N VAL A 67 -14.43 -35.52 -15.11
CA VAL A 67 -15.51 -36.49 -15.13
C VAL A 67 -16.19 -36.29 -16.50
N SER A 68 -16.40 -37.39 -17.24
CA SER A 68 -17.00 -37.33 -18.55
C SER A 68 -18.16 -38.27 -18.69
N ALA A 69 -18.95 -38.04 -19.72
CA ALA A 69 -20.07 -38.91 -20.01
C ALA A 69 -20.52 -38.76 -21.43
N THR A 70 -21.25 -39.76 -21.92
CA THR A 70 -21.91 -39.68 -23.22
C THR A 70 -23.34 -39.21 -22.97
N VAL A 71 -23.69 -38.02 -23.47
CA VAL A 71 -24.98 -37.41 -23.20
C VAL A 71 -25.59 -36.91 -24.50
N PHE A 72 -26.87 -37.22 -24.73
CA PHE A 72 -27.57 -36.83 -25.96
C PHE A 72 -29.06 -37.06 -25.71
N ARG A 73 -29.89 -36.66 -26.67
CA ARG A 73 -31.33 -36.91 -26.56
C ARG A 73 -31.95 -37.24 -27.90
N GLU A 74 -33.23 -37.54 -27.89
CA GLU A 74 -33.96 -37.85 -29.10
C GLU A 74 -34.34 -36.51 -29.73
N GLY A 75 -34.51 -36.50 -31.05
CA GLY A 75 -34.85 -35.26 -31.73
C GLY A 75 -33.61 -34.41 -31.94
N HIS A 76 -33.81 -33.15 -32.28
CA HIS A 76 -32.74 -32.31 -32.69
C HIS A 76 -32.44 -31.19 -31.73
N ASP A 77 -33.11 -31.14 -30.58
CA ASP A 77 -32.90 -30.03 -29.64
C ASP A 77 -31.67 -30.28 -28.76
N ALA A 78 -31.18 -29.22 -28.14
CA ALA A 78 -29.92 -29.21 -27.41
C ALA A 78 -30.04 -29.85 -26.03
N VAL A 79 -28.92 -30.43 -25.56
CA VAL A 79 -28.86 -30.96 -24.21
C VAL A 79 -27.83 -30.18 -23.41
N GLY A 80 -27.92 -30.31 -22.09
CA GLY A 80 -26.91 -29.81 -21.19
C GLY A 80 -26.57 -30.91 -20.19
N ALA A 81 -25.48 -30.73 -19.46
CA ALA A 81 -25.09 -31.69 -18.45
C ALA A 81 -24.21 -31.02 -17.40
N ASN A 82 -24.16 -31.64 -16.21
CA ASN A 82 -23.37 -31.09 -15.09
C ASN A 82 -22.95 -32.22 -14.15
N VAL A 83 -21.89 -32.00 -13.39
CA VAL A 83 -21.35 -32.99 -12.49
C VAL A 83 -21.68 -32.63 -11.06
N VAL A 84 -22.21 -33.61 -10.31
CA VAL A 84 -22.50 -33.43 -8.92
C VAL A 84 -21.54 -34.36 -8.17
N LEU A 85 -20.57 -33.75 -7.52
CA LEU A 85 -19.59 -34.42 -6.71
C LEU A 85 -20.07 -34.32 -5.26
N ARG A 86 -20.23 -35.45 -4.57
CA ARG A 86 -20.74 -35.46 -3.22
C ARG A 86 -19.64 -35.93 -2.27
N ASP A 87 -19.56 -35.30 -1.10
CA ASP A 87 -18.46 -35.55 -0.17
C ASP A 87 -18.79 -36.70 0.76
N PRO A 88 -17.92 -37.03 1.71
CA PRO A 88 -18.22 -38.20 2.53
C PRO A 88 -19.49 -38.09 3.35
N ARG A 89 -20.00 -36.89 3.64
CA ARG A 89 -21.31 -36.77 4.30
C ARG A 89 -22.45 -36.58 3.29
N GLY A 90 -22.21 -36.82 2.02
CA GLY A 90 -23.28 -36.69 1.00
C GLY A 90 -23.59 -35.25 0.55
N ARG A 91 -22.77 -34.27 0.97
CA ARG A 91 -22.99 -32.85 0.60
C ARG A 91 -22.51 -32.55 -0.81
N PRO A 92 -23.38 -31.95 -1.64
CA PRO A 92 -23.05 -31.71 -3.04
C PRO A 92 -22.05 -30.58 -3.25
N GLY A 93 -21.25 -30.70 -4.28
CA GLY A 93 -20.28 -29.66 -4.61
C GLY A 93 -20.95 -28.52 -5.35
N PRO A 94 -20.15 -27.63 -5.95
CA PRO A 94 -20.69 -26.46 -6.64
C PRO A 94 -21.24 -26.81 -8.01
N TRP A 95 -22.05 -25.93 -8.56
CA TRP A 95 -22.54 -26.03 -9.93
C TRP A 95 -21.34 -26.26 -10.86
N THR A 96 -21.33 -27.38 -11.57
CA THR A 96 -20.21 -27.76 -12.41
C THR A 96 -20.69 -28.20 -13.80
N PRO A 97 -21.03 -27.20 -14.66
CA PRO A 97 -21.57 -27.53 -15.95
C PRO A 97 -20.53 -28.17 -16.84
N MET A 98 -20.95 -29.12 -17.65
CA MET A 98 -20.08 -29.81 -18.55
C MET A 98 -20.23 -29.15 -19.92
N ARG A 99 -19.31 -29.51 -20.81
CA ARG A 99 -19.33 -29.05 -22.20
CA ARG A 99 -19.36 -29.05 -22.21
C ARG A 99 -18.98 -30.22 -23.13
N GLU A 100 -19.44 -30.16 -24.36
CA GLU A 100 -19.10 -31.16 -25.35
C GLU A 100 -17.62 -31.04 -25.72
N LEU A 101 -16.88 -32.14 -25.56
CA LEU A 101 -15.42 -32.15 -25.74
C LEU A 101 -14.95 -31.99 -27.18
N ALA A 102 -15.78 -32.39 -28.13
CA ALA A 102 -15.48 -32.25 -29.57
C ALA A 102 -16.84 -32.27 -30.30
N PRO A 103 -17.01 -31.43 -31.31
CA PRO A 103 -18.38 -31.34 -31.85
C PRO A 103 -18.86 -32.65 -32.51
N GLY A 104 -20.16 -32.93 -32.42
CA GLY A 104 -20.72 -34.19 -32.95
C GLY A 104 -20.37 -35.53 -32.29
N THR A 105 -19.70 -35.52 -31.13
CA THR A 105 -19.29 -36.78 -30.51
C THR A 105 -20.22 -37.20 -29.38
N ASP A 106 -21.03 -36.28 -28.88
CA ASP A 106 -21.88 -36.51 -27.73
C ASP A 106 -21.13 -36.94 -26.49
N ARG A 107 -19.86 -36.60 -26.40
CA ARG A 107 -19.02 -36.84 -25.22
C ARG A 107 -18.81 -35.50 -24.50
N TRP A 108 -19.22 -35.45 -23.24
CA TRP A 108 -19.26 -34.24 -22.45
C TRP A 108 -18.33 -34.40 -21.26
N GLY A 109 -17.75 -33.29 -20.81
CA GLY A 109 -16.88 -33.32 -19.65
C GLY A 109 -16.85 -32.03 -18.83
N ALA A 110 -16.46 -32.17 -17.56
CA ALA A 110 -16.06 -31.04 -16.75
C ALA A 110 -14.99 -31.49 -15.76
N THR A 111 -14.21 -30.51 -15.31
CA THR A 111 -13.18 -30.70 -14.27
C THR A 111 -13.77 -30.58 -12.88
N VAL A 112 -13.48 -31.54 -12.01
CA VAL A 112 -13.90 -31.47 -10.62
C VAL A 112 -12.66 -31.45 -9.78
N THR A 113 -12.78 -31.02 -8.50
CA THR A 113 -11.63 -30.95 -7.60
C THR A 113 -11.98 -31.61 -6.27
N ALA A 114 -11.12 -32.53 -5.87
CA ALA A 114 -11.26 -33.32 -4.66
C ALA A 114 -10.89 -32.43 -3.46
N GLY A 115 -11.66 -32.49 -2.39
CA GLY A 115 -11.35 -31.77 -1.13
C GLY A 115 -10.79 -32.72 -0.07
N GLU A 116 -11.44 -32.76 1.09
CA GLU A 116 -11.01 -33.61 2.20
C GLU A 116 -10.99 -35.10 1.84
N THR A 117 -10.19 -35.83 2.58
CA THR A 117 -10.02 -37.24 2.40
C THR A 117 -11.25 -38.03 2.81
N GLY A 118 -11.46 -39.17 2.16
CA GLY A 118 -12.59 -40.05 2.43
C GLY A 118 -13.16 -40.57 1.13
N THR A 119 -14.30 -41.24 1.24
CA THR A 119 -14.96 -41.82 0.08
C THR A 119 -16.05 -40.85 -0.38
N TRP A 120 -15.89 -40.34 -1.57
CA TRP A 120 -16.83 -39.46 -2.22
C TRP A 120 -17.63 -40.25 -3.30
N SER A 121 -18.49 -39.55 -4.01
CA SER A 121 -19.20 -40.11 -5.15
C SER A 121 -19.46 -39.02 -6.14
N TYR A 122 -19.64 -39.44 -7.40
CA TYR A 122 -19.98 -38.50 -8.43
C TYR A 122 -21.09 -39.03 -9.32
N THR A 123 -21.88 -38.09 -9.80
CA THR A 123 -23.04 -38.33 -10.63
C THR A 123 -22.97 -37.31 -11.74
N VAL A 124 -23.42 -37.69 -12.93
CA VAL A 124 -23.64 -36.74 -14.03
C VAL A 124 -25.13 -36.56 -14.21
N GLU A 125 -25.53 -35.30 -14.29
CA GLU A 125 -26.91 -34.99 -14.55
C GLU A 125 -27.01 -34.53 -15.99
N ALA A 126 -27.98 -35.07 -16.72
CA ALA A 126 -28.24 -34.64 -18.10
C ALA A 126 -29.67 -34.06 -18.20
N TRP A 127 -29.85 -33.15 -19.13
CA TRP A 127 -31.09 -32.43 -19.26
C TRP A 127 -31.30 -31.83 -20.64
N GLY A 128 -32.54 -31.64 -21.03
CA GLY A 128 -32.86 -30.82 -22.20
C GLY A 128 -32.52 -29.39 -21.85
N ASP A 129 -32.01 -28.65 -22.84
CA ASP A 129 -31.65 -27.25 -22.70
C ASP A 129 -32.52 -26.42 -23.65
N PRO A 130 -33.76 -26.16 -23.27
CA PRO A 130 -34.72 -25.51 -24.15
C PRO A 130 -34.35 -24.08 -24.53
N VAL A 131 -33.67 -23.35 -23.67
CA VAL A 131 -33.24 -22.02 -24.02
C VAL A 131 -32.23 -22.01 -25.14
N THR A 132 -31.25 -22.90 -25.12
CA THR A 132 -30.27 -22.91 -26.19
C THR A 132 -30.95 -23.23 -27.53
N THR A 133 -31.90 -24.16 -27.49
CA THR A 133 -32.66 -24.55 -28.68
C THR A 133 -33.51 -23.42 -29.20
N TRP A 134 -34.25 -22.78 -28.32
CA TRP A 134 -35.09 -21.64 -28.70
C TRP A 134 -34.25 -20.50 -29.31
N ARG A 135 -33.12 -20.17 -28.70
CA ARG A 135 -32.25 -19.11 -29.23
C ARG A 135 -31.81 -19.37 -30.62
N HIS A 136 -31.42 -20.61 -30.87
CA HIS A 136 -30.94 -20.99 -32.18
C HIS A 136 -32.06 -20.78 -33.23
N HIS A 137 -33.26 -21.27 -32.93
CA HIS A 137 -34.38 -21.13 -33.85
C HIS A 137 -34.81 -19.68 -34.03
N ALA A 138 -34.82 -18.94 -32.93
CA ALA A 138 -35.17 -17.54 -32.96
C ALA A 138 -34.23 -16.67 -33.81
N ARG A 139 -32.94 -16.93 -33.74
CA ARG A 139 -31.97 -16.17 -34.53
C ARG A 139 -32.18 -16.34 -36.02
N ILE A 140 -32.67 -17.51 -36.45
CA ILE A 140 -32.97 -17.74 -37.87
C ILE A 140 -34.34 -17.13 -38.23
N LYS A 141 -35.37 -17.47 -37.45
CA LYS A 141 -36.76 -17.14 -37.79
C LYS A 141 -37.15 -15.64 -37.71
N ILE A 142 -36.58 -14.92 -36.77
CA ILE A 142 -36.91 -13.49 -36.58
C ILE A 142 -36.44 -12.57 -37.75
N PRO A 143 -35.16 -12.65 -38.16
CA PRO A 143 -34.78 -11.98 -39.43
C PRO A 143 -35.52 -12.49 -40.68
N ALA A 144 -36.04 -13.72 -40.64
CA ALA A 144 -36.79 -14.28 -41.79
C ALA A 144 -38.28 -13.86 -41.82
N GLY A 145 -38.77 -13.26 -40.74
CA GLY A 145 -40.18 -12.89 -40.63
C GLY A 145 -41.14 -14.07 -40.43
N LEU A 146 -40.65 -15.19 -39.92
CA LEU A 146 -41.49 -16.41 -39.83
C LEU A 146 -42.12 -16.60 -38.43
N ASP A 147 -43.44 -16.41 -38.33
CA ASP A 147 -44.15 -16.65 -37.08
C ASP A 147 -43.50 -15.89 -35.92
N THR A 148 -43.12 -14.62 -36.14
CA THR A 148 -42.24 -13.95 -35.18
C THR A 148 -42.93 -13.69 -33.85
N ASP A 149 -44.18 -13.25 -33.85
CA ASP A 149 -44.90 -13.09 -32.57
C ASP A 149 -45.00 -14.43 -31.80
N LEU A 150 -45.31 -15.53 -32.49
CA LEU A 150 -45.38 -16.85 -31.86
C LEU A 150 -44.04 -17.23 -31.24
N VAL A 151 -42.97 -17.02 -32.01
CA VAL A 151 -41.63 -17.42 -31.57
C VAL A 151 -41.24 -16.66 -30.34
N LEU A 152 -41.50 -15.34 -30.35
CA LEU A 152 -41.07 -14.49 -29.24
C LEU A 152 -41.88 -14.77 -27.99
N GLU A 153 -43.16 -15.06 -28.16
CA GLU A 153 -44.00 -15.47 -27.04
C GLU A 153 -43.47 -16.80 -26.44
N GLU A 154 -43.08 -17.75 -27.28
CA GLU A 154 -42.46 -19.01 -26.81
C GLU A 154 -41.21 -18.78 -25.97
N GLY A 155 -40.38 -17.83 -26.40
CA GLY A 155 -39.19 -17.46 -25.63
C GLY A 155 -39.60 -16.84 -24.30
N ALA A 156 -40.60 -15.97 -24.33
CA ALA A 156 -41.07 -15.30 -23.12
C ALA A 156 -41.45 -16.38 -22.09
N ARG A 157 -42.12 -17.46 -22.55
CA ARG A 157 -42.56 -18.50 -21.65
C ARG A 157 -41.38 -19.26 -21.02
N LEU A 158 -40.34 -19.56 -21.81
CA LEU A 158 -39.11 -20.17 -21.29
C LEU A 158 -38.47 -19.30 -20.24
N TYR A 159 -38.31 -18.01 -20.54
CA TYR A 159 -37.62 -17.11 -19.62
C TYR A 159 -38.39 -16.93 -18.30
N GLU A 160 -39.70 -16.97 -18.41
CA GLU A 160 -40.57 -16.89 -17.27
C GLU A 160 -40.36 -18.12 -16.38
N ARG A 161 -40.33 -19.30 -16.99
CA ARG A 161 -40.01 -20.50 -16.26
C ARG A 161 -38.61 -20.40 -15.64
N ALA A 162 -37.64 -19.93 -16.40
CA ALA A 162 -36.26 -19.84 -15.89
C ALA A 162 -36.30 -18.98 -14.64
N ALA A 163 -36.96 -17.83 -14.73
CA ALA A 163 -37.04 -16.85 -13.65
C ALA A 163 -37.60 -17.43 -12.36
N ALA A 164 -38.56 -18.34 -12.48
CA ALA A 164 -39.23 -18.97 -11.34
C ALA A 164 -38.30 -19.69 -10.40
N ASP A 165 -37.25 -20.30 -10.92
CA ASP A 165 -36.28 -21.09 -10.13
C ASP A 165 -35.01 -20.30 -9.75
N VAL A 166 -34.94 -19.02 -10.11
CA VAL A 166 -33.78 -18.16 -9.78
C VAL A 166 -33.96 -17.55 -8.38
N PRO A 167 -33.07 -17.89 -7.41
CA PRO A 167 -33.25 -17.48 -6.02
C PRO A 167 -32.96 -16.01 -5.74
N GLY A 168 -32.03 -15.40 -6.48
CA GLY A 168 -31.62 -14.03 -6.24
C GLY A 168 -32.63 -13.10 -6.86
N ARG A 169 -33.00 -12.06 -6.12
CA ARG A 169 -34.03 -11.15 -6.58
C ARG A 169 -33.57 -10.32 -7.78
N GLU A 170 -32.31 -9.89 -7.78
CA GLU A 170 -31.79 -9.05 -8.87
C GLU A 170 -31.72 -9.80 -10.18
N ASP A 171 -31.26 -11.05 -10.14
CA ASP A 171 -31.18 -11.87 -11.34
C ASP A 171 -32.55 -12.22 -11.90
N ARG A 172 -33.52 -12.43 -11.01
CA ARG A 172 -34.92 -12.66 -11.39
C ARG A 172 -35.54 -11.43 -12.10
N ARG A 173 -35.22 -10.23 -11.61
CA ARG A 173 -35.65 -9.00 -12.28
C ARG A 173 -35.10 -8.88 -13.71
N GLU A 174 -33.81 -9.20 -13.88
CA GLU A 174 -33.16 -9.15 -15.17
C GLU A 174 -33.86 -10.05 -16.20
N LEU A 175 -34.14 -11.31 -15.84
CA LEU A 175 -34.94 -12.21 -16.70
C LEU A 175 -36.38 -11.70 -16.93
N LEU A 176 -37.04 -11.17 -15.89
CA LEU A 176 -38.43 -10.70 -16.07
C LEU A 176 -38.52 -9.44 -16.96
N ALA A 177 -37.46 -8.62 -16.96
CA ALA A 177 -37.41 -7.47 -17.89
C ALA A 177 -37.20 -7.98 -19.31
N ALA A 178 -36.46 -9.07 -19.43
CA ALA A 178 -36.33 -9.74 -20.72
C ALA A 178 -37.69 -10.34 -21.15
N VAL A 179 -38.42 -10.98 -20.23
CA VAL A 179 -39.79 -11.47 -20.55
C VAL A 179 -40.65 -10.30 -21.11
N ASP A 180 -40.66 -9.17 -20.39
CA ASP A 180 -41.45 -8.02 -20.82
C ASP A 180 -41.04 -7.50 -22.21
N ALA A 181 -39.73 -7.37 -22.45
CA ALA A 181 -39.23 -6.88 -23.73
C ALA A 181 -39.67 -7.85 -24.83
N LEU A 182 -39.47 -9.14 -24.60
CA LEU A 182 -39.87 -10.19 -25.55
C LEU A 182 -41.38 -10.09 -25.93
N ARG A 183 -42.22 -9.66 -25.00
CA ARG A 183 -43.67 -9.61 -25.17
C ARG A 183 -44.24 -8.30 -25.68
N ASP A 184 -43.39 -7.29 -25.85
CA ASP A 184 -43.83 -5.96 -26.26
C ASP A 184 -44.11 -5.94 -27.78
N GLU A 185 -45.35 -6.25 -28.16
CA GLU A 185 -45.76 -6.32 -29.57
C GLU A 185 -45.71 -4.99 -30.29
N SER A 186 -45.46 -3.91 -29.56
CA SER A 186 -45.30 -2.60 -30.14
C SER A 186 -43.86 -2.32 -30.64
N ARG A 187 -42.93 -3.21 -30.30
CA ARG A 187 -41.51 -3.03 -30.63
C ARG A 187 -41.04 -3.91 -31.79
N PRO A 188 -40.01 -3.46 -32.53
CA PRO A 188 -39.55 -4.30 -33.67
C PRO A 188 -39.12 -5.66 -33.19
N ALA A 189 -39.40 -6.68 -33.97
CA ALA A 189 -39.08 -8.06 -33.63
C ALA A 189 -37.57 -8.22 -33.30
N ALA A 190 -36.68 -7.57 -34.05
CA ALA A 190 -35.22 -7.72 -33.81
C ALA A 190 -34.82 -7.17 -32.47
N SER A 191 -35.49 -6.11 -32.06
CA SER A 191 -35.20 -5.46 -30.82
C SER A 191 -35.75 -6.26 -29.62
N ARG A 192 -36.97 -6.79 -29.73
CA ARG A 192 -37.51 -7.70 -28.72
C ARG A 192 -36.58 -8.91 -28.51
N LEU A 193 -36.06 -9.49 -29.59
CA LEU A 193 -35.18 -10.66 -29.46
C LEU A 193 -33.82 -10.29 -28.82
N ALA A 194 -33.25 -9.16 -29.22
CA ALA A 194 -31.95 -8.69 -28.72
C ALA A 194 -31.97 -8.53 -27.20
N ALA A 195 -33.12 -8.11 -26.65
CA ALA A 195 -33.28 -7.93 -25.18
C ALA A 195 -33.16 -9.26 -24.40
N ALA A 196 -33.39 -10.38 -25.06
CA ALA A 196 -33.25 -11.71 -24.48
C ALA A 196 -31.86 -12.31 -24.68
N LEU A 197 -30.98 -11.63 -25.41
CA LEU A 197 -29.62 -12.12 -25.68
C LEU A 197 -28.48 -11.27 -25.12
N THR A 198 -28.77 -10.38 -24.18
CA THR A 198 -27.75 -9.52 -23.59
C THR A 198 -26.80 -10.35 -22.69
N PRO A 199 -25.54 -9.90 -22.53
CA PRO A 199 -24.63 -10.67 -21.67
C PRO A 199 -25.12 -10.81 -20.22
N GLN A 200 -25.87 -9.84 -19.70
CA GLN A 200 -26.37 -9.98 -18.31
C GLN A 200 -27.45 -11.07 -18.17
N VAL A 201 -28.30 -11.20 -19.18
CA VAL A 201 -29.21 -12.32 -19.26
C VAL A 201 -28.41 -13.62 -19.45
N ASP A 202 -27.35 -13.62 -20.26
CA ASP A 202 -26.51 -14.83 -20.40
C ASP A 202 -25.95 -15.28 -19.04
N ALA A 203 -25.40 -14.34 -18.30
CA ALA A 203 -24.75 -14.66 -17.03
C ALA A 203 -25.74 -15.35 -16.09
N VAL A 204 -26.95 -14.80 -15.93
CA VAL A 204 -28.00 -15.43 -15.10
C VAL A 204 -28.33 -16.86 -15.56
N LEU A 205 -28.49 -17.07 -16.86
CA LEU A 205 -28.84 -18.42 -17.36
C LEU A 205 -27.67 -19.42 -17.29
N ALA A 206 -26.44 -18.94 -17.33
CA ALA A 206 -25.30 -19.84 -17.23
C ALA A 206 -25.20 -20.43 -15.82
N ARG A 207 -25.58 -19.63 -14.81
CA ARG A 207 -25.52 -20.06 -13.41
C ARG A 207 -26.81 -20.79 -12.98
N HIS A 208 -27.93 -20.45 -13.61
CA HIS A 208 -29.24 -20.99 -13.25
C HIS A 208 -30.02 -21.31 -14.49
N PRO A 209 -29.53 -22.30 -15.28
CA PRO A 209 -30.18 -22.69 -16.51
C PRO A 209 -31.48 -23.36 -16.26
N LEU A 210 -32.34 -23.29 -17.25
CA LEU A 210 -33.59 -23.99 -17.20
C LEU A 210 -33.30 -25.39 -17.78
N ARG A 211 -33.55 -26.40 -16.95
CA ARG A 211 -33.19 -27.78 -17.22
C ARG A 211 -34.46 -28.57 -17.33
N ASP A 212 -34.75 -29.13 -18.51
CA ASP A 212 -35.85 -30.06 -18.73
C ASP A 212 -35.40 -31.51 -18.50
N LEU A 213 -36.23 -32.27 -17.81
CA LEU A 213 -36.17 -33.72 -17.82
C LEU A 213 -34.88 -34.24 -17.24
N VAL A 214 -34.41 -33.60 -16.17
CA VAL A 214 -33.16 -33.93 -15.57
C VAL A 214 -33.14 -35.43 -15.28
N THR A 215 -32.02 -36.06 -15.62
CA THR A 215 -31.82 -37.48 -15.54
C THR A 215 -30.39 -37.67 -15.03
N SER A 216 -30.18 -38.54 -14.06
CA SER A 216 -28.87 -38.81 -13.52
C SER A 216 -28.40 -40.20 -13.74
N SER A 217 -27.08 -40.32 -13.85
CA SER A 217 -26.39 -41.60 -13.83
C SER A 217 -26.45 -42.13 -12.41
N ASP A 218 -26.17 -43.41 -12.24
CA ASP A 218 -25.95 -43.95 -10.91
C ASP A 218 -24.60 -43.47 -10.41
N PRO A 219 -24.46 -43.29 -9.11
CA PRO A 219 -23.25 -42.77 -8.55
C PRO A 219 -22.06 -43.70 -8.69
N LEU A 220 -20.90 -43.12 -8.91
CA LEU A 220 -19.67 -43.85 -8.99
C LEU A 220 -18.80 -43.39 -7.83
N PRO A 221 -18.01 -44.31 -7.27
CA PRO A 221 -17.19 -44.00 -6.10
C PRO A 221 -15.83 -43.39 -6.38
N LEU A 222 -15.39 -42.50 -5.49
CA LEU A 222 -14.08 -41.86 -5.57
C LEU A 222 -13.42 -41.91 -4.17
N LEU A 223 -12.22 -42.44 -4.08
CA LEU A 223 -11.48 -42.48 -2.82
C LEU A 223 -10.45 -41.34 -2.89
N VAL A 224 -10.59 -40.36 -2.01
CA VAL A 224 -9.70 -39.24 -1.96
C VAL A 224 -8.72 -39.46 -0.80
N GLU A 225 -7.42 -39.44 -1.12
CA GLU A 225 -6.35 -39.74 -0.18
C GLU A 225 -5.45 -38.51 0.00
N ARG A 226 -4.51 -38.61 0.94
CA ARG A 226 -3.75 -37.44 1.30
C ARG A 226 -2.75 -37.11 0.19
N GLU A 227 -2.30 -35.88 0.21
CA GLU A 227 -1.43 -35.33 -0.83
C GLU A 227 -0.23 -36.20 -1.16
N ARG A 228 0.43 -36.74 -0.14
CA ARG A 228 1.67 -37.52 -0.30
C ARG A 228 1.44 -38.79 -1.14
N ALA A 229 0.22 -39.28 -1.22
CA ALA A 229 -0.06 -40.44 -2.09
C ALA A 229 0.29 -40.15 -3.54
N LEU A 230 0.05 -38.91 -3.97
CA LEU A 230 0.36 -38.46 -5.35
C LEU A 230 1.70 -37.76 -5.50
N TYR A 231 2.07 -36.94 -4.51
CA TYR A 231 3.13 -35.99 -4.65
C TYR A 231 4.14 -36.20 -3.53
N GLY A 232 5.40 -36.34 -3.86
CA GLY A 232 6.46 -36.43 -2.88
C GLY A 232 7.77 -36.80 -3.54
N ALA A 233 8.89 -36.45 -2.91
CA ALA A 233 10.20 -36.85 -3.42
C ALA A 233 10.77 -37.90 -2.45
N TRP A 234 11.26 -39.02 -2.97
CA TRP A 234 11.78 -40.11 -2.16
C TRP A 234 13.26 -40.38 -2.31
N TYR A 235 13.88 -40.79 -1.21
CA TYR A 235 15.28 -41.17 -1.19
C TYR A 235 15.45 -42.48 -0.46
N GLU A 236 16.12 -43.44 -1.10
CA GLU A 236 16.39 -44.71 -0.50
C GLU A 236 17.83 -44.82 -0.12
N PHE A 237 18.10 -45.25 1.11
CA PHE A 237 19.45 -45.61 1.52
C PHE A 237 19.48 -46.71 2.55
N PHE A 238 20.63 -47.33 2.71
CA PHE A 238 20.82 -48.43 3.66
C PHE A 238 21.50 -47.89 4.92
N PRO A 239 20.80 -47.89 6.05
CA PRO A 239 21.46 -47.35 7.25
C PRO A 239 22.76 -47.98 7.61
N ARG A 240 22.86 -49.29 7.44
CA ARG A 240 24.08 -50.02 7.77
C ARG A 240 25.32 -49.50 7.05
N SER A 241 25.17 -48.87 5.88
CA SER A 241 26.35 -48.36 5.18
C SER A 241 26.94 -47.14 5.83
N GLU A 242 26.16 -46.46 6.65
CA GLU A 242 26.58 -45.21 7.30
C GLU A 242 27.14 -45.41 8.69
N GLY A 243 28.30 -46.03 8.74
CA GLY A 243 28.91 -46.40 10.00
C GLY A 243 30.10 -45.49 10.33
N THR A 244 31.05 -45.99 11.11
CA THR A 244 32.25 -45.25 11.50
C THR A 244 33.49 -46.11 11.24
N PRO A 245 34.70 -45.54 11.40
CA PRO A 245 35.89 -46.40 11.27
C PRO A 245 35.99 -47.54 12.27
N HIS A 246 35.68 -47.29 13.54
CA HIS A 246 35.67 -48.37 14.53
C HIS A 246 34.54 -49.39 14.33
N THR A 247 33.36 -48.90 13.93
CA THR A 247 32.17 -49.75 13.75
C THR A 247 31.55 -49.49 12.36
N PRO A 248 32.04 -50.23 11.34
CA PRO A 248 31.62 -49.99 9.93
C PRO A 248 30.14 -50.21 9.71
N HIS A 249 29.54 -51.16 10.42
CA HIS A 249 28.11 -51.36 10.34
C HIS A 249 27.37 -50.25 11.06
N GLY A 250 26.71 -49.38 10.30
CA GLY A 250 25.93 -48.28 10.85
C GLY A 250 24.79 -48.75 11.74
N THR A 251 24.42 -47.85 12.66
CA THR A 251 23.29 -48.03 13.55
C THR A 251 22.26 -47.01 13.15
N PHE A 252 21.05 -47.10 13.71
CA PHE A 252 20.08 -46.02 13.55
C PHE A 252 20.65 -44.69 14.04
N ARG A 253 21.44 -44.72 15.10
CA ARG A 253 22.01 -43.45 15.58
C ARG A 253 23.06 -42.84 14.66
N THR A 254 23.92 -43.65 14.05
CA THR A 254 24.90 -43.09 13.12
C THR A 254 24.24 -42.70 11.82
N ALA A 255 23.28 -43.50 11.39
CA ALA A 255 22.61 -43.26 10.11
C ALA A 255 21.73 -42.03 10.15
N ALA A 256 21.23 -41.65 11.32
CA ALA A 256 20.49 -40.40 11.49
C ALA A 256 21.27 -39.18 11.00
N ARG A 257 22.60 -39.29 10.96
CA ARG A 257 23.45 -38.18 10.55
C ARG A 257 23.30 -37.85 9.10
N ARG A 258 22.73 -38.78 8.32
CA ARG A 258 22.49 -38.51 6.88
C ARG A 258 21.21 -37.76 6.69
N LEU A 259 20.31 -37.82 7.66
CA LEU A 259 18.96 -37.23 7.44
C LEU A 259 19.02 -35.72 7.06
N PRO A 260 19.86 -34.93 7.72
CA PRO A 260 19.92 -33.50 7.36
C PRO A 260 20.33 -33.28 5.88
N ALA A 261 21.29 -34.04 5.37
CA ALA A 261 21.69 -33.91 3.96
C ALA A 261 20.53 -34.37 3.02
N ILE A 262 19.76 -35.35 3.46
CA ILE A 262 18.61 -35.81 2.66
C ILE A 262 17.49 -34.74 2.67
N ALA A 263 17.18 -34.19 3.84
CA ALA A 263 16.25 -33.05 3.91
C ALA A 263 16.76 -31.87 3.07
N ALA A 264 18.06 -31.62 3.08
CA ALA A 264 18.60 -30.43 2.37
C ALA A 264 18.51 -30.59 0.84
N MET A 265 18.48 -31.82 0.33
CA MET A 265 18.23 -32.03 -1.10
C MET A 265 16.73 -31.95 -1.46
N GLY A 266 15.90 -31.69 -0.47
CA GLY A 266 14.48 -31.48 -0.69
C GLY A 266 13.65 -32.74 -0.84
N PHE A 267 14.04 -33.84 -0.20
CA PHE A 267 13.25 -35.03 -0.19
C PHE A 267 12.21 -34.96 0.92
N ASP A 268 11.14 -35.75 0.78
CA ASP A 268 10.05 -35.82 1.73
C ASP A 268 9.91 -37.19 2.39
N VAL A 269 10.35 -38.24 1.71
CA VAL A 269 10.22 -39.58 2.20
C VAL A 269 11.56 -40.26 2.16
N VAL A 270 11.93 -40.94 3.25
CA VAL A 270 13.12 -41.77 3.30
C VAL A 270 12.68 -43.23 3.27
N TYR A 271 13.06 -43.98 2.23
CA TYR A 271 12.70 -45.40 2.08
C TYR A 271 13.92 -46.22 2.52
N LEU A 272 13.69 -47.08 3.52
CA LEU A 272 14.70 -47.96 4.10
C LEU A 272 14.47 -49.40 3.66
N PRO A 273 15.53 -50.10 3.22
CA PRO A 273 15.43 -51.51 3.03
C PRO A 273 15.11 -52.21 4.34
N PRO A 274 14.69 -53.47 4.30
CA PRO A 274 14.38 -54.17 5.55
C PRO A 274 15.37 -53.91 6.67
N ILE A 275 14.78 -53.61 7.84
CA ILE A 275 15.52 -53.24 9.05
C ILE A 275 15.59 -54.35 10.07
N HIS A 276 15.27 -55.58 9.66
CA HIS A 276 15.14 -56.70 10.58
C HIS A 276 16.40 -57.58 10.61
N PRO A 277 16.48 -58.52 11.56
CA PRO A 277 17.58 -59.50 11.49
C PRO A 277 17.61 -60.21 10.16
N ILE A 278 18.81 -60.61 9.75
CA ILE A 278 19.04 -61.24 8.44
C ILE A 278 19.50 -62.70 8.67
N GLY A 279 18.98 -63.63 7.89
CA GLY A 279 19.34 -65.04 8.08
C GLY A 279 20.79 -65.33 7.82
N THR A 280 21.28 -66.43 8.41
CA THR A 280 22.61 -66.94 8.14
C THR A 280 22.60 -68.13 7.13
N THR A 281 21.53 -68.90 7.07
CA THR A 281 21.48 -70.12 6.26
C THR A 281 21.31 -69.71 4.81
N HIS A 282 22.25 -70.10 3.98
CA HIS A 282 22.32 -69.75 2.55
C HIS A 282 22.49 -68.25 2.29
N ARG A 283 23.04 -67.54 3.27
CA ARG A 283 23.25 -66.11 3.15
C ARG A 283 24.18 -65.81 1.96
N LYS A 284 23.87 -64.74 1.22
CA LYS A 284 24.63 -64.42 0.03
C LYS A 284 25.87 -63.63 0.41
N GLY A 285 26.95 -63.85 -0.35
CA GLY A 285 28.16 -63.04 -0.22
C GLY A 285 28.21 -61.82 -1.13
N ARG A 286 29.37 -61.16 -1.17
CA ARG A 286 29.55 -59.96 -1.94
CA ARG A 286 29.55 -59.96 -1.94
C ARG A 286 29.27 -60.31 -3.40
N ASN A 287 28.65 -59.39 -4.11
CA ASN A 287 28.38 -59.56 -5.54
C ASN A 287 27.54 -60.74 -5.84
N ASN A 288 26.64 -61.07 -4.94
CA ASN A 288 25.68 -62.16 -5.15
C ASN A 288 26.38 -63.49 -5.33
N THR A 289 27.48 -63.71 -4.61
CA THR A 289 28.05 -65.05 -4.54
C THR A 289 27.21 -65.93 -3.61
N LEU A 290 27.26 -67.23 -3.84
CA LEU A 290 26.32 -68.16 -3.18
C LEU A 290 26.62 -68.32 -1.69
N SER A 291 27.91 -68.29 -1.32
CA SER A 291 28.37 -68.51 0.06
C SER A 291 29.01 -67.26 0.70
N ALA A 292 28.39 -66.72 1.75
CA ALA A 292 28.92 -65.62 2.51
C ALA A 292 30.13 -66.07 3.28
N THR A 293 31.16 -65.23 3.39
CA THR A 293 32.31 -65.52 4.25
C THR A 293 31.95 -65.03 5.63
N GLY A 294 32.96 -64.94 6.49
CA GLY A 294 32.76 -64.68 7.90
C GLY A 294 32.12 -63.38 8.33
N ASP A 295 32.49 -62.27 7.69
CA ASP A 295 31.98 -60.96 8.10
C ASP A 295 30.91 -60.40 7.18
N ASP A 296 30.51 -61.17 6.17
CA ASP A 296 29.59 -60.69 5.15
C ASP A 296 28.26 -60.42 5.78
N VAL A 297 27.60 -59.36 5.35
CA VAL A 297 26.43 -58.90 6.06
C VAL A 297 25.13 -59.46 5.52
N GLY A 298 25.15 -60.03 4.32
CA GLY A 298 23.96 -60.62 3.75
C GLY A 298 22.97 -59.58 3.26
N VAL A 299 21.87 -60.07 2.71
CA VAL A 299 20.89 -59.26 2.04
C VAL A 299 19.72 -58.99 2.98
N PRO A 300 19.36 -57.72 3.16
CA PRO A 300 18.30 -57.38 4.15
C PRO A 300 17.00 -58.08 3.90
N TRP A 301 16.70 -58.33 2.63
CA TRP A 301 15.47 -58.99 2.24
C TRP A 301 15.39 -60.46 2.70
N ALA A 302 16.52 -61.02 3.14
CA ALA A 302 16.57 -62.37 3.66
C ALA A 302 16.23 -62.33 5.14
N ILE A 303 14.95 -62.04 5.43
CA ILE A 303 14.52 -61.58 6.74
C ILE A 303 14.39 -62.75 7.75
N GLY A 304 15.01 -62.55 8.91
CA GLY A 304 14.73 -63.39 10.05
C GLY A 304 15.83 -64.30 10.48
N SER A 305 15.97 -64.45 11.79
CA SER A 305 16.93 -65.34 12.40
C SER A 305 16.41 -65.68 13.80
N PRO A 306 17.16 -66.45 14.60
CA PRO A 306 16.73 -66.58 16.00
C PRO A 306 16.59 -65.28 16.79
N GLU A 307 17.11 -64.17 16.26
CA GLU A 307 17.03 -62.88 16.95
C GLU A 307 15.70 -62.18 16.72
N GLY A 308 14.91 -62.68 15.76
CA GLY A 308 13.59 -62.10 15.46
C GLY A 308 13.26 -62.06 13.99
N GLY A 309 12.02 -61.70 13.71
CA GLY A 309 11.45 -61.65 12.37
C GLY A 309 11.05 -60.24 12.00
N HIS A 310 9.93 -60.08 11.30
CA HIS A 310 9.47 -58.80 10.76
C HIS A 310 9.04 -57.75 11.80
N ASP A 311 8.87 -58.13 13.05
CA ASP A 311 8.58 -57.19 14.11
C ASP A 311 9.80 -56.86 14.97
N SER A 312 11.01 -57.19 14.48
CA SER A 312 12.28 -56.92 15.19
C SER A 312 13.26 -56.07 14.41
N ILE A 313 14.23 -55.56 15.15
CA ILE A 313 15.30 -54.76 14.59
C ILE A 313 16.58 -55.61 14.53
N HIS A 314 17.29 -55.50 13.42
CA HIS A 314 18.64 -56.01 13.33
C HIS A 314 19.48 -55.52 14.51
N PRO A 315 20.10 -56.44 15.28
CA PRO A 315 20.86 -56.02 16.45
C PRO A 315 21.98 -55.10 16.14
N ALA A 316 22.58 -55.19 14.96
CA ALA A 316 23.68 -54.30 14.60
C ALA A 316 23.14 -52.88 14.26
N LEU A 317 21.83 -52.71 14.02
CA LEU A 317 21.22 -51.37 13.81
C LEU A 317 20.82 -50.71 15.15
N GLY A 318 20.68 -51.53 16.18
CA GLY A 318 20.37 -51.06 17.53
C GLY A 318 19.03 -51.61 17.98
N THR A 319 18.28 -50.80 18.73
CA THR A 319 17.03 -51.18 19.36
C THR A 319 15.85 -50.39 18.81
N LEU A 320 14.67 -50.84 19.20
CA LEU A 320 13.45 -50.17 18.87
C LEU A 320 13.47 -48.70 19.34
N ASP A 321 14.04 -48.42 20.52
CA ASP A 321 14.23 -47.02 20.97
C ASP A 321 15.12 -46.24 19.99
N ASP A 322 16.17 -46.88 19.49
CA ASP A 322 17.00 -46.24 18.51
C ASP A 322 16.24 -45.96 17.25
N PHE A 323 15.33 -46.83 16.90
CA PHE A 323 14.55 -46.62 15.68
C PHE A 323 13.64 -45.44 15.92
N ASP A 324 13.03 -45.40 17.10
CA ASP A 324 12.14 -44.27 17.46
C ASP A 324 12.90 -42.95 17.39
N HIS A 325 14.13 -42.93 17.87
CA HIS A 325 14.98 -41.74 17.74
C HIS A 325 15.14 -41.31 16.27
N PHE A 326 15.43 -42.27 15.40
CA PHE A 326 15.64 -42.05 14.00
C PHE A 326 14.37 -41.47 13.36
N VAL A 327 13.22 -42.07 13.65
CA VAL A 327 11.93 -41.57 13.16
C VAL A 327 11.61 -40.14 13.65
N THR A 328 11.89 -39.86 14.92
CA THR A 328 11.70 -38.54 15.49
C THR A 328 12.57 -37.52 14.75
N GLU A 329 13.85 -37.84 14.58
CA GLU A 329 14.75 -36.89 13.96
C GLU A 329 14.37 -36.67 12.50
N ALA A 330 13.90 -37.72 11.85
CA ALA A 330 13.42 -37.62 10.47
C ALA A 330 12.22 -36.66 10.43
N GLY A 331 11.25 -36.88 11.31
CA GLY A 331 10.04 -36.02 11.40
C GLY A 331 10.34 -34.53 11.58
N LYS A 332 11.28 -34.20 12.44
CA LYS A 332 11.67 -32.81 12.67
C LYS A 332 12.25 -32.18 11.41
N LEU A 333 12.84 -32.97 10.50
CA LEU A 333 13.39 -32.45 9.25
C LEU A 333 12.39 -32.49 8.11
N GLY A 334 11.14 -32.84 8.39
CA GLY A 334 10.12 -32.95 7.34
C GLY A 334 10.22 -34.23 6.52
N LEU A 335 10.78 -35.30 7.10
CA LEU A 335 10.89 -36.61 6.46
C LEU A 335 9.99 -37.66 7.12
N GLU A 336 9.18 -38.31 6.31
CA GLU A 336 8.42 -39.47 6.69
C GLU A 336 9.23 -40.74 6.36
N ILE A 337 9.12 -41.76 7.18
CA ILE A 337 9.85 -42.98 6.91
C ILE A 337 8.93 -43.93 6.17
N ALA A 338 9.45 -44.54 5.10
CA ALA A 338 8.76 -45.66 4.47
C ALA A 338 9.60 -46.91 4.71
N LEU A 339 9.03 -47.92 5.35
CA LEU A 339 9.70 -49.21 5.52
C LEU A 339 9.34 -50.17 4.41
N ASP A 340 10.32 -50.95 4.01
CA ASP A 340 10.12 -52.10 3.21
C ASP A 340 9.30 -53.13 3.96
N PHE A 341 8.31 -53.71 3.29
CA PHE A 341 7.58 -54.86 3.80
C PHE A 341 7.69 -55.97 2.73
N ALA A 342 8.50 -56.99 3.03
CA ALA A 342 8.76 -58.09 2.14
C ALA A 342 8.25 -59.35 2.82
N LEU A 343 7.09 -59.82 2.39
CA LEU A 343 6.45 -60.99 2.96
C LEU A 343 7.11 -62.28 2.43
N GLN A 344 8.19 -62.62 3.13
CA GLN A 344 9.05 -63.75 2.81
C GLN A 344 9.97 -63.94 4.00
N CYS A 345 10.75 -65.01 3.99
CA CYS A 345 11.55 -65.38 5.15
C CYS A 345 12.85 -65.96 4.70
N SER A 346 13.89 -65.71 5.49
CA SER A 346 15.06 -66.55 5.43
C SER A 346 14.71 -67.91 6.03
N PRO A 347 15.57 -68.92 5.80
CA PRO A 347 15.29 -70.26 6.40
C PRO A 347 15.41 -70.29 7.89
N ASP A 348 15.94 -69.20 8.48
CA ASP A 348 16.17 -69.11 9.91
C ASP A 348 15.04 -68.30 10.61
N HIS A 349 14.11 -67.75 9.84
CA HIS A 349 12.99 -66.99 10.42
C HIS A 349 12.19 -67.91 11.33
N PRO A 350 11.78 -67.45 12.52
CA PRO A 350 10.93 -68.21 13.44
C PRO A 350 9.73 -68.87 12.78
N TRP A 351 9.10 -68.20 11.83
CA TRP A 351 7.93 -68.74 11.09
C TRP A 351 8.15 -70.10 10.47
N VAL A 352 9.40 -70.41 10.12
CA VAL A 352 9.71 -71.64 9.45
C VAL A 352 9.35 -72.82 10.34
N HIS A 353 9.64 -72.73 11.63
CA HIS A 353 9.21 -73.78 12.58
C HIS A 353 7.87 -73.50 13.27
N LYS A 354 7.52 -72.24 13.46
CA LYS A 354 6.27 -71.92 14.17
C LYS A 354 5.08 -72.04 13.29
N HIS A 355 5.26 -71.79 12.01
CA HIS A 355 4.14 -71.84 11.08
C HIS A 355 4.56 -72.52 9.78
N PRO A 356 4.83 -73.82 9.86
CA PRO A 356 5.32 -74.50 8.66
C PRO A 356 4.32 -74.47 7.49
N GLU A 357 3.04 -74.40 7.81
CA GLU A 357 1.98 -74.40 6.80
C GLU A 357 1.92 -73.10 6.01
N TRP A 358 2.73 -72.11 6.40
CA TRP A 358 2.95 -70.87 5.61
C TRP A 358 3.99 -71.05 4.49
N PHE A 359 4.47 -72.26 4.27
CA PHE A 359 5.43 -72.53 3.20
C PHE A 359 4.98 -73.76 2.44
N HIS A 360 5.32 -73.84 1.15
CA HIS A 360 5.07 -75.07 0.42
C HIS A 360 6.27 -75.97 0.59
N HIS A 361 5.99 -77.22 1.02
CA HIS A 361 7.01 -78.22 1.19
C HIS A 361 6.94 -79.28 0.12
N ARG A 362 8.11 -79.65 -0.38
CA ARG A 362 8.24 -80.72 -1.34
C ARG A 362 8.15 -82.03 -0.59
N PRO A 363 8.10 -83.16 -1.30
CA PRO A 363 7.93 -84.41 -0.64
C PRO A 363 8.98 -84.82 0.39
N ASP A 364 10.18 -84.30 0.28
CA ASP A 364 11.24 -84.66 1.24
C ASP A 364 11.26 -83.63 2.37
N GLY A 365 10.26 -82.77 2.43
CA GLY A 365 10.16 -81.76 3.47
C GLY A 365 10.77 -80.41 3.18
N THR A 366 11.60 -80.30 2.16
CA THR A 366 12.32 -79.02 1.92
C THR A 366 11.41 -78.01 1.29
N ILE A 367 11.78 -76.74 1.47
CA ILE A 367 11.10 -75.64 0.89
C ILE A 367 12.01 -75.07 -0.20
N ALA A 368 11.51 -75.02 -1.43
CA ALA A 368 12.24 -74.41 -2.55
C ALA A 368 12.36 -72.93 -2.33
N HIS A 369 13.57 -72.43 -2.59
CA HIS A 369 13.84 -71.00 -2.47
C HIS A 369 13.11 -70.19 -3.52
N ALA A 370 12.89 -68.93 -3.24
CA ALA A 370 12.27 -67.99 -4.16
C ALA A 370 13.11 -67.81 -5.45
N GLU A 371 12.39 -67.52 -6.54
CA GLU A 371 12.94 -67.25 -7.90
C GLU A 371 12.08 -66.20 -8.61
N ASN A 372 12.71 -65.33 -9.41
CA ASN A 372 12.05 -64.46 -10.45
C ASN A 372 12.88 -64.69 -11.71
N PRO A 373 12.67 -65.83 -12.40
CA PRO A 373 13.71 -66.33 -13.31
C PRO A 373 14.15 -65.31 -14.34
N PRO A 374 15.41 -65.40 -14.80
CA PRO A 374 16.47 -66.34 -14.41
C PRO A 374 17.16 -66.09 -13.02
N LYS A 375 16.72 -65.09 -12.28
CA LYS A 375 17.25 -64.80 -10.94
C LYS A 375 16.83 -65.82 -9.87
N LYS A 376 17.81 -66.23 -9.05
CA LYS A 376 17.58 -67.12 -7.93
C LYS A 376 17.91 -66.48 -6.58
N TYR A 377 17.02 -66.67 -5.61
CA TYR A 377 17.19 -66.16 -4.26
C TYR A 377 17.31 -67.28 -3.26
N GLN A 378 18.46 -67.93 -3.28
CA GLN A 378 18.72 -69.10 -2.45
C GLN A 378 18.63 -68.80 -0.95
N ASP A 379 18.79 -67.53 -0.57
CA ASP A 379 18.70 -67.03 0.82
C ASP A 379 17.28 -66.79 1.30
N ILE A 380 16.30 -66.98 0.43
CA ILE A 380 14.95 -66.59 0.74
C ILE A 380 13.91 -67.70 0.44
N TYR A 381 12.97 -67.90 1.34
CA TYR A 381 11.82 -68.77 1.11
C TYR A 381 10.58 -67.94 0.89
N PRO A 382 9.79 -68.26 -0.16
CA PRO A 382 8.53 -67.54 -0.34
C PRO A 382 7.43 -68.16 0.53
N ILE A 383 6.40 -67.38 0.80
CA ILE A 383 5.24 -67.77 1.59
C ILE A 383 4.18 -68.46 0.71
N ALA A 384 3.59 -69.54 1.22
CA ALA A 384 2.42 -70.21 0.62
C ALA A 384 1.16 -69.74 1.42
N PHE A 385 0.08 -69.45 0.70
CA PHE A 385 -1.03 -68.71 1.22
C PHE A 385 -2.32 -69.51 1.32
N ASP A 386 -2.35 -70.73 0.82
CA ASP A 386 -3.61 -71.50 0.71
C ASP A 386 -3.98 -72.48 1.83
N ALA A 387 -3.06 -72.73 2.76
CA ALA A 387 -3.30 -73.52 3.97
C ALA A 387 -3.84 -72.66 5.12
N ASP A 388 -3.33 -71.45 5.29
CA ASP A 388 -3.77 -70.60 6.42
C ASP A 388 -3.85 -69.12 6.00
N PRO A 389 -4.70 -68.83 5.01
CA PRO A 389 -4.86 -67.45 4.56
C PRO A 389 -5.18 -66.49 5.73
N ASP A 390 -6.07 -66.89 6.61
CA ASP A 390 -6.47 -66.07 7.74
C ASP A 390 -5.33 -65.78 8.70
N GLY A 391 -4.56 -66.80 9.05
CA GLY A 391 -3.37 -66.60 9.91
C GLY A 391 -2.37 -65.63 9.29
N LEU A 392 -2.10 -65.77 8.01
CA LEU A 392 -1.19 -64.87 7.33
C LEU A 392 -1.72 -63.43 7.32
N ALA A 393 -3.01 -63.25 7.05
CA ALA A 393 -3.58 -61.90 7.04
C ALA A 393 -3.50 -61.26 8.43
N THR A 394 -3.84 -62.02 9.45
CA THR A 394 -3.88 -61.51 10.83
C THR A 394 -2.48 -61.08 11.25
N GLU A 395 -1.49 -61.89 10.92
CA GLU A 395 -0.12 -61.61 11.32
C GLU A 395 0.44 -60.47 10.51
N THR A 396 0.06 -60.40 9.22
CA THR A 396 0.56 -59.30 8.39
C THR A 396 0.05 -57.96 8.92
N VAL A 397 -1.22 -57.88 9.26
CA VAL A 397 -1.74 -56.60 9.69
C VAL A 397 -1.20 -56.24 11.07
N ARG A 398 -0.92 -57.23 11.89
CA ARG A 398 -0.31 -57.01 13.21
C ARG A 398 1.07 -56.42 13.10
N ILE A 399 1.85 -56.96 12.19
CA ILE A 399 3.18 -56.44 11.87
C ILE A 399 3.11 -54.98 11.39
N LEU A 400 2.23 -54.72 10.43
CA LEU A 400 2.08 -53.36 9.91
C LEU A 400 1.64 -52.38 11.00
N ARG A 401 0.68 -52.77 11.82
CA ARG A 401 0.24 -51.90 12.91
C ARG A 401 1.35 -51.65 13.95
N HIS A 402 2.27 -52.60 14.13
CA HIS A 402 3.37 -52.41 15.06
C HIS A 402 4.26 -51.29 14.53
N TRP A 403 4.58 -51.33 13.23
CA TRP A 403 5.41 -50.28 12.67
C TRP A 403 4.64 -48.94 12.61
N MET A 404 3.35 -49.03 12.39
CA MET A 404 2.47 -47.85 12.45
C MET A 404 2.51 -47.20 13.81
N ASP A 405 2.51 -48.00 14.89
CA ASP A 405 2.56 -47.47 16.25
C ASP A 405 3.89 -46.79 16.49
N HIS A 406 4.89 -47.13 15.70
CA HIS A 406 6.19 -46.44 15.75
C HIS A 406 6.39 -45.38 14.68
N GLY A 407 5.26 -44.83 14.20
CA GLY A 407 5.29 -43.66 13.30
C GLY A 407 5.57 -43.97 11.85
N VAL A 408 5.50 -45.23 11.46
CA VAL A 408 5.66 -45.54 10.02
C VAL A 408 4.29 -45.55 9.36
N ARG A 409 4.04 -44.63 8.45
CA ARG A 409 2.72 -44.49 7.82
C ARG A 409 2.80 -44.74 6.33
N ILE A 410 3.95 -45.27 5.87
CA ILE A 410 4.17 -45.57 4.47
C ILE A 410 4.93 -46.91 4.37
N PHE A 411 4.45 -47.81 3.53
CA PHE A 411 5.12 -49.10 3.34
C PHE A 411 5.40 -49.32 1.85
N ARG A 412 6.63 -49.65 1.54
CA ARG A 412 7.05 -50.01 0.20
C ARG A 412 7.01 -51.52 0.17
N VAL A 413 6.04 -52.08 -0.52
CA VAL A 413 5.80 -53.52 -0.50
C VAL A 413 6.62 -54.20 -1.55
N ASP A 414 7.49 -55.10 -1.10
CA ASP A 414 8.42 -55.81 -1.99
C ASP A 414 7.72 -56.85 -2.83
N ASN A 415 7.98 -56.83 -4.12
CA ASN A 415 7.43 -57.81 -5.07
C ASN A 415 6.06 -58.34 -4.71
N PRO A 416 5.08 -57.47 -4.60
CA PRO A 416 3.72 -57.94 -4.28
C PRO A 416 3.08 -58.95 -5.25
N HIS A 417 3.47 -58.89 -6.51
CA HIS A 417 2.98 -59.81 -7.54
C HIS A 417 3.35 -61.27 -7.35
N THR A 418 4.18 -61.60 -6.36
CA THR A 418 4.41 -63.04 -6.03
C THR A 418 3.56 -63.51 -4.86
N LYS A 419 2.68 -62.63 -4.36
CA LYS A 419 1.69 -63.01 -3.32
C LYS A 419 0.28 -62.72 -3.89
N PRO A 420 -0.77 -63.40 -3.41
CA PRO A 420 -2.04 -63.26 -4.12
C PRO A 420 -2.62 -61.86 -4.15
N VAL A 421 -3.21 -61.49 -5.28
CA VAL A 421 -3.77 -60.17 -5.41
C VAL A 421 -4.87 -59.91 -4.36
N ALA A 422 -5.75 -60.90 -4.11
CA ALA A 422 -6.83 -60.71 -3.12
C ALA A 422 -6.31 -60.58 -1.70
N PHE A 423 -5.14 -61.14 -1.46
CA PHE A 423 -4.47 -61.00 -0.17
C PHE A 423 -4.11 -59.52 0.07
N TRP A 424 -3.49 -58.86 -0.89
CA TRP A 424 -3.20 -57.43 -0.72
C TRP A 424 -4.52 -56.64 -0.59
N GLU A 425 -5.54 -56.99 -1.37
CA GLU A 425 -6.81 -56.30 -1.30
C GLU A 425 -7.36 -56.34 0.15
N ARG A 426 -7.31 -57.51 0.78
CA ARG A 426 -7.82 -57.67 2.13
C ARG A 426 -6.97 -56.91 3.15
N VAL A 427 -5.65 -57.05 3.05
CA VAL A 427 -4.71 -56.45 4.00
C VAL A 427 -4.77 -54.94 3.91
N ILE A 428 -4.83 -54.39 2.69
CA ILE A 428 -4.89 -52.95 2.51
C ILE A 428 -6.25 -52.41 3.00
N ALA A 429 -7.36 -53.10 2.70
CA ALA A 429 -8.67 -52.64 3.20
C ALA A 429 -8.70 -52.63 4.72
N ASP A 430 -8.03 -53.61 5.33
CA ASP A 430 -8.05 -53.76 6.79
C ASP A 430 -7.22 -52.58 7.40
N ILE A 431 -6.01 -52.32 6.89
CA ILE A 431 -5.20 -51.24 7.45
C ILE A 431 -5.84 -49.86 7.23
N ASN A 432 -6.25 -49.57 6.01
CA ASN A 432 -6.85 -48.29 5.70
C ASN A 432 -8.24 -48.11 6.32
N GLY A 433 -8.88 -49.21 6.70
CA GLY A 433 -10.16 -49.14 7.39
C GLY A 433 -10.01 -48.45 8.74
N THR A 434 -8.89 -48.65 9.41
CA THR A 434 -8.63 -47.94 10.68
C THR A 434 -7.69 -46.74 10.49
N ASP A 435 -6.85 -46.78 9.46
CA ASP A 435 -5.80 -45.81 9.29
C ASP A 435 -5.69 -45.46 7.80
N PRO A 436 -6.67 -44.69 7.29
CA PRO A 436 -6.73 -44.36 5.88
C PRO A 436 -5.59 -43.52 5.39
N ASP A 437 -4.77 -42.97 6.31
CA ASP A 437 -3.58 -42.23 5.89
C ASP A 437 -2.41 -43.11 5.46
N VAL A 438 -2.47 -44.42 5.72
CA VAL A 438 -1.30 -45.27 5.38
C VAL A 438 -1.21 -45.45 3.87
N ILE A 439 -0.02 -45.24 3.32
CA ILE A 439 0.25 -45.36 1.91
C ILE A 439 1.06 -46.63 1.64
N PHE A 440 0.63 -47.39 0.65
CA PHE A 440 1.30 -48.56 0.15
C PHE A 440 1.76 -48.36 -1.27
N LEU A 441 3.06 -48.63 -1.48
CA LEU A 441 3.71 -48.55 -2.76
C LEU A 441 4.03 -49.96 -3.24
N ALA A 442 3.55 -50.31 -4.43
CA ALA A 442 3.75 -51.65 -5.02
C ALA A 442 5.01 -51.67 -5.87
N GLU A 443 6.00 -52.46 -5.43
CA GLU A 443 7.13 -52.66 -6.25
C GLU A 443 6.89 -53.85 -7.16
N ALA A 444 6.00 -53.70 -8.13
CA ALA A 444 5.71 -54.81 -9.04
C ALA A 444 6.17 -54.46 -10.43
N PHE A 445 7.35 -54.96 -10.78
CA PHE A 445 7.89 -54.83 -12.12
C PHE A 445 7.50 -56.13 -12.84
N THR A 446 6.37 -56.12 -13.55
CA THR A 446 5.80 -57.36 -14.11
C THR A 446 4.95 -56.97 -15.29
N ARG A 447 4.03 -57.84 -15.70
CA ARG A 447 3.22 -57.53 -16.85
C ARG A 447 2.14 -56.50 -16.50
N PRO A 448 1.68 -55.74 -17.51
CA PRO A 448 0.68 -54.69 -17.27
C PRO A 448 -0.58 -55.11 -16.50
N ALA A 449 -1.20 -56.24 -16.82
CA ALA A 449 -2.45 -56.59 -16.13
C ALA A 449 -2.29 -56.61 -14.61
N MET A 450 -1.27 -57.30 -14.14
CA MET A 450 -0.97 -57.38 -12.72
C MET A 450 -0.65 -56.01 -12.12
N MET A 451 0.15 -55.22 -12.82
CA MET A 451 0.54 -53.92 -12.31
C MET A 451 -0.72 -53.08 -12.12
N ALA A 452 -1.58 -53.10 -13.11
CA ALA A 452 -2.82 -52.35 -13.06
C ALA A 452 -3.77 -52.84 -11.96
N THR A 453 -3.91 -54.16 -11.81
CA THR A 453 -4.82 -54.77 -10.85
C THR A 453 -4.40 -54.47 -9.41
N LEU A 454 -3.11 -54.49 -9.14
CA LEU A 454 -2.59 -54.13 -7.82
C LEU A 454 -2.94 -52.67 -7.42
N ALA A 455 -2.75 -51.76 -8.33
CA ALA A 455 -3.18 -50.40 -8.12
C ALA A 455 -4.71 -50.37 -7.88
N GLN A 456 -5.44 -51.04 -8.75
CA GLN A 456 -6.88 -51.02 -8.66
C GLN A 456 -7.47 -51.60 -7.37
N ILE A 457 -6.79 -52.56 -6.74
CA ILE A 457 -7.32 -53.18 -5.55
C ILE A 457 -6.85 -52.49 -4.26
N GLY A 458 -6.07 -51.43 -4.39
CA GLY A 458 -5.76 -50.58 -3.23
C GLY A 458 -4.41 -49.94 -3.11
N PHE A 459 -3.41 -50.35 -3.89
CA PHE A 459 -2.10 -49.77 -3.72
C PHE A 459 -2.10 -48.31 -4.13
N GLN A 460 -1.71 -47.46 -3.22
CA GLN A 460 -1.79 -46.01 -3.44
C GLN A 460 -0.85 -45.54 -4.51
N GLN A 461 0.27 -46.25 -4.63
CA GLN A 461 1.35 -45.90 -5.52
C GLN A 461 1.89 -47.18 -6.13
N SER A 462 2.44 -47.04 -7.33
CA SER A 462 3.08 -48.12 -8.05
C SER A 462 4.43 -47.68 -8.61
N TYR A 463 5.40 -48.60 -8.56
CA TYR A 463 6.57 -48.48 -9.40
C TYR A 463 6.13 -48.76 -10.85
N THR A 464 6.93 -48.30 -11.81
CA THR A 464 6.52 -48.18 -13.18
C THR A 464 7.62 -48.69 -14.10
N TYR A 465 7.41 -48.62 -15.41
CA TYR A 465 8.43 -48.94 -16.39
C TYR A 465 9.39 -47.80 -16.71
N PHE A 466 9.35 -46.73 -15.92
CA PHE A 466 10.13 -45.53 -16.23
C PHE A 466 11.59 -45.79 -16.63
N THR A 467 12.33 -46.57 -15.85
CA THR A 467 13.74 -46.77 -16.13
C THR A 467 13.97 -47.37 -17.50
N TRP A 468 12.97 -48.03 -18.10
CA TRP A 468 13.11 -48.62 -19.40
C TRP A 468 12.43 -47.75 -20.46
N ARG A 469 12.25 -46.46 -20.16
CA ARG A 469 11.70 -45.54 -21.13
C ARG A 469 12.66 -44.37 -21.23
N ASN A 470 13.45 -44.40 -22.29
CA ASN A 470 14.58 -43.49 -22.48
C ASN A 470 14.58 -42.67 -23.75
N THR A 471 13.97 -43.15 -24.82
CA THR A 471 13.92 -42.37 -26.06
C THR A 471 12.71 -41.44 -25.96
N LYS A 472 12.61 -40.50 -26.89
CA LYS A 472 11.50 -39.56 -26.96
C LYS A 472 10.13 -40.27 -27.18
N GLN A 473 10.12 -41.20 -28.11
CA GLN A 473 8.94 -41.97 -28.40
C GLN A 473 8.47 -42.78 -27.19
N GLU A 474 9.40 -43.49 -26.53
CA GLU A 474 9.12 -44.21 -25.32
C GLU A 474 8.57 -43.32 -24.18
N LEU A 475 9.25 -42.23 -23.89
CA LEU A 475 8.78 -41.32 -22.84
C LEU A 475 7.41 -40.77 -23.19
N THR A 476 7.21 -40.36 -24.44
CA THR A 476 5.97 -39.75 -24.86
C THR A 476 4.80 -40.73 -24.77
N GLU A 477 4.97 -41.94 -25.30
CA GLU A 477 3.92 -42.99 -25.25
C GLU A 477 3.63 -43.39 -23.83
N TYR A 478 4.65 -43.60 -23.03
CA TYR A 478 4.42 -44.09 -21.66
C TYR A 478 3.78 -43.03 -20.78
N LEU A 479 4.22 -41.77 -20.90
CA LEU A 479 3.63 -40.71 -20.06
C LEU A 479 2.22 -40.32 -20.51
N THR A 480 1.90 -40.54 -21.79
CA THR A 480 0.54 -40.41 -22.25
C THR A 480 -0.32 -41.48 -21.60
N GLU A 481 0.21 -42.68 -21.41
CA GLU A 481 -0.55 -43.71 -20.78
C GLU A 481 -0.77 -43.39 -19.28
N LEU A 482 0.29 -43.02 -18.57
CA LEU A 482 0.20 -42.77 -17.12
C LEU A 482 -0.64 -41.56 -16.76
N SER A 483 -0.65 -40.53 -17.60
CA SER A 483 -1.36 -39.31 -17.31
C SER A 483 -2.79 -39.35 -17.84
N GLY A 484 -3.13 -40.42 -18.57
CA GLY A 484 -4.45 -40.55 -19.15
C GLY A 484 -5.34 -41.37 -18.27
N GLU A 485 -6.00 -42.35 -18.84
CA GLU A 485 -6.95 -43.15 -18.09
C GLU A 485 -6.37 -43.88 -16.87
N ALA A 486 -5.16 -44.37 -16.98
CA ALA A 486 -4.52 -45.03 -15.86
C ALA A 486 -4.47 -44.16 -14.61
N ALA A 487 -4.46 -42.83 -14.77
CA ALA A 487 -4.35 -41.94 -13.59
C ALA A 487 -5.59 -42.02 -12.71
N SER A 488 -6.65 -42.65 -13.16
CA SER A 488 -7.79 -42.84 -12.27
C SER A 488 -7.59 -43.97 -11.27
N TYR A 489 -6.54 -44.78 -11.44
CA TYR A 489 -6.28 -45.84 -10.45
C TYR A 489 -4.84 -46.03 -10.00
N MET A 490 -3.89 -45.38 -10.68
CA MET A 490 -2.50 -45.60 -10.40
C MET A 490 -1.81 -44.27 -10.17
N ARG A 491 -0.95 -44.22 -9.20
CA ARG A 491 -0.11 -43.05 -8.93
C ARG A 491 1.33 -43.50 -9.08
N PRO A 492 2.06 -42.97 -10.06
CA PRO A 492 3.37 -43.48 -10.31
C PRO A 492 4.43 -42.91 -9.42
N ASN A 493 5.39 -43.74 -9.04
CA ASN A 493 6.58 -43.30 -8.34
C ASN A 493 7.81 -43.60 -9.25
N PHE A 494 8.41 -42.55 -9.80
CA PHE A 494 9.48 -42.60 -10.78
C PHE A 494 10.83 -42.60 -10.08
N PHE A 495 11.27 -43.79 -9.68
CA PHE A 495 12.63 -44.00 -9.17
C PHE A 495 13.54 -44.05 -10.38
N ALA A 496 14.50 -43.13 -10.47
CA ALA A 496 15.39 -43.07 -11.64
C ALA A 496 16.36 -44.24 -11.62
N ASN A 497 16.63 -44.73 -10.40
CA ASN A 497 17.39 -45.96 -10.20
C ASN A 497 16.86 -46.69 -8.98
N THR A 498 17.19 -47.97 -8.86
CA THR A 498 16.97 -48.73 -7.62
C THR A 498 18.19 -49.62 -7.41
N PRO A 499 18.29 -50.28 -6.24
CA PRO A 499 19.44 -51.15 -6.06
C PRO A 499 19.53 -52.29 -7.09
N ASP A 500 18.41 -52.58 -7.77
CA ASP A 500 18.32 -53.62 -8.78
C ASP A 500 18.31 -53.10 -10.18
N ILE A 501 18.31 -51.78 -10.36
CA ILE A 501 18.19 -51.24 -11.72
C ILE A 501 19.17 -50.14 -11.93
N LEU A 502 20.28 -50.45 -12.59
CA LEU A 502 21.18 -49.43 -13.15
C LEU A 502 21.06 -49.56 -14.65
N HIS A 503 20.29 -48.70 -15.29
CA HIS A 503 19.99 -48.88 -16.69
C HIS A 503 21.18 -48.59 -17.56
N ALA A 504 21.21 -49.23 -18.72
CA ALA A 504 22.28 -48.99 -19.68
C ALA A 504 22.43 -47.53 -20.06
N TYR A 505 21.34 -46.78 -20.07
CA TYR A 505 21.39 -45.39 -20.42
C TYR A 505 22.34 -44.62 -19.45
N LEU A 506 22.26 -44.93 -18.16
CA LEU A 506 23.14 -44.33 -17.17
C LEU A 506 24.54 -44.90 -17.30
N GLN A 507 24.65 -46.19 -17.57
CA GLN A 507 25.96 -46.84 -17.66
C GLN A 507 26.81 -46.19 -18.77
N HIS A 508 26.16 -45.83 -19.87
CA HIS A 508 26.90 -45.38 -21.06
C HIS A 508 26.97 -43.88 -21.11
N GLY A 509 26.04 -43.20 -20.47
CA GLY A 509 25.94 -41.74 -20.56
C GLY A 509 26.65 -40.95 -19.47
N GLY A 510 27.04 -41.60 -18.38
CA GLY A 510 27.72 -40.91 -17.30
C GLY A 510 26.86 -39.81 -16.70
N ARG A 511 27.52 -38.82 -16.13
CA ARG A 511 26.85 -37.79 -15.35
C ARG A 511 25.78 -37.05 -16.14
N PRO A 512 26.05 -36.68 -17.39
CA PRO A 512 24.99 -36.03 -18.15
C PRO A 512 23.68 -36.89 -18.26
N ALA A 513 23.79 -38.22 -18.27
CA ALA A 513 22.60 -39.11 -18.30
C ALA A 513 21.93 -39.10 -16.93
N PHE A 514 22.68 -39.07 -15.84
CA PHE A 514 22.09 -38.90 -14.49
C PHE A 514 21.31 -37.59 -14.36
N GLU A 515 21.83 -36.53 -14.94
CA GLU A 515 21.21 -35.24 -14.92
C GLU A 515 19.91 -35.24 -15.73
N VAL A 516 19.93 -35.81 -16.94
CA VAL A 516 18.74 -35.92 -17.73
C VAL A 516 17.67 -36.72 -17.02
N ARG A 517 18.02 -37.89 -16.52
CA ARG A 517 17.03 -38.74 -15.92
C ARG A 517 16.46 -38.12 -14.66
N ALA A 518 17.26 -37.35 -13.89
CA ALA A 518 16.71 -36.59 -12.76
C ALA A 518 15.68 -35.57 -13.26
N VAL A 519 16.02 -34.84 -14.33
CA VAL A 519 15.11 -33.79 -14.80
C VAL A 519 13.80 -34.45 -15.18
N LEU A 520 13.90 -35.51 -15.96
CA LEU A 520 12.70 -36.17 -16.48
C LEU A 520 11.86 -36.72 -15.33
N ALA A 521 12.47 -37.46 -14.42
CA ALA A 521 11.70 -38.06 -13.33
C ALA A 521 11.01 -36.99 -12.48
N ALA A 522 11.72 -35.92 -12.20
CA ALA A 522 11.22 -34.94 -11.29
C ALA A 522 10.13 -34.09 -11.89
N THR A 523 10.17 -33.85 -13.20
CA THR A 523 9.19 -32.98 -13.86
C THR A 523 8.01 -33.73 -14.53
N LEU A 524 8.15 -35.04 -14.75
CA LEU A 524 7.08 -35.84 -15.39
C LEU A 524 6.13 -36.52 -14.41
N SER A 525 6.60 -36.83 -13.20
CA SER A 525 5.74 -37.34 -12.18
C SER A 525 5.76 -36.49 -10.95
N PRO A 526 4.61 -36.32 -10.33
CA PRO A 526 4.60 -35.66 -9.03
C PRO A 526 5.24 -36.48 -7.92
N THR A 527 5.47 -37.78 -8.11
CA THR A 527 6.33 -38.53 -7.20
C THR A 527 7.53 -39.11 -7.91
N TRP A 528 8.71 -38.87 -7.34
CA TRP A 528 9.91 -39.44 -7.87
C TRP A 528 10.86 -39.77 -6.78
N GLY A 529 11.90 -40.49 -7.14
CA GLY A 529 12.89 -40.93 -6.19
C GLY A 529 14.24 -41.31 -6.75
N ILE A 530 15.23 -41.35 -5.86
CA ILE A 530 16.53 -41.91 -6.18
C ILE A 530 17.01 -42.84 -5.09
N TYR A 531 17.88 -43.76 -5.49
CA TYR A 531 18.57 -44.61 -4.51
C TYR A 531 19.99 -44.05 -4.32
N SER A 532 20.41 -43.92 -3.07
CA SER A 532 21.69 -43.33 -2.68
C SER A 532 22.86 -43.79 -3.55
N GLY A 533 23.66 -42.82 -3.96
CA GLY A 533 24.75 -43.02 -4.88
C GLY A 533 24.40 -42.59 -6.31
N TYR A 534 23.11 -42.42 -6.61
CA TYR A 534 22.67 -41.80 -7.87
C TYR A 534 23.29 -40.39 -7.98
N GLU A 535 23.37 -39.68 -6.84
CA GLU A 535 23.98 -38.35 -6.77
C GLU A 535 25.42 -38.38 -7.19
N LEU A 536 26.11 -39.47 -6.87
CA LEU A 536 27.53 -39.61 -7.17
C LEU A 536 27.75 -40.18 -8.58
N CYS A 537 26.67 -40.36 -9.32
CA CYS A 537 26.74 -40.90 -10.67
C CYS A 537 27.39 -42.28 -10.71
N GLU A 538 27.14 -43.10 -9.68
CA GLU A 538 27.59 -44.48 -9.65
C GLU A 538 26.93 -45.26 -10.77
N ASN A 539 27.75 -45.84 -11.66
CA ASN A 539 27.24 -46.42 -12.89
C ASN A 539 28.06 -47.54 -13.44
N THR A 540 28.80 -48.25 -12.58
CA THR A 540 29.54 -49.41 -13.01
C THR A 540 28.67 -50.63 -12.79
N PRO A 541 28.29 -51.27 -13.89
CA PRO A 541 27.49 -52.46 -13.75
C PRO A 541 28.29 -53.69 -13.30
N LEU A 542 27.60 -54.72 -12.84
CA LEU A 542 28.21 -56.03 -12.56
C LEU A 542 28.99 -56.61 -13.76
N ARG A 543 28.41 -56.52 -14.95
CA ARG A 543 29.04 -56.97 -16.19
CA ARG A 543 29.05 -56.94 -16.18
C ARG A 543 28.27 -56.30 -17.31
N GLU A 544 28.84 -56.25 -18.50
CA GLU A 544 28.15 -55.69 -19.66
C GLU A 544 26.82 -56.47 -19.85
N GLY A 545 25.73 -55.76 -20.12
CA GLY A 545 24.43 -56.38 -20.33
C GLY A 545 23.66 -56.65 -19.07
N SER A 546 24.17 -56.19 -17.92
CA SER A 546 23.44 -56.39 -16.67
C SER A 546 22.87 -55.05 -16.23
N GLU A 547 21.88 -55.09 -15.35
CA GLU A 547 21.34 -53.92 -14.69
C GLU A 547 21.67 -53.94 -13.18
N GLU A 548 22.48 -54.89 -12.75
CA GLU A 548 22.95 -54.90 -11.40
C GLU A 548 24.15 -53.94 -11.30
N TYR A 549 24.32 -53.32 -10.14
CA TYR A 549 25.56 -52.64 -9.79
C TYR A 549 26.67 -53.60 -9.43
N LEU A 550 27.89 -53.28 -9.83
CA LEU A 550 29.08 -53.98 -9.28
C LEU A 550 29.19 -53.68 -7.79
N ASP A 551 29.57 -54.65 -6.99
CA ASP A 551 29.74 -54.43 -5.55
C ASP A 551 28.44 -53.87 -4.93
N SER A 552 27.34 -54.53 -5.24
CA SER A 552 26.05 -54.00 -4.87
C SER A 552 25.93 -53.87 -3.35
N GLU A 553 25.38 -52.76 -2.92
CA GLU A 553 25.03 -52.51 -1.50
C GLU A 553 24.10 -53.57 -0.89
N LYS A 554 23.36 -54.28 -1.73
CA LYS A 554 22.53 -55.36 -1.28
C LYS A 554 23.32 -56.44 -0.56
N TYR A 555 24.61 -56.58 -0.89
CA TYR A 555 25.44 -57.66 -0.38
C TYR A 555 26.60 -57.18 0.49
N GLN A 556 26.75 -55.89 0.66
CA GLN A 556 27.94 -55.38 1.37
C GLN A 556 27.72 -53.98 1.90
N LEU A 557 28.52 -53.66 2.92
CA LEU A 557 28.50 -52.32 3.42
C LEU A 557 29.10 -51.44 2.34
N LYS A 558 28.49 -50.26 2.14
CA LYS A 558 28.98 -49.37 1.09
C LYS A 558 29.23 -47.93 1.59
N PRO A 559 30.33 -47.70 2.32
CA PRO A 559 30.65 -46.35 2.77
C PRO A 559 30.94 -45.42 1.61
N ARG A 560 30.45 -44.20 1.70
CA ARG A 560 30.68 -43.22 0.63
C ARG A 560 31.26 -41.95 1.21
N ASP A 561 32.19 -41.32 0.50
CA ASP A 561 32.81 -40.10 0.99
C ASP A 561 31.99 -38.90 0.51
N TRP A 562 30.91 -38.66 1.23
CA TRP A 562 29.97 -37.61 0.86
C TRP A 562 30.57 -36.21 0.93
N THR A 563 31.35 -35.98 1.95
CA THR A 563 32.01 -34.70 2.15
C THR A 563 33.00 -34.38 1.00
N ARG A 564 33.81 -35.35 0.59
CA ARG A 564 34.67 -35.20 -0.54
C ARG A 564 33.88 -34.90 -1.81
N ALA A 565 32.81 -35.66 -2.06
CA ALA A 565 32.01 -35.43 -3.27
C ALA A 565 31.47 -33.99 -3.29
N ALA A 566 31.00 -33.50 -2.15
CA ALA A 566 30.49 -32.13 -2.03
C ALA A 566 31.59 -31.11 -2.39
N ARG A 567 32.77 -31.24 -1.80
CA ARG A 567 33.73 -30.21 -2.01
C ARG A 567 34.38 -30.26 -3.42
N GLU A 568 34.43 -31.45 -4.04
CA GLU A 568 35.05 -31.62 -5.36
C GLU A 568 34.03 -31.48 -6.45
N GLY A 569 32.76 -31.30 -6.10
CA GLY A 569 31.72 -30.99 -7.09
C GLY A 569 31.36 -32.19 -7.98
N THR A 570 31.66 -33.41 -7.52
CA THR A 570 31.44 -34.62 -8.32
C THR A 570 30.13 -35.25 -7.88
N THR A 571 29.19 -34.43 -7.39
CA THR A 571 27.86 -34.90 -7.00
C THR A 571 26.84 -34.04 -7.72
N ILE A 572 25.70 -34.61 -8.08
CA ILE A 572 24.63 -33.80 -8.66
C ILE A 572 23.58 -33.44 -7.59
N ALA A 573 23.90 -33.63 -6.31
CA ALA A 573 23.05 -33.12 -5.20
C ALA A 573 22.49 -31.73 -5.46
N PRO A 574 23.32 -30.77 -5.93
CA PRO A 574 22.77 -29.43 -6.20
C PRO A 574 21.63 -29.37 -7.23
N LEU A 575 21.77 -30.08 -8.33
CA LEU A 575 20.66 -30.20 -9.28
C LEU A 575 19.42 -30.88 -8.68
N VAL A 576 19.63 -31.97 -7.93
CA VAL A 576 18.53 -32.64 -7.25
C VAL A 576 17.78 -31.69 -6.31
N THR A 577 18.55 -30.94 -5.52
CA THR A 577 18.00 -29.95 -4.61
C THR A 577 17.18 -28.92 -5.36
N ARG A 578 17.75 -28.36 -6.42
CA ARG A 578 17.03 -27.36 -7.23
C ARG A 578 15.76 -27.98 -7.83
N LEU A 579 15.84 -29.20 -8.33
CA LEU A 579 14.63 -29.84 -8.91
C LEU A 579 13.51 -29.92 -7.89
N ASN A 580 13.84 -30.30 -6.65
CA ASN A 580 12.87 -30.39 -5.60
C ASN A 580 12.32 -29.04 -5.17
N THR A 581 13.15 -28.03 -5.16
CA THR A 581 12.70 -26.68 -4.89
C THR A 581 11.77 -26.18 -5.97
N ILE A 582 12.17 -26.31 -7.22
CA ILE A 582 11.27 -25.98 -8.32
C ILE A 582 9.88 -26.69 -8.15
N ARG A 583 9.89 -27.98 -7.82
CA ARG A 583 8.65 -28.71 -7.58
C ARG A 583 7.87 -28.11 -6.42
N ARG A 584 8.55 -27.69 -5.34
CA ARG A 584 7.86 -27.14 -4.16
C ARG A 584 7.28 -25.76 -4.45
N GLU A 585 7.78 -25.09 -5.48
CA GLU A 585 7.35 -23.73 -5.79
C GLU A 585 6.37 -23.66 -6.93
N ASN A 586 6.15 -24.80 -7.63
CA ASN A 586 5.32 -24.82 -8.84
C ASN A 586 4.27 -25.91 -8.81
N PRO A 587 3.02 -25.55 -8.44
CA PRO A 587 1.94 -26.55 -8.32
C PRO A 587 1.75 -27.43 -9.55
N ALA A 588 2.08 -26.92 -10.74
CA ALA A 588 1.94 -27.71 -11.95
C ALA A 588 2.79 -28.98 -11.86
N LEU A 589 3.89 -28.96 -11.12
CA LEU A 589 4.72 -30.18 -10.94
C LEU A 589 4.27 -31.08 -9.80
N ARG A 590 3.19 -30.73 -9.12
CA ARG A 590 2.67 -31.57 -8.07
C ARG A 590 1.39 -32.30 -8.46
N GLN A 591 1.13 -32.38 -9.75
CA GLN A 591 0.01 -33.15 -10.25
C GLN A 591 0.52 -33.95 -11.45
N LEU A 592 -0.31 -34.86 -11.92
CA LEU A 592 0.05 -35.84 -12.93
C LEU A 592 -0.71 -35.65 -14.23
N ARG A 593 -2.02 -35.41 -14.15
CA ARG A 593 -2.91 -35.51 -15.30
C ARG A 593 -2.75 -34.49 -16.40
N ASP A 594 -2.30 -33.28 -16.04
CA ASP A 594 -2.16 -32.21 -17.04
C ASP A 594 -0.76 -32.19 -17.58
N LEU A 595 -0.61 -32.70 -18.78
CA LEU A 595 0.69 -32.89 -19.38
C LEU A 595 0.50 -32.92 -20.87
N HIS A 596 1.26 -32.09 -21.55
CA HIS A 596 1.16 -32.00 -22.98
C HIS A 596 2.55 -31.97 -23.60
N PHE A 597 2.74 -32.78 -24.62
CA PHE A 597 3.98 -32.86 -25.36
C PHE A 597 3.90 -32.01 -26.59
N HIS A 598 4.88 -31.10 -26.74
CA HIS A 598 5.02 -30.17 -27.87
C HIS A 598 6.05 -30.65 -28.84
N PRO A 599 5.78 -30.52 -30.15
CA PRO A 599 6.75 -31.07 -31.10
C PRO A 599 8.06 -30.28 -31.23
N THR A 600 9.15 -31.04 -31.40
CA THR A 600 10.43 -30.48 -31.80
C THR A 600 10.86 -31.14 -33.10
N ASP A 601 11.88 -30.61 -33.74
CA ASP A 601 12.38 -31.18 -35.03
C ASP A 601 13.66 -32.03 -34.87
N LYS A 602 13.96 -32.49 -33.63
CA LYS A 602 15.05 -33.44 -33.38
C LYS A 602 14.56 -34.58 -32.54
N GLU A 603 14.84 -35.79 -33.00
CA GLU A 603 14.46 -37.01 -32.30
CA GLU A 603 14.37 -36.95 -32.29
C GLU A 603 14.94 -36.94 -30.85
N GLU A 604 16.13 -36.37 -30.64
CA GLU A 604 16.80 -36.42 -29.33
CA GLU A 604 16.78 -36.44 -29.32
C GLU A 604 16.29 -35.34 -28.37
N VAL A 605 15.48 -34.39 -28.86
CA VAL A 605 14.97 -33.31 -28.01
C VAL A 605 13.46 -33.42 -27.80
N ILE A 606 13.08 -33.61 -26.53
CA ILE A 606 11.69 -33.71 -26.08
C ILE A 606 11.27 -32.45 -25.33
N ALA A 607 10.01 -32.08 -25.51
CA ALA A 607 9.47 -30.88 -24.92
C ALA A 607 8.07 -31.18 -24.39
N TYR A 608 7.76 -30.62 -23.23
CA TYR A 608 6.46 -30.79 -22.65
C TYR A 608 6.12 -29.72 -21.65
N SER A 609 4.81 -29.60 -21.40
CA SER A 609 4.27 -28.61 -20.47
C SER A 609 3.24 -29.23 -19.52
N LYS A 610 3.15 -28.65 -18.33
CA LYS A 610 2.21 -29.07 -17.28
C LYS A 610 1.65 -27.80 -16.69
N ARG A 611 0.37 -27.84 -16.30
CA ARG A 611 -0.31 -26.69 -15.74
C ARG A 611 -1.19 -27.02 -14.54
N GLN A 612 -1.24 -26.08 -13.61
CA GLN A 612 -2.18 -26.09 -12.51
C GLN A 612 -2.58 -24.65 -12.15
N GLY A 613 -3.85 -24.32 -12.36
CA GLY A 613 -4.33 -22.95 -12.33
C GLY A 613 -3.45 -22.00 -13.16
N SER A 614 -2.97 -20.93 -12.55
CA SER A 614 -2.16 -19.98 -13.28
C SER A 614 -0.70 -20.40 -13.46
N ASN A 615 -0.32 -21.59 -12.96
CA ASN A 615 1.10 -22.00 -13.01
C ASN A 615 1.34 -22.91 -14.22
N THR A 616 2.28 -22.56 -15.06
CA THR A 616 2.61 -23.34 -16.25
C THR A 616 4.11 -23.56 -16.21
N VAL A 617 4.51 -24.80 -16.32
CA VAL A 617 5.91 -25.15 -16.43
C VAL A 617 6.16 -25.81 -17.77
N LEU A 618 7.20 -25.35 -18.42
CA LEU A 618 7.58 -25.81 -19.74
C LEU A 618 9.01 -26.34 -19.68
N VAL A 619 9.19 -27.59 -20.12
CA VAL A 619 10.45 -28.28 -19.96
C VAL A 619 10.92 -28.76 -21.32
N VAL A 620 12.19 -28.49 -21.66
CA VAL A 620 12.84 -29.04 -22.85
C VAL A 620 14.09 -29.79 -22.44
N VAL A 621 14.19 -31.06 -22.82
CA VAL A 621 15.30 -31.92 -22.42
C VAL A 621 16.02 -32.52 -23.62
N ASN A 622 17.35 -32.49 -23.59
CA ASN A 622 18.15 -33.20 -24.57
C ASN A 622 18.42 -34.61 -24.04
N LEU A 623 17.80 -35.61 -24.66
CA LEU A 623 17.94 -36.97 -24.24
C LEU A 623 19.28 -37.59 -24.61
N ASP A 624 20.06 -36.89 -25.44
CA ASP A 624 21.38 -37.33 -25.85
C ASP A 624 22.40 -36.86 -24.80
N PRO A 625 23.10 -37.79 -24.14
CA PRO A 625 24.04 -37.42 -23.10
C PRO A 625 25.47 -37.26 -23.59
N ARG A 626 25.74 -37.48 -24.88
CA ARG A 626 27.11 -37.35 -25.47
C ARG A 626 27.30 -36.17 -26.45
N HIS A 627 26.22 -35.73 -27.11
CA HIS A 627 26.32 -34.73 -28.19
C HIS A 627 25.35 -33.59 -27.95
N THR A 628 25.85 -32.39 -28.17
CA THR A 628 25.04 -31.18 -28.17
C THR A 628 23.96 -31.30 -29.23
N GLN A 629 22.72 -30.98 -28.88
CA GLN A 629 21.63 -31.01 -29.84
C GLN A 629 21.01 -29.63 -29.96
N GLU A 630 20.76 -29.22 -31.19
CA GLU A 630 19.96 -28.02 -31.46
C GLU A 630 18.61 -28.38 -32.03
N ALA A 631 17.60 -27.64 -31.60
CA ALA A 631 16.27 -27.94 -32.04
C ALA A 631 15.43 -26.70 -32.06
N THR A 632 14.42 -26.73 -32.93
CA THR A 632 13.34 -25.77 -32.91
C THR A 632 12.21 -26.46 -32.18
N VAL A 633 11.83 -25.93 -31.02
CA VAL A 633 10.67 -26.41 -30.28
C VAL A 633 9.47 -25.60 -30.70
N SER A 634 8.47 -26.25 -31.30
CA SER A 634 7.26 -25.57 -31.76
C SER A 634 6.12 -25.74 -30.78
N LEU A 635 5.86 -24.72 -29.97
CA LEU A 635 4.81 -24.81 -28.95
C LEU A 635 3.39 -24.74 -29.53
N ASP A 636 2.59 -25.73 -29.13
CA ASP A 636 1.12 -25.69 -29.18
C ASP A 636 0.56 -24.60 -28.27
N MET A 637 0.42 -23.39 -28.81
CA MET A 637 0.11 -22.25 -27.97
C MET A 637 -1.23 -22.34 -27.26
N PRO A 638 -2.31 -22.77 -27.95
CA PRO A 638 -3.61 -22.85 -27.27
C PRO A 638 -3.62 -23.81 -26.07
N GLN A 639 -2.72 -24.79 -26.11
CA GLN A 639 -2.55 -25.71 -25.01
C GLN A 639 -1.83 -25.05 -23.82
N LEU A 640 -1.15 -23.92 -24.08
CA LEU A 640 -0.58 -23.10 -23.01
C LEU A 640 -1.54 -22.00 -22.58
N GLY A 641 -2.73 -21.95 -23.18
CA GLY A 641 -3.70 -20.89 -22.89
C GLY A 641 -3.45 -19.59 -23.63
N LEU A 642 -2.75 -19.68 -24.75
CA LEU A 642 -2.25 -18.50 -25.46
C LEU A 642 -2.63 -18.56 -26.93
N ASP A 643 -2.59 -17.41 -27.60
CA ASP A 643 -2.77 -17.37 -29.03
C ASP A 643 -1.47 -17.63 -29.77
N TRP A 644 -1.60 -18.02 -31.03
CA TRP A 644 -0.46 -18.42 -31.86
C TRP A 644 0.60 -17.34 -32.04
N HIS A 645 0.15 -16.11 -32.26
CA HIS A 645 1.04 -14.96 -32.48
C HIS A 645 1.73 -14.51 -31.19
N GLU A 646 1.11 -14.81 -30.05
CA GLU A 646 1.60 -14.39 -28.73
C GLU A 646 3.01 -14.90 -28.44
N SER A 647 3.73 -14.13 -27.64
CA SER A 647 5.12 -14.37 -27.35
C SER A 647 5.28 -14.04 -25.89
N VAL A 648 5.64 -15.04 -25.09
CA VAL A 648 5.56 -14.88 -23.65
C VAL A 648 6.86 -15.24 -22.91
N PRO A 649 7.14 -14.52 -21.83
CA PRO A 649 8.43 -14.65 -21.20
C PRO A 649 8.52 -15.88 -20.34
N VAL A 650 9.70 -16.48 -20.28
CA VAL A 650 9.92 -17.61 -19.41
C VAL A 650 11.19 -17.41 -18.62
N ARG A 651 11.29 -18.05 -17.45
CA ARG A 651 12.52 -18.13 -16.69
C ARG A 651 12.93 -19.59 -16.57
N ASP A 652 14.13 -19.90 -17.03
CA ASP A 652 14.74 -21.20 -16.82
C ASP A 652 15.14 -21.29 -15.35
N GLU A 653 14.42 -22.09 -14.57
CA GLU A 653 14.65 -22.18 -13.14
C GLU A 653 15.95 -22.90 -12.77
N LEU A 654 16.57 -23.59 -13.74
CA LEU A 654 17.85 -24.25 -13.53
C LEU A 654 18.99 -23.25 -13.50
N THR A 655 18.82 -22.09 -14.13
CA THR A 655 19.91 -21.09 -14.29
C THR A 655 19.52 -19.66 -13.92
N GLY A 656 18.24 -19.34 -13.79
CA GLY A 656 17.81 -17.96 -13.52
C GLY A 656 17.68 -17.09 -14.77
N GLU A 657 18.11 -17.61 -15.91
CA GLU A 657 18.09 -16.88 -17.19
C GLU A 657 16.66 -16.77 -17.72
N THR A 658 16.37 -15.66 -18.39
CA THR A 658 15.05 -15.30 -18.90
C THR A 658 15.06 -15.28 -20.42
N TYR A 659 14.02 -15.82 -21.04
CA TYR A 659 13.87 -15.85 -22.49
C TYR A 659 12.48 -15.39 -22.88
N HIS A 660 12.32 -15.04 -24.16
CA HIS A 660 10.99 -14.81 -24.70
C HIS A 660 10.63 -15.88 -25.71
N TRP A 661 9.59 -16.64 -25.41
CA TRP A 661 9.21 -17.77 -26.25
C TRP A 661 7.77 -17.71 -26.76
N GLY A 662 7.60 -18.17 -27.99
CA GLY A 662 6.28 -18.31 -28.63
C GLY A 662 6.23 -19.53 -29.53
N ARG A 663 5.45 -19.42 -30.59
CA ARG A 663 5.27 -20.48 -31.57
C ARG A 663 6.50 -21.35 -31.84
N ALA A 664 7.69 -20.76 -31.93
CA ALA A 664 8.85 -21.47 -32.47
C ALA A 664 10.16 -20.98 -31.85
N ASN A 665 10.89 -21.86 -31.17
CA ASN A 665 12.01 -21.44 -30.36
C ASN A 665 13.24 -22.28 -30.56
N TYR A 666 14.35 -21.61 -30.83
CA TYR A 666 15.67 -22.21 -30.95
C TYR A 666 16.19 -22.56 -29.55
N VAL A 667 16.61 -23.82 -29.37
CA VAL A 667 17.30 -24.29 -28.16
C VAL A 667 18.55 -25.05 -28.55
N ARG A 668 19.59 -24.91 -27.74
CA ARG A 668 20.88 -25.54 -28.00
C ARG A 668 21.31 -26.07 -26.66
N LEU A 669 21.32 -27.39 -26.51
CA LEU A 669 21.50 -28.03 -25.22
C LEU A 669 22.77 -28.88 -25.25
N GLU A 670 23.72 -28.52 -24.41
CA GLU A 670 25.07 -29.08 -24.45
C GLU A 670 25.26 -29.99 -23.23
N PRO A 671 25.46 -31.29 -23.45
CA PRO A 671 25.54 -32.19 -22.28
C PRO A 671 26.69 -31.84 -21.35
N GLY A 672 26.43 -31.86 -20.06
CA GLY A 672 27.43 -31.48 -19.04
C GLY A 672 27.17 -30.07 -18.62
N ARG A 673 26.91 -29.19 -19.58
CA ARG A 673 26.64 -27.79 -19.27
C ARG A 673 25.17 -27.67 -18.92
N THR A 674 24.31 -28.26 -19.75
CA THR A 674 22.85 -28.13 -19.60
C THR A 674 22.12 -29.40 -20.01
N PRO A 675 21.53 -30.07 -19.08
CA PRO A 675 20.64 -31.17 -19.47
C PRO A 675 19.33 -30.73 -20.15
N ALA A 676 18.84 -29.56 -19.77
CA ALA A 676 17.49 -29.14 -20.10
C ALA A 676 17.22 -27.71 -19.73
N HIS A 677 16.10 -27.18 -20.22
CA HIS A 677 15.49 -25.98 -19.67
C HIS A 677 14.25 -26.39 -18.91
N VAL A 678 14.10 -25.91 -17.68
CA VAL A 678 12.90 -26.12 -16.87
C VAL A 678 12.34 -24.75 -16.55
N CYS A 679 11.39 -24.32 -17.36
CA CYS A 679 10.97 -22.92 -17.40
C CYS A 679 9.61 -22.75 -16.81
N THR A 680 9.44 -21.66 -16.07
CA THR A 680 8.15 -21.21 -15.62
C THR A 680 7.73 -20.08 -16.53
N VAL A 681 6.46 -20.07 -16.87
CA VAL A 681 5.92 -18.99 -17.71
C VAL A 681 5.62 -17.85 -16.80
N LEU A 682 6.18 -16.68 -17.10
CA LEU A 682 6.11 -15.58 -16.17
C LEU A 682 4.80 -14.85 -16.34
N ARG A 683 4.28 -14.37 -15.21
CA ARG A 683 2.97 -13.70 -15.15
C ARG A 683 3.07 -12.33 -14.44
N PRO B 35 -38.90 25.04 3.18
CA PRO B 35 -37.92 26.13 3.29
C PRO B 35 -36.80 26.01 2.25
N THR B 36 -36.61 27.06 1.45
CA THR B 36 -35.68 27.01 0.32
C THR B 36 -34.29 27.51 0.70
N VAL B 37 -33.27 26.90 0.12
CA VAL B 37 -31.91 27.34 0.41
C VAL B 37 -31.67 28.77 -0.09
N VAL B 38 -32.23 29.12 -1.26
CA VAL B 38 -32.04 30.47 -1.81
C VAL B 38 -33.24 31.35 -1.40
N GLY B 39 -32.93 32.61 -1.04
CA GLY B 39 -33.91 33.53 -0.56
C GLY B 39 -34.58 34.27 -1.71
N ARG B 40 -35.46 35.22 -1.36
CA ARG B 40 -36.23 35.91 -2.38
C ARG B 40 -35.32 36.63 -3.37
N ILE B 41 -34.35 37.36 -2.85
CA ILE B 41 -33.32 38.00 -3.67
C ILE B 41 -32.00 37.24 -3.39
N PRO B 42 -31.53 36.45 -4.34
CA PRO B 42 -30.32 35.66 -4.11
C PRO B 42 -29.13 36.42 -3.57
N VAL B 43 -28.58 35.92 -2.47
CA VAL B 43 -27.31 36.43 -1.95
C VAL B 43 -26.49 35.24 -1.57
N LEU B 44 -25.43 35.01 -2.34
CA LEU B 44 -24.68 33.77 -2.36
C LEU B 44 -23.19 33.99 -2.18
N ASP B 45 -22.51 32.98 -1.64
CA ASP B 45 -21.06 32.91 -1.59
CA ASP B 45 -21.04 32.93 -1.62
C ASP B 45 -20.45 34.15 -0.95
N VAL B 46 -20.93 34.47 0.25
CA VAL B 46 -20.40 35.60 1.01
C VAL B 46 -18.95 35.30 1.40
N ARG B 47 -18.04 36.24 1.14
CA ARG B 47 -16.66 36.09 1.57
C ARG B 47 -16.27 37.32 2.37
N PRO B 48 -15.25 37.19 3.24
CA PRO B 48 -14.45 35.99 3.42
C PRO B 48 -15.18 34.87 4.12
N VAL B 49 -14.68 33.66 3.91
CA VAL B 49 -15.19 32.49 4.58
C VAL B 49 -13.99 31.59 4.86
N VAL B 50 -13.94 30.98 6.02
CA VAL B 50 -12.89 30.06 6.38
C VAL B 50 -13.55 28.75 6.77
N GLN B 51 -13.13 27.68 6.12
CA GLN B 51 -13.62 26.36 6.47
C GLN B 51 -15.15 26.32 6.39
N ARG B 52 -15.72 26.96 5.37
CA ARG B 52 -17.18 26.97 5.10
C ARG B 52 -18.01 27.57 6.23
N GLY B 53 -17.42 28.49 6.97
CA GLY B 53 -18.08 29.10 8.12
C GLY B 53 -17.80 28.42 9.46
N ARG B 54 -17.03 27.35 9.51
CA ARG B 54 -16.81 26.65 10.76
C ARG B 54 -15.72 27.32 11.62
N ARG B 55 -14.99 28.26 11.04
CA ARG B 55 -13.97 29.01 11.76
C ARG B 55 -14.08 30.44 11.31
N PRO B 56 -13.63 31.39 12.15
CA PRO B 56 -13.79 32.77 11.82
C PRO B 56 -12.73 33.30 10.89
N ALA B 57 -13.14 34.25 10.05
CA ALA B 57 -12.22 35.18 9.40
C ALA B 57 -11.62 36.09 10.44
N LYS B 58 -10.45 36.68 10.17
CA LYS B 58 -9.70 37.47 11.16
C LYS B 58 -9.54 38.94 10.78
N ALA B 59 -9.45 39.78 11.80
CA ALA B 59 -9.04 41.15 11.63
C ALA B 59 -8.43 41.62 12.94
N VAL B 60 -7.90 42.84 12.96
CA VAL B 60 -7.52 43.48 14.21
C VAL B 60 -8.21 44.82 14.27
N THR B 61 -8.32 45.36 15.46
CA THR B 61 -8.85 46.71 15.68
C THR B 61 -8.28 47.70 14.67
N GLY B 62 -9.17 48.43 13.99
CA GLY B 62 -8.76 49.47 13.04
C GLY B 62 -8.49 48.98 11.61
N GLU B 63 -8.50 47.68 11.41
CA GLU B 63 -8.19 47.13 10.11
C GLU B 63 -9.43 47.06 9.18
N SER B 64 -9.25 47.47 7.94
CA SER B 64 -10.28 47.35 6.92
C SER B 64 -10.09 46.13 6.07
N PHE B 65 -11.19 45.56 5.62
CA PHE B 65 -11.18 44.54 4.58
C PHE B 65 -12.53 44.53 3.88
N GLU B 66 -12.56 43.79 2.79
CA GLU B 66 -13.70 43.77 1.93
C GLU B 66 -14.61 42.58 2.26
N VAL B 67 -15.91 42.84 2.45
CA VAL B 67 -16.89 41.77 2.47
C VAL B 67 -17.52 41.77 1.08
N SER B 68 -17.63 40.60 0.45
CA SER B 68 -18.24 40.47 -0.86
C SER B 68 -19.27 39.37 -0.94
N ALA B 69 -20.09 39.44 -1.98
CA ALA B 69 -21.13 38.47 -2.20
C ALA B 69 -21.57 38.50 -3.66
N THR B 70 -22.20 37.41 -4.09
CA THR B 70 -22.80 37.34 -5.40
C THR B 70 -24.27 37.64 -5.21
N VAL B 71 -24.74 38.74 -5.78
CA VAL B 71 -26.10 39.21 -5.60
C VAL B 71 -26.75 39.58 -6.95
N PHE B 72 -28.00 39.15 -7.16
CA PHE B 72 -28.74 39.40 -8.40
C PHE B 72 -30.21 39.06 -8.14
N ARG B 73 -31.07 39.30 -9.13
CA ARG B 73 -32.46 38.89 -9.02
C ARG B 73 -33.00 38.41 -10.35
N GLU B 74 -34.27 38.01 -10.36
CA GLU B 74 -34.91 37.57 -11.57
C GLU B 74 -35.39 38.81 -12.26
N GLY B 75 -35.53 38.75 -13.58
CA GLY B 75 -35.98 39.92 -14.33
C GLY B 75 -34.84 40.89 -14.55
N HIS B 76 -35.17 42.08 -14.99
CA HIS B 76 -34.16 43.03 -15.42
C HIS B 76 -34.03 44.22 -14.51
N ASP B 77 -34.76 44.26 -13.39
CA ASP B 77 -34.71 45.40 -12.49
C ASP B 77 -33.47 45.34 -11.58
N ALA B 78 -33.10 46.49 -11.00
CA ALA B 78 -31.85 46.65 -10.25
C ALA B 78 -31.92 46.00 -8.86
N VAL B 79 -30.78 45.57 -8.35
CA VAL B 79 -30.67 45.12 -6.98
C VAL B 79 -29.73 46.06 -6.26
N GLY B 80 -29.80 46.02 -4.94
CA GLY B 80 -28.86 46.70 -4.05
C GLY B 80 -28.44 45.71 -2.97
N ALA B 81 -27.40 46.06 -2.23
CA ALA B 81 -26.96 45.20 -1.17
C ALA B 81 -26.21 46.02 -0.12
N ASN B 82 -26.14 45.50 1.12
CA ASN B 82 -25.42 46.17 2.19
C ASN B 82 -24.89 45.16 3.19
N VAL B 83 -23.84 45.53 3.94
CA VAL B 83 -23.19 44.64 4.91
C VAL B 83 -23.55 45.06 6.30
N VAL B 84 -24.06 44.15 7.09
CA VAL B 84 -24.43 44.44 8.47
C VAL B 84 -23.45 43.67 9.34
N LEU B 85 -22.59 44.44 9.97
CA LEU B 85 -21.54 43.96 10.83
C LEU B 85 -22.09 44.07 12.24
N ARG B 86 -22.12 42.97 12.98
CA ARG B 86 -22.63 43.02 14.35
C ARG B 86 -21.51 42.79 15.33
N ASP B 87 -21.52 43.55 16.42
CA ASP B 87 -20.43 43.54 17.38
C ASP B 87 -20.67 42.47 18.42
N PRO B 88 -19.76 42.34 19.39
CA PRO B 88 -19.92 41.19 20.27
C PRO B 88 -21.24 41.15 21.05
N ARG B 89 -21.88 42.29 21.28
CA ARG B 89 -23.21 42.29 21.92
C ARG B 89 -24.35 42.28 20.89
N GLY B 90 -24.06 41.95 19.64
CA GLY B 90 -25.11 41.86 18.62
C GLY B 90 -25.59 43.19 18.07
N ARG B 91 -24.91 44.27 18.43
CA ARG B 91 -25.26 45.60 17.96
C ARG B 91 -24.79 45.85 16.52
N PRO B 92 -25.72 46.28 15.66
CA PRO B 92 -25.35 46.49 14.26
C PRO B 92 -24.43 47.69 14.03
N GLY B 93 -23.59 47.58 13.00
CA GLY B 93 -22.68 48.64 12.67
C GLY B 93 -23.39 49.68 11.84
N PRO B 94 -22.62 50.55 11.20
CA PRO B 94 -23.22 51.59 10.37
C PRO B 94 -23.78 51.05 9.04
N TRP B 95 -24.66 51.84 8.43
CA TRP B 95 -25.12 51.60 7.08
C TRP B 95 -23.92 51.43 6.13
N THR B 96 -23.81 50.26 5.49
CA THR B 96 -22.63 49.94 4.66
C THR B 96 -23.06 49.37 3.31
N PRO B 97 -23.48 50.26 2.38
CA PRO B 97 -23.98 49.80 1.10
C PRO B 97 -22.85 49.24 0.26
N MET B 98 -23.14 48.18 -0.48
CA MET B 98 -22.16 47.54 -1.34
C MET B 98 -22.36 48.07 -2.73
N ARG B 99 -21.40 47.76 -3.61
CA ARG B 99 -21.50 48.11 -5.03
C ARG B 99 -21.01 46.92 -5.86
N GLU B 100 -21.45 46.86 -7.11
CA GLU B 100 -20.91 45.87 -8.05
C GLU B 100 -19.43 46.15 -8.39
N LEU B 101 -18.57 45.16 -8.19
CA LEU B 101 -17.12 45.31 -8.34
C LEU B 101 -16.62 45.45 -9.78
N ALA B 102 -17.35 44.87 -10.72
CA ALA B 102 -17.03 44.98 -12.15
C ALA B 102 -18.35 44.71 -12.89
N PRO B 103 -18.63 45.46 -13.96
CA PRO B 103 -19.97 45.31 -14.55
C PRO B 103 -20.29 43.88 -15.07
N GLY B 104 -21.55 43.46 -14.95
CA GLY B 104 -21.99 42.13 -15.41
C GLY B 104 -21.49 40.90 -14.67
N THR B 105 -20.82 41.08 -13.52
CA THR B 105 -20.32 39.93 -12.80
C THR B 105 -21.25 39.51 -11.66
N ASP B 106 -22.14 40.39 -11.24
CA ASP B 106 -23.01 40.19 -10.10
C ASP B 106 -22.26 39.93 -8.81
N ARG B 107 -21.02 40.39 -8.75
CA ARG B 107 -20.20 40.28 -7.54
C ARG B 107 -20.14 41.67 -6.91
N TRP B 108 -20.62 41.74 -5.66
CA TRP B 108 -20.78 42.99 -4.96
C TRP B 108 -19.82 43.01 -3.78
N GLY B 109 -19.37 44.20 -3.41
CA GLY B 109 -18.52 44.37 -2.23
C GLY B 109 -18.66 45.70 -1.49
N ALA B 110 -18.23 45.70 -0.23
CA ALA B 110 -17.99 46.92 0.53
C ALA B 110 -16.87 46.69 1.52
N THR B 111 -16.22 47.80 1.87
CA THR B 111 -15.20 47.83 2.90
C THR B 111 -15.81 47.98 4.30
N VAL B 112 -15.40 47.11 5.22
CA VAL B 112 -15.83 47.21 6.60
C VAL B 112 -14.58 47.42 7.44
N THR B 113 -14.77 47.99 8.63
CA THR B 113 -13.66 48.28 9.54
C THR B 113 -13.98 47.72 10.92
N ALA B 114 -13.04 46.93 11.43
CA ALA B 114 -13.17 46.26 12.71
C ALA B 114 -12.95 47.29 13.82
N GLY B 115 -13.75 47.22 14.88
CA GLY B 115 -13.56 48.06 16.07
C GLY B 115 -12.97 47.28 17.24
N GLU B 116 -13.70 47.26 18.34
CA GLU B 116 -13.43 46.51 19.58
C GLU B 116 -13.06 45.06 19.34
N THR B 117 -12.17 44.51 20.15
CA THR B 117 -11.84 43.08 20.07
C THR B 117 -13.01 42.20 20.53
N GLY B 118 -13.07 40.99 19.97
CA GLY B 118 -14.10 40.01 20.32
C GLY B 118 -14.62 39.30 19.06
N THR B 119 -15.67 38.50 19.23
CA THR B 119 -16.27 37.75 18.15
C THR B 119 -17.47 38.51 17.58
N TRP B 120 -17.32 38.91 16.33
CA TRP B 120 -18.34 39.64 15.64
C TRP B 120 -19.03 38.68 14.68
N SER B 121 -19.99 39.19 13.94
CA SER B 121 -20.56 38.47 12.79
C SER B 121 -20.86 39.48 11.69
N TYR B 122 -20.94 38.98 10.47
CA TYR B 122 -21.37 39.79 9.36
C TYR B 122 -22.39 39.05 8.50
N THR B 123 -23.31 39.85 7.99
CA THR B 123 -24.43 39.40 7.14
C THR B 123 -24.42 40.32 5.92
N VAL B 124 -24.72 39.78 4.74
CA VAL B 124 -25.05 40.61 3.56
C VAL B 124 -26.56 40.61 3.36
N GLU B 125 -27.11 41.81 3.20
CA GLU B 125 -28.54 41.97 2.93
C GLU B 125 -28.67 42.37 1.46
N ALA B 126 -29.49 41.63 0.72
CA ALA B 126 -29.75 41.93 -0.69
C ALA B 126 -31.22 42.32 -0.83
N TRP B 127 -31.48 43.17 -1.81
CA TRP B 127 -32.81 43.72 -1.97
C TRP B 127 -33.03 44.23 -3.36
N GLY B 128 -34.28 44.23 -3.78
CA GLY B 128 -34.67 44.91 -5.01
C GLY B 128 -34.52 46.38 -4.76
N ASP B 129 -34.09 47.11 -5.78
CA ASP B 129 -33.91 48.56 -5.71
C ASP B 129 -34.85 49.27 -6.71
N PRO B 130 -36.14 49.33 -6.38
CA PRO B 130 -37.15 49.83 -7.32
C PRO B 130 -36.96 51.29 -7.72
N VAL B 131 -36.38 52.10 -6.84
CA VAL B 131 -36.10 53.47 -7.19
C VAL B 131 -35.07 53.59 -8.28
N THR B 132 -33.98 52.82 -8.23
CA THR B 132 -32.96 52.91 -9.29
C THR B 132 -33.55 52.52 -10.63
N THR B 133 -34.37 51.49 -10.60
CA THR B 133 -35.06 51.00 -11.78
C THR B 133 -35.99 52.04 -12.35
N TRP B 134 -36.85 52.61 -11.50
CA TRP B 134 -37.81 53.60 -11.94
C TRP B 134 -37.08 54.82 -12.54
N ARG B 135 -36.03 55.28 -11.89
CA ARG B 135 -35.30 56.43 -12.40
C ARG B 135 -34.78 56.23 -13.80
N HIS B 136 -34.22 55.05 -14.04
CA HIS B 136 -33.63 54.74 -15.33
C HIS B 136 -34.70 54.81 -16.42
N HIS B 137 -35.84 54.18 -16.17
CA HIS B 137 -36.95 54.18 -17.15
C HIS B 137 -37.56 55.56 -17.34
N ALA B 138 -37.73 56.28 -16.24
CA ALA B 138 -38.31 57.61 -16.25
C ALA B 138 -37.45 58.61 -17.05
N ARG B 139 -36.11 58.51 -16.92
CA ARG B 139 -35.22 59.40 -17.68
C ARG B 139 -35.35 59.24 -19.19
N ILE B 140 -35.69 58.04 -19.66
CA ILE B 140 -35.89 57.79 -21.10
C ILE B 140 -37.31 58.20 -21.51
N LYS B 141 -38.31 57.69 -20.79
CA LYS B 141 -39.72 57.81 -21.20
C LYS B 141 -40.31 59.24 -21.11
N ILE B 142 -39.87 60.03 -20.13
CA ILE B 142 -40.36 61.39 -19.97
C ILE B 142 -39.96 62.37 -21.12
N PRO B 143 -38.66 62.46 -21.47
CA PRO B 143 -38.34 63.22 -22.70
C PRO B 143 -38.98 62.65 -23.97
N ALA B 144 -39.35 61.37 -23.96
CA ALA B 144 -39.98 60.74 -25.15
C ALA B 144 -41.52 60.90 -25.19
N GLY B 145 -42.12 61.43 -24.12
CA GLY B 145 -43.56 61.63 -24.05
C GLY B 145 -44.38 60.36 -23.87
N LEU B 146 -43.77 59.30 -23.35
CA LEU B 146 -44.45 58.00 -23.30
C LEU B 146 -45.08 57.70 -21.92
N ASP B 147 -46.42 57.70 -21.86
CA ASP B 147 -47.15 57.38 -20.62
C ASP B 147 -46.65 58.24 -19.46
N THR B 148 -46.44 59.54 -19.67
CA THR B 148 -45.72 60.33 -18.69
C THR B 148 -46.48 60.43 -17.35
N ASP B 149 -47.77 60.70 -17.38
CA ASP B 149 -48.55 60.80 -16.12
C ASP B 149 -48.47 59.47 -15.35
N LEU B 150 -48.62 58.35 -16.04
CA LEU B 150 -48.54 57.04 -15.42
C LEU B 150 -47.15 56.83 -14.77
N VAL B 151 -46.08 57.17 -15.50
CA VAL B 151 -44.71 56.99 -15.00
C VAL B 151 -44.47 57.83 -13.75
N LEU B 152 -44.90 59.10 -13.79
CA LEU B 152 -44.62 60.01 -12.68
C LEU B 152 -45.42 59.58 -11.45
N GLU B 153 -46.65 59.12 -11.67
CA GLU B 153 -47.47 58.64 -10.56
C GLU B 153 -46.80 57.39 -9.91
N GLU B 154 -46.26 56.50 -10.72
CA GLU B 154 -45.49 55.36 -10.22
C GLU B 154 -44.30 55.78 -9.33
N GLY B 155 -43.58 56.81 -9.76
CA GLY B 155 -42.50 57.36 -8.97
C GLY B 155 -42.99 57.95 -7.65
N ALA B 156 -44.12 58.67 -7.71
CA ALA B 156 -44.70 59.23 -6.52
C ALA B 156 -44.98 58.12 -5.53
N ARG B 157 -45.56 57.00 -6.01
CA ARG B 157 -45.89 55.88 -5.12
C ARG B 157 -44.63 55.24 -4.49
N LEU B 158 -43.53 55.08 -5.23
CA LEU B 158 -42.24 54.59 -4.66
C LEU B 158 -41.77 55.55 -3.57
N TYR B 159 -41.81 56.86 -3.84
CA TYR B 159 -41.27 57.85 -2.88
C TYR B 159 -42.11 57.94 -1.60
N GLU B 160 -43.41 57.72 -1.75
CA GLU B 160 -44.32 57.63 -0.60
C GLU B 160 -43.94 56.42 0.26
N ARG B 161 -43.70 55.29 -0.41
CA ARG B 161 -43.23 54.11 0.29
C ARG B 161 -41.85 54.34 0.92
N ALA B 162 -40.98 55.03 0.20
CA ALA B 162 -39.65 55.37 0.74
C ALA B 162 -39.85 56.08 2.05
N ALA B 163 -40.67 57.12 2.03
CA ALA B 163 -40.92 57.99 3.20
C ALA B 163 -41.38 57.23 4.44
N ALA B 164 -42.18 56.18 4.23
CA ALA B 164 -42.75 55.35 5.32
C ALA B 164 -41.69 54.71 6.24
N ASP B 165 -40.57 54.30 5.66
CA ASP B 165 -39.48 53.65 6.38
C ASP B 165 -38.38 54.64 6.83
N VAL B 166 -38.55 55.95 6.58
CA VAL B 166 -37.60 56.99 7.02
C VAL B 166 -37.96 57.51 8.45
N PRO B 167 -37.05 57.30 9.44
CA PRO B 167 -37.33 57.64 10.86
C PRO B 167 -37.28 59.14 11.24
N GLY B 168 -36.54 59.93 10.48
CA GLY B 168 -36.42 61.39 10.73
C GLY B 168 -37.51 62.21 10.06
N ARG B 169 -38.05 63.18 10.78
CA ARG B 169 -39.17 64.00 10.29
C ARG B 169 -38.75 64.89 9.12
N GLU B 170 -37.58 65.51 9.21
CA GLU B 170 -37.12 66.42 8.18
C GLU B 170 -36.87 65.69 6.83
N ASP B 171 -36.25 64.52 6.89
CA ASP B 171 -35.97 63.74 5.70
C ASP B 171 -37.27 63.21 5.05
N ARG B 172 -38.23 62.85 5.90
CA ARG B 172 -39.56 62.40 5.47
C ARG B 172 -40.29 63.54 4.73
N ARG B 173 -40.14 64.77 5.21
CA ARG B 173 -40.71 65.94 4.52
C ARG B 173 -40.08 66.16 3.13
N GLU B 174 -38.76 66.01 3.04
CA GLU B 174 -38.05 66.16 1.78
C GLU B 174 -38.60 65.18 0.72
N LEU B 175 -38.74 63.91 1.07
CA LEU B 175 -39.35 62.90 0.17
C LEU B 175 -40.84 63.21 -0.13
N LEU B 176 -41.61 63.66 0.86
CA LEU B 176 -43.03 63.96 0.61
C LEU B 176 -43.22 65.21 -0.29
N ALA B 177 -42.26 66.16 -0.25
CA ALA B 177 -42.28 67.33 -1.15
C ALA B 177 -41.97 66.86 -2.57
N ALA B 178 -41.10 65.86 -2.67
CA ALA B 178 -40.84 65.22 -3.95
C ALA B 178 -42.09 64.47 -4.47
N VAL B 179 -42.79 63.75 -3.58
CA VAL B 179 -44.08 63.09 -3.95
C VAL B 179 -45.06 64.14 -4.53
N ASP B 180 -45.23 65.25 -3.81
CA ASP B 180 -46.15 66.31 -4.25
C ASP B 180 -45.74 66.93 -5.61
N ALA B 181 -44.44 67.17 -5.81
CA ALA B 181 -43.94 67.74 -7.05
C ALA B 181 -44.26 66.77 -8.20
N LEU B 182 -43.96 65.51 -7.98
CA LEU B 182 -44.20 64.46 -8.99
C LEU B 182 -45.66 64.42 -9.41
N ARG B 183 -46.56 64.74 -8.49
CA ARG B 183 -47.97 64.64 -8.72
C ARG B 183 -48.64 65.93 -9.26
N ASP B 184 -47.87 67.01 -9.39
CA ASP B 184 -48.38 68.30 -9.81
C ASP B 184 -48.55 68.38 -11.31
N GLU B 185 -49.73 67.97 -11.76
CA GLU B 185 -50.04 67.92 -13.18
C GLU B 185 -50.04 69.29 -13.85
N SER B 186 -49.95 70.37 -13.08
CA SER B 186 -49.89 71.71 -13.67
C SER B 186 -48.48 72.08 -14.15
N ARG B 187 -47.49 71.23 -13.84
CA ARG B 187 -46.11 71.51 -14.22
C ARG B 187 -45.63 70.62 -15.38
N PRO B 188 -44.71 71.13 -16.22
CA PRO B 188 -44.23 70.28 -17.29
C PRO B 188 -43.70 68.94 -16.73
N ALA B 189 -43.82 67.87 -17.52
CA ALA B 189 -43.35 66.53 -17.14
C ALA B 189 -41.87 66.50 -16.73
N ALA B 190 -41.00 67.20 -17.48
CA ALA B 190 -39.57 67.30 -17.17
C ALA B 190 -39.33 67.93 -15.78
N SER B 191 -40.15 68.93 -15.42
CA SER B 191 -39.99 69.64 -14.14
C SER B 191 -40.47 68.73 -12.99
N ARG B 192 -41.58 68.05 -13.17
CA ARG B 192 -42.05 67.10 -12.17
C ARG B 192 -41.02 66.00 -11.89
N LEU B 193 -40.39 65.47 -12.94
CA LEU B 193 -39.34 64.46 -12.75
C LEU B 193 -38.09 65.00 -12.03
N ALA B 194 -37.64 66.21 -12.43
CA ALA B 194 -36.40 66.83 -11.89
C ALA B 194 -36.52 67.01 -10.36
N ALA B 195 -37.74 67.25 -9.88
CA ALA B 195 -38.01 67.38 -8.41
C ALA B 195 -37.73 66.08 -7.61
N ALA B 196 -37.73 64.93 -8.30
CA ALA B 196 -37.38 63.64 -7.66
C ALA B 196 -35.92 63.25 -7.81
N LEU B 197 -35.14 64.06 -8.54
CA LEU B 197 -33.73 63.80 -8.79
C LEU B 197 -32.78 64.86 -8.19
N THR B 198 -33.28 65.68 -7.25
CA THR B 198 -32.45 66.72 -6.61
C THR B 198 -31.41 66.06 -5.69
N PRO B 199 -30.23 66.70 -5.53
CA PRO B 199 -29.25 66.07 -4.64
C PRO B 199 -29.74 65.84 -3.20
N GLN B 200 -30.62 66.70 -2.69
CA GLN B 200 -31.10 66.50 -1.30
C GLN B 200 -32.01 65.27 -1.16
N VAL B 201 -32.86 65.03 -2.18
CA VAL B 201 -33.59 63.76 -2.30
C VAL B 201 -32.61 62.59 -2.48
N ASP B 202 -31.55 62.74 -3.29
CA ASP B 202 -30.54 61.68 -3.42
C ASP B 202 -29.97 61.31 -2.06
N ALA B 203 -29.56 62.34 -1.31
CA ALA B 203 -28.92 62.14 -0.05
C ALA B 203 -29.82 61.31 0.86
N VAL B 204 -31.09 61.69 1.00
CA VAL B 204 -32.02 60.93 1.86
C VAL B 204 -32.11 59.45 1.44
N LEU B 205 -32.25 59.22 0.13
CA LEU B 205 -32.39 57.85 -0.39
C LEU B 205 -31.08 57.05 -0.34
N ALA B 206 -29.93 57.73 -0.35
CA ALA B 206 -28.64 57.05 -0.19
C ALA B 206 -28.54 56.44 1.22
N ARG B 207 -29.04 57.14 2.25
CA ARG B 207 -28.97 56.67 3.63
CA ARG B 207 -28.95 56.64 3.63
C ARG B 207 -30.16 55.78 4.02
N HIS B 208 -31.31 56.01 3.35
CA HIS B 208 -32.55 55.24 3.62
C HIS B 208 -33.26 54.87 2.33
N PRO B 209 -32.61 53.98 1.55
CA PRO B 209 -33.18 53.54 0.29
C PRO B 209 -34.42 52.71 0.50
N LEU B 210 -35.24 52.62 -0.53
CA LEU B 210 -36.41 51.74 -0.47
C LEU B 210 -35.95 50.36 -0.91
N ARG B 211 -36.10 49.39 -0.02
CA ARG B 211 -35.53 48.10 -0.22
C ARG B 211 -36.65 47.11 -0.32
N ASP B 212 -36.83 46.50 -1.49
CA ASP B 212 -37.83 45.48 -1.66
C ASP B 212 -37.24 44.13 -1.34
N LEU B 213 -38.01 43.32 -0.64
CA LEU B 213 -37.78 41.89 -0.55
C LEU B 213 -36.43 41.56 0.09
N VAL B 214 -36.07 42.32 1.14
CA VAL B 214 -34.79 42.17 1.77
C VAL B 214 -34.60 40.72 2.13
N THR B 215 -33.41 40.22 1.80
CA THR B 215 -33.04 38.82 1.96
C THR B 215 -31.64 38.86 2.51
N SER B 216 -31.39 38.14 3.60
CA SER B 216 -30.04 38.10 4.12
C SER B 216 -29.43 36.72 4.07
N SER B 217 -28.11 36.74 4.03
CA SER B 217 -27.30 35.55 4.15
C SER B 217 -27.31 35.08 5.58
N ASP B 218 -26.96 33.84 5.80
CA ASP B 218 -26.70 33.41 7.15
C ASP B 218 -25.42 34.11 7.62
N PRO B 219 -25.36 34.45 8.91
CA PRO B 219 -24.19 35.10 9.48
C PRO B 219 -22.89 34.30 9.43
N LEU B 220 -21.78 35.01 9.22
CA LEU B 220 -20.46 34.45 9.21
C LEU B 220 -19.66 35.12 10.34
N PRO B 221 -18.79 34.35 11.01
CA PRO B 221 -18.07 34.81 12.18
C PRO B 221 -16.77 35.54 11.87
N LEU B 222 -16.45 36.55 12.69
CA LEU B 222 -15.25 37.39 12.53
C LEU B 222 -14.61 37.54 13.90
N LEU B 223 -13.34 37.18 14.02
CA LEU B 223 -12.63 37.31 15.27
C LEU B 223 -11.76 38.55 15.12
N VAL B 224 -11.98 39.56 15.96
CA VAL B 224 -11.19 40.79 15.95
C VAL B 224 -10.25 40.79 17.12
N GLU B 225 -8.95 40.94 16.84
CA GLU B 225 -7.89 40.86 17.85
C GLU B 225 -7.08 42.17 17.94
N ARG B 226 -6.19 42.24 18.93
CA ARG B 226 -5.46 43.48 19.18
C ARG B 226 -4.40 43.77 18.14
N GLU B 227 -4.03 45.04 18.04
CA GLU B 227 -3.20 45.54 16.96
C GLU B 227 -1.92 44.70 16.76
N ARG B 228 -1.29 44.32 17.87
CA ARG B 228 -0.01 43.60 17.86
C ARG B 228 -0.13 42.24 17.17
N ALA B 229 -1.34 41.68 17.07
CA ALA B 229 -1.51 40.42 16.31
C ALA B 229 -1.10 40.58 14.84
N LEU B 230 -1.33 41.77 14.28
CA LEU B 230 -1.01 42.08 12.87
C LEU B 230 0.29 42.89 12.75
N TYR B 231 0.51 43.83 13.67
CA TYR B 231 1.54 44.85 13.50
C TYR B 231 2.51 44.84 14.65
N GLY B 232 3.81 44.79 14.37
CA GLY B 232 4.83 44.77 15.43
C GLY B 232 6.20 44.45 14.86
N ALA B 233 7.26 45.03 15.44
CA ALA B 233 8.63 44.70 15.04
C ALA B 233 9.25 43.82 16.15
N TRP B 234 9.76 42.64 15.79
CA TRP B 234 10.29 41.63 16.76
C TRP B 234 11.81 41.47 16.70
N TYR B 235 12.42 41.25 17.85
CA TYR B 235 13.84 40.97 17.98
C TYR B 235 14.05 39.75 18.85
N GLU B 236 14.77 38.77 18.30
CA GLU B 236 15.10 37.57 19.05
C GLU B 236 16.52 37.63 19.54
N PHE B 237 16.74 37.34 20.82
CA PHE B 237 18.10 37.16 21.33
C PHE B 237 18.13 36.20 22.53
N PHE B 238 19.34 35.70 22.84
CA PHE B 238 19.53 34.71 23.88
C PHE B 238 20.08 35.42 25.11
N PRO B 239 19.32 35.46 26.22
CA PRO B 239 19.82 36.18 27.37
C PRO B 239 21.18 35.71 27.87
N ARG B 240 21.41 34.41 27.82
CA ARG B 240 22.64 33.85 28.30
C ARG B 240 23.86 34.42 27.55
N SER B 241 23.71 34.87 26.32
CA SER B 241 24.88 35.41 25.60
C SER B 241 25.29 36.82 26.07
N GLU B 242 24.39 37.54 26.71
CA GLU B 242 24.69 38.93 27.12
C GLU B 242 25.23 38.93 28.56
N GLY B 243 26.42 38.36 28.76
CA GLY B 243 27.01 38.22 30.09
C GLY B 243 28.06 39.29 30.34
N THR B 244 28.92 39.03 31.30
CA THR B 244 29.95 39.96 31.71
C THR B 244 31.31 39.22 31.69
N PRO B 245 32.42 39.97 31.91
CA PRO B 245 33.71 39.28 32.00
C PRO B 245 33.80 38.31 33.16
N HIS B 246 33.32 38.71 34.33
CA HIS B 246 33.34 37.85 35.53
C HIS B 246 32.40 36.66 35.36
N THR B 247 31.23 36.91 34.77
CA THR B 247 30.19 35.89 34.59
C THR B 247 29.74 35.89 33.12
N PRO B 248 30.41 35.09 32.28
CA PRO B 248 30.08 35.01 30.85
C PRO B 248 28.63 34.58 30.52
N HIS B 249 28.08 33.69 31.33
CA HIS B 249 26.67 33.25 31.13
C HIS B 249 25.81 34.37 31.66
N GLY B 250 25.13 35.09 30.77
CA GLY B 250 24.21 36.14 31.15
C GLY B 250 23.09 35.66 32.08
N THR B 251 22.58 36.63 32.83
CA THR B 251 21.42 36.46 33.67
C THR B 251 20.33 37.35 33.13
N PHE B 252 19.11 37.19 33.65
CA PHE B 252 18.08 38.15 33.36
C PHE B 252 18.49 39.59 33.70
N ARG B 253 19.26 39.75 34.77
CA ARG B 253 19.70 41.08 35.16
C ARG B 253 20.72 41.69 34.20
N THR B 254 21.66 40.89 33.68
CA THR B 254 22.62 41.43 32.72
C THR B 254 21.92 41.65 31.38
N ALA B 255 21.02 40.72 31.03
CA ALA B 255 20.29 40.74 29.77
C ALA B 255 19.37 41.94 29.63
N ALA B 256 18.83 42.40 30.77
CA ALA B 256 17.99 43.59 30.79
C ALA B 256 18.73 44.82 30.28
N ARG B 257 20.05 44.86 30.44
CA ARG B 257 20.84 45.99 29.95
C ARG B 257 20.93 46.07 28.45
N ARG B 258 20.53 45.02 27.76
CA ARG B 258 20.46 45.01 26.31
C ARG B 258 19.13 45.60 25.80
N LEU B 259 18.12 45.66 26.66
CA LEU B 259 16.81 46.12 26.22
C LEU B 259 16.80 47.55 25.65
N PRO B 260 17.48 48.49 26.29
CA PRO B 260 17.49 49.84 25.73
C PRO B 260 18.02 49.93 24.27
N ALA B 261 19.07 49.17 23.93
CA ALA B 261 19.60 49.16 22.56
C ALA B 261 18.53 48.59 21.61
N ILE B 262 17.78 47.60 22.10
CA ILE B 262 16.69 47.04 21.31
C ILE B 262 15.48 48.04 21.16
N ALA B 263 15.06 48.68 22.25
CA ALA B 263 14.02 49.74 22.19
C ALA B 263 14.46 50.85 21.26
N ALA B 264 15.75 51.21 21.27
CA ALA B 264 16.24 52.32 20.42
C ALA B 264 16.19 51.98 18.90
N MET B 265 16.29 50.70 18.57
CA MET B 265 16.14 50.32 17.17
C MET B 265 14.66 50.30 16.76
N GLY B 266 13.76 50.54 17.70
CA GLY B 266 12.32 50.61 17.44
C GLY B 266 11.59 49.27 17.37
N PHE B 267 12.03 48.29 18.16
CA PHE B 267 11.32 47.04 18.30
C PHE B 267 10.22 47.12 19.35
N ASP B 268 9.23 46.23 19.21
CA ASP B 268 8.06 46.17 20.09
C ASP B 268 8.00 44.88 20.87
N VAL B 269 8.54 43.81 20.31
CA VAL B 269 8.47 42.50 20.95
C VAL B 269 9.84 41.89 21.02
N VAL B 270 10.18 41.36 22.18
CA VAL B 270 11.42 40.64 22.37
C VAL B 270 11.09 39.17 22.47
N TYR B 271 11.61 38.34 21.54
CA TYR B 271 11.37 36.89 21.54
C TYR B 271 12.59 36.20 22.12
N LEU B 272 12.37 35.46 23.22
CA LEU B 272 13.40 34.70 23.92
C LEU B 272 13.30 33.20 23.63
N PRO B 273 14.41 32.55 23.31
CA PRO B 273 14.44 31.11 23.26
C PRO B 273 14.12 30.54 24.62
N PRO B 274 13.85 29.23 24.70
CA PRO B 274 13.47 28.67 25.97
C PRO B 274 14.36 29.15 27.13
N ILE B 275 13.71 29.50 28.23
CA ILE B 275 14.36 30.10 29.39
C ILE B 275 14.48 29.13 30.55
N HIS B 276 14.26 27.85 30.26
CA HIS B 276 14.17 26.83 31.30
C HIS B 276 15.48 26.07 31.48
N PRO B 277 15.54 25.19 32.49
CA PRO B 277 16.70 24.32 32.60
C PRO B 277 16.85 23.48 31.34
N ILE B 278 18.10 23.10 31.05
CA ILE B 278 18.46 22.35 29.83
C ILE B 278 19.02 20.97 30.20
N GLY B 279 18.62 19.93 29.50
CA GLY B 279 19.07 18.57 29.86
C GLY B 279 20.56 18.34 29.71
N THR B 280 21.08 17.34 30.41
CA THR B 280 22.49 16.90 30.27
C THR B 280 22.65 15.62 29.43
N THR B 281 21.63 14.78 29.38
CA THR B 281 21.75 13.49 28.69
C THR B 281 21.66 13.72 27.20
N HIS B 282 22.70 13.30 26.46
CA HIS B 282 22.83 13.52 25.00
C HIS B 282 22.92 14.99 24.59
N ARG B 283 23.34 15.84 25.52
CA ARG B 283 23.44 17.27 25.28
C ARG B 283 24.41 17.53 24.14
N LYS B 284 24.07 18.49 23.28
CA LYS B 284 24.91 18.79 22.14
C LYS B 284 26.04 19.74 22.49
N GLY B 285 27.16 19.57 21.80
CA GLY B 285 28.28 20.49 21.92
C GLY B 285 28.28 21.62 20.89
N ARG B 286 29.37 22.35 20.85
CA ARG B 286 29.49 23.49 19.95
C ARG B 286 29.34 22.99 18.51
N ASN B 287 28.71 23.80 17.67
CA ASN B 287 28.54 23.43 16.26
C ASN B 287 27.83 22.13 16.04
N ASN B 288 26.86 21.84 16.90
CA ASN B 288 26.00 20.66 16.78
C ASN B 288 26.80 19.38 16.79
N THR B 289 27.87 19.32 17.59
CA THR B 289 28.56 18.05 17.82
C THR B 289 27.73 17.20 18.79
N LEU B 290 27.91 15.89 18.69
CA LEU B 290 27.09 14.92 19.43
C LEU B 290 27.30 15.01 20.94
N SER B 291 28.54 15.23 21.35
CA SER B 291 28.92 15.15 22.74
C SER B 291 29.42 16.46 23.32
N ALA B 292 28.66 17.00 24.26
CA ALA B 292 29.02 18.23 24.95
C ALA B 292 30.18 17.93 25.89
N THR B 293 31.13 18.85 26.01
CA THR B 293 32.19 18.79 27.02
C THR B 293 31.70 19.46 28.29
N GLY B 294 32.51 19.50 29.33
CA GLY B 294 32.06 19.92 30.65
C GLY B 294 31.47 21.31 30.81
N ASP B 295 31.94 22.30 30.06
CA ASP B 295 31.44 23.68 30.18
CA ASP B 295 31.40 23.67 30.25
C ASP B 295 30.37 24.06 29.16
N ASP B 296 30.08 23.14 28.22
CA ASP B 296 29.17 23.42 27.11
C ASP B 296 27.80 23.66 27.64
N VAL B 297 27.08 24.63 27.07
CA VAL B 297 25.81 25.04 27.66
C VAL B 297 24.59 24.30 27.10
N GLY B 298 24.74 23.62 25.96
CA GLY B 298 23.64 22.86 25.38
C GLY B 298 22.61 23.76 24.72
N VAL B 299 21.56 23.12 24.19
CA VAL B 299 20.54 23.78 23.36
C VAL B 299 19.25 24.03 24.19
N PRO B 300 18.82 25.28 24.30
CA PRO B 300 17.70 25.64 25.16
C PRO B 300 16.44 24.83 24.91
N TRP B 301 16.24 24.41 23.65
CA TRP B 301 15.08 23.63 23.24
C TRP B 301 15.12 22.20 23.78
N ALA B 302 16.25 21.81 24.35
CA ALA B 302 16.34 20.51 25.04
C ALA B 302 15.90 20.71 26.50
N ILE B 303 14.58 20.88 26.69
CA ILE B 303 14.04 21.43 27.93
C ILE B 303 13.97 20.40 29.05
N GLY B 304 14.50 20.78 30.22
CA GLY B 304 14.22 20.05 31.45
C GLY B 304 15.37 19.25 32.02
N SER B 305 15.45 19.28 33.33
CA SER B 305 16.43 18.52 34.09
C SER B 305 15.79 18.33 35.47
N PRO B 306 16.48 17.69 36.39
CA PRO B 306 15.89 17.66 37.73
C PRO B 306 15.70 19.04 38.38
N GLU B 307 16.30 20.10 37.83
CA GLU B 307 16.16 21.47 38.35
C GLU B 307 14.82 22.10 37.97
N GLY B 308 14.09 21.46 37.03
CA GLY B 308 12.75 21.90 36.64
C GLY B 308 12.48 21.77 35.14
N GLY B 309 11.23 21.95 34.78
CA GLY B 309 10.74 21.77 33.42
C GLY B 309 10.23 23.09 32.90
N HIS B 310 9.14 23.06 32.11
CA HIS B 310 8.66 24.22 31.37
C HIS B 310 8.10 25.38 32.24
N ASP B 311 7.86 25.12 33.52
CA ASP B 311 7.44 26.17 34.45
C ASP B 311 8.58 26.72 35.34
N SER B 312 9.85 26.46 34.98
CA SER B 312 11.03 26.89 35.75
C SER B 312 12.01 27.74 34.97
N ILE B 313 12.92 28.36 35.70
CA ILE B 313 13.94 29.17 35.11
C ILE B 313 15.27 28.41 35.18
N HIS B 314 16.04 28.46 34.09
CA HIS B 314 17.45 28.07 34.11
C HIS B 314 18.22 28.75 35.28
N PRO B 315 18.84 27.95 36.16
CA PRO B 315 19.48 28.55 37.33
C PRO B 315 20.56 29.55 36.95
N ALA B 316 21.21 29.38 35.80
CA ALA B 316 22.23 30.35 35.36
C ALA B 316 21.63 31.71 34.96
N LEU B 317 20.35 31.73 34.62
CA LEU B 317 19.63 32.98 34.25
C LEU B 317 19.10 33.75 35.45
N GLY B 318 18.97 33.03 36.57
CA GLY B 318 18.61 33.64 37.86
C GLY B 318 17.32 33.02 38.36
N THR B 319 16.49 33.87 38.98
CA THR B 319 15.22 33.48 39.59
C THR B 319 13.99 34.08 38.89
N LEU B 320 12.83 33.56 39.24
CA LEU B 320 11.57 34.07 38.76
C LEU B 320 11.47 35.57 39.07
N ASP B 321 11.95 36.00 40.24
CA ASP B 321 11.95 37.43 40.55
C ASP B 321 12.85 38.22 39.57
N ASP B 322 13.99 37.65 39.20
CA ASP B 322 14.85 38.28 38.20
C ASP B 322 14.10 38.35 36.87
N PHE B 323 13.31 37.34 36.55
CA PHE B 323 12.55 37.35 35.32
C PHE B 323 11.52 38.48 35.35
N ASP B 324 10.85 38.64 36.49
CA ASP B 324 9.89 39.73 36.69
C ASP B 324 10.58 41.11 36.51
N HIS B 325 11.80 41.25 37.02
CA HIS B 325 12.59 42.48 36.79
C HIS B 325 12.81 42.74 35.30
N PHE B 326 13.14 41.68 34.58
CA PHE B 326 13.37 41.75 33.14
C PHE B 326 12.11 42.20 32.40
N VAL B 327 10.97 41.58 32.73
CA VAL B 327 9.68 41.94 32.14
C VAL B 327 9.31 43.42 32.43
N THR B 328 9.54 43.85 33.67
CA THR B 328 9.27 45.24 34.07
C THR B 328 10.11 46.22 33.23
N GLU B 329 11.40 45.93 33.11
CA GLU B 329 12.32 46.81 32.35
C GLU B 329 11.96 46.84 30.86
N ALA B 330 11.49 45.69 30.36
CA ALA B 330 10.97 45.59 28.99
C ALA B 330 9.78 46.55 28.82
N GLY B 331 8.78 46.39 29.69
CA GLY B 331 7.55 47.22 29.65
C GLY B 331 7.80 48.72 29.68
N LYS B 332 8.71 49.14 30.54
CA LYS B 332 9.11 50.52 30.66
C LYS B 332 9.72 51.11 29.36
N LEU B 333 10.36 50.27 28.55
CA LEU B 333 10.94 50.69 27.25
C LEU B 333 10.00 50.48 26.06
N GLY B 334 8.74 50.08 26.31
CA GLY B 334 7.77 49.80 25.24
C GLY B 334 7.91 48.42 24.62
N LEU B 335 8.49 47.46 25.35
CA LEU B 335 8.70 46.08 24.85
C LEU B 335 7.84 45.06 25.59
N GLU B 336 7.18 44.21 24.82
CA GLU B 336 6.51 42.98 25.30
C GLU B 336 7.40 41.75 25.16
N ILE B 337 7.27 40.78 26.05
CA ILE B 337 8.11 39.58 25.95
C ILE B 337 7.32 38.50 25.26
N ALA B 338 7.93 37.84 24.29
CA ALA B 338 7.36 36.63 23.70
C ALA B 338 8.25 35.47 24.11
N LEU B 339 7.69 34.49 24.84
CA LEU B 339 8.45 33.28 25.18
C LEU B 339 8.24 32.20 24.15
N ASP B 340 9.31 31.47 23.88
CA ASP B 340 9.24 30.19 23.21
C ASP B 340 8.46 29.19 23.99
N PHE B 341 7.54 28.48 23.33
CA PHE B 341 6.89 27.31 23.89
C PHE B 341 7.18 26.12 22.97
N ALA B 342 8.07 25.24 23.41
CA ALA B 342 8.46 24.04 22.65
C ALA B 342 7.98 22.83 23.41
N LEU B 343 6.86 22.25 22.98
CA LEU B 343 6.27 21.08 23.64
C LEU B 343 7.04 19.79 23.29
N GLN B 344 8.13 19.61 24.01
CA GLN B 344 9.05 18.49 23.86
C GLN B 344 9.91 18.46 25.14
N CYS B 345 10.77 17.44 25.31
CA CYS B 345 11.55 17.25 26.54
C CYS B 345 12.93 16.74 26.25
N SER B 346 13.88 17.16 27.07
CA SER B 346 15.12 16.44 27.17
C SER B 346 14.83 15.10 27.87
N PRO B 347 15.79 14.16 27.81
CA PRO B 347 15.57 12.87 28.50
C PRO B 347 15.61 13.00 30.02
N ASP B 348 16.02 14.16 30.52
CA ASP B 348 16.14 14.42 31.97
C ASP B 348 14.93 15.27 32.50
N HIS B 349 14.02 15.64 31.61
CA HIS B 349 12.78 16.34 32.03
C HIS B 349 12.00 15.40 32.97
N PRO B 350 11.45 15.94 34.07
CA PRO B 350 10.66 15.15 35.07
C PRO B 350 9.55 14.33 34.44
N TRP B 351 8.91 14.88 33.41
CA TRP B 351 7.85 14.17 32.65
C TRP B 351 8.22 12.78 32.17
N VAL B 352 9.50 12.57 31.86
CA VAL B 352 9.91 11.32 31.24
C VAL B 352 9.58 10.16 32.17
N HIS B 353 9.82 10.32 33.48
CA HIS B 353 9.47 9.28 34.45
CA HIS B 353 9.47 9.25 34.42
C HIS B 353 8.08 9.46 35.08
N LYS B 354 7.64 10.70 35.22
CA LYS B 354 6.37 10.97 35.91
C LYS B 354 5.17 10.74 34.99
N HIS B 355 5.35 10.96 33.67
CA HIS B 355 4.28 10.76 32.67
C HIS B 355 4.80 10.00 31.44
N PRO B 356 5.20 8.72 31.63
CA PRO B 356 5.76 7.98 30.52
C PRO B 356 4.85 7.89 29.29
N GLU B 357 3.54 7.90 29.50
CA GLU B 357 2.58 7.74 28.40
C GLU B 357 2.50 8.98 27.49
N TRP B 358 3.19 10.04 27.89
CA TRP B 358 3.37 11.19 27.05
C TRP B 358 4.47 11.00 25.98
N PHE B 359 5.03 9.79 25.90
CA PHE B 359 6.10 9.51 24.94
C PHE B 359 5.82 8.22 24.25
N HIS B 360 6.28 8.09 23.03
CA HIS B 360 6.16 6.84 22.29
C HIS B 360 7.43 6.04 22.59
N HIS B 361 7.23 4.81 23.03
CA HIS B 361 8.31 3.89 23.36
C HIS B 361 8.40 2.78 22.33
N ARG B 362 9.63 2.42 21.97
CA ARG B 362 9.90 1.29 21.13
C ARG B 362 9.86 0.02 21.95
N PRO B 363 9.95 -1.14 21.31
CA PRO B 363 9.83 -2.37 22.04
C PRO B 363 10.83 -2.63 23.17
N ASP B 364 12.00 -2.01 23.14
CA ASP B 364 12.98 -2.22 24.19
C ASP B 364 12.80 -1.16 25.28
N GLY B 365 11.72 -0.37 25.20
CA GLY B 365 11.45 0.65 26.18
C GLY B 365 12.04 2.01 25.91
N THR B 366 12.95 2.14 24.95
CA THR B 366 13.56 3.46 24.64
C THR B 366 12.60 4.36 23.91
N ILE B 367 12.86 5.66 24.01
CA ILE B 367 12.16 6.69 23.28
C ILE B 367 13.09 7.21 22.20
N ALA B 368 12.67 7.10 20.93
CA ALA B 368 13.44 7.63 19.80
C ALA B 368 13.46 9.12 19.90
N HIS B 369 14.64 9.71 19.73
CA HIS B 369 14.78 11.17 19.70
C HIS B 369 14.06 11.79 18.49
N ALA B 370 13.72 13.06 18.61
CA ALA B 370 13.03 13.77 17.55
C ALA B 370 13.93 13.91 16.32
N GLU B 371 13.24 14.07 15.17
CA GLU B 371 13.85 14.27 13.84
C GLU B 371 12.95 15.16 12.98
N ASN B 372 13.58 16.00 12.11
CA ASN B 372 12.91 16.66 10.95
C ASN B 372 13.86 16.34 9.77
N PRO B 373 13.84 15.08 9.28
CA PRO B 373 14.97 14.59 8.45
C PRO B 373 15.37 15.51 7.32
N PRO B 374 16.66 15.52 6.95
CA PRO B 374 17.78 14.76 7.50
C PRO B 374 18.36 15.27 8.86
N LYS B 375 17.77 16.31 9.43
CA LYS B 375 18.17 16.79 10.76
C LYS B 375 17.78 15.84 11.93
N LYS B 376 18.72 15.61 12.85
CA LYS B 376 18.50 14.82 14.06
C LYS B 376 18.68 15.63 15.35
N TYR B 377 17.75 15.45 16.29
CA TYR B 377 17.80 16.12 17.57
C TYR B 377 17.96 15.09 18.69
N GLN B 378 19.17 14.54 18.80
CA GLN B 378 19.47 13.48 19.78
C GLN B 378 19.26 13.91 21.23
N ASP B 379 19.31 15.21 21.48
CA ASP B 379 19.09 15.80 22.82
C ASP B 379 17.62 15.96 23.21
N ILE B 380 16.70 15.64 22.31
CA ILE B 380 15.27 15.97 22.47
C ILE B 380 14.37 14.73 22.22
N TYR B 381 13.41 14.49 23.12
CA TYR B 381 12.34 13.52 22.90
C TYR B 381 11.04 14.22 22.54
N PRO B 382 10.38 13.79 21.44
CA PRO B 382 9.05 14.35 21.11
C PRO B 382 7.93 13.76 21.99
N ILE B 383 6.81 14.47 22.09
CA ILE B 383 5.67 14.04 22.88
C ILE B 383 4.75 13.18 22.01
N ALA B 384 4.19 12.13 22.58
CA ALA B 384 3.07 11.39 22.01
C ALA B 384 1.78 11.90 22.67
N PHE B 385 0.72 12.01 21.86
CA PHE B 385 -0.51 12.70 22.25
C PHE B 385 -1.72 11.79 22.36
N ASP B 386 -1.59 10.54 21.93
CA ASP B 386 -2.78 9.69 21.78
C ASP B 386 -3.14 8.81 23.02
N ALA B 387 -2.25 8.72 24.02
CA ALA B 387 -2.50 7.98 25.26
C ALA B 387 -3.20 8.86 26.31
N ASP B 388 -2.79 10.12 26.43
CA ASP B 388 -3.35 11.01 27.47
C ASP B 388 -3.50 12.42 26.92
N PRO B 389 -4.34 12.58 25.87
CA PRO B 389 -4.59 13.90 25.29
C PRO B 389 -5.07 14.94 26.31
N ASP B 390 -5.95 14.55 27.24
CA ASP B 390 -6.46 15.46 28.27
C ASP B 390 -5.38 15.94 29.22
N GLY B 391 -4.55 15.01 29.71
CA GLY B 391 -3.44 15.37 30.60
C GLY B 391 -2.49 16.36 29.93
N LEU B 392 -2.17 16.13 28.68
CA LEU B 392 -1.29 17.06 27.97
C LEU B 392 -1.92 18.47 27.80
N ALA B 393 -3.21 18.53 27.44
CA ALA B 393 -3.87 19.84 27.28
C ALA B 393 -3.92 20.63 28.60
N THR B 394 -4.27 19.91 29.69
CA THR B 394 -4.37 20.54 30.99
C THR B 394 -3.03 21.12 31.42
N GLU B 395 -1.97 20.34 31.24
CA GLU B 395 -0.68 20.76 31.69
C GLU B 395 -0.17 21.88 30.81
N THR B 396 -0.50 21.83 29.51
CA THR B 396 -0.01 22.83 28.61
C THR B 396 -0.63 24.19 28.95
N VAL B 397 -1.93 24.21 29.21
CA VAL B 397 -2.55 25.51 29.50
C VAL B 397 -2.12 26.05 30.86
N ARG B 398 -1.83 25.15 31.82
CA ARG B 398 -1.30 25.57 33.15
C ARG B 398 0.06 26.28 33.00
N ILE B 399 0.90 25.70 32.17
CA ILE B 399 2.21 26.27 31.90
C ILE B 399 2.09 27.67 31.28
N LEU B 400 1.24 27.78 30.28
CA LEU B 400 1.03 29.03 29.62
C LEU B 400 0.48 30.08 30.59
N ARG B 401 -0.48 29.71 31.43
CA ARG B 401 -1.07 30.67 32.36
C ARG B 401 -0.06 31.13 33.40
N HIS B 402 0.91 30.27 33.73
CA HIS B 402 1.92 30.65 34.68
C HIS B 402 2.73 31.78 34.07
N TRP B 403 3.14 31.63 32.81
CA TRP B 403 3.93 32.69 32.19
C TRP B 403 3.07 33.95 31.93
N MET B 404 1.81 33.72 31.64
CA MET B 404 0.85 34.80 31.52
C MET B 404 0.74 35.59 32.82
N ASP B 405 0.68 34.91 33.97
CA ASP B 405 0.62 35.60 35.28
C ASP B 405 1.87 36.47 35.52
N HIS B 406 2.97 36.13 34.86
CA HIS B 406 4.20 36.92 34.93
C HIS B 406 4.40 37.87 33.73
N GLY B 407 3.28 38.25 33.09
CA GLY B 407 3.27 39.30 32.07
C GLY B 407 3.63 38.87 30.66
N VAL B 408 3.67 37.56 30.39
CA VAL B 408 3.96 37.10 29.03
C VAL B 408 2.65 36.89 28.32
N ARG B 409 2.40 37.70 27.30
CA ARG B 409 1.11 37.65 26.57
C ARG B 409 1.28 37.22 25.12
N ILE B 410 2.48 36.73 24.76
CA ILE B 410 2.81 36.30 23.40
C ILE B 410 3.69 35.06 23.47
N PHE B 411 3.31 34.02 22.74
CA PHE B 411 4.04 32.76 22.74
C PHE B 411 4.41 32.39 21.33
N ARG B 412 5.70 32.16 21.12
CA ARG B 412 6.19 31.71 19.85
C ARG B 412 6.25 30.20 20.00
N VAL B 413 5.36 29.49 19.31
CA VAL B 413 5.23 28.03 19.47
C VAL B 413 6.16 27.34 18.52
N ASP B 414 7.09 26.59 19.10
CA ASP B 414 8.12 25.85 18.33
C ASP B 414 7.50 24.67 17.55
N ASN B 415 7.84 24.56 16.25
CA ASN B 415 7.47 23.44 15.38
C ASN B 415 6.10 22.82 15.65
N PRO B 416 5.04 23.61 15.52
CA PRO B 416 3.72 23.13 15.95
C PRO B 416 3.15 22.02 15.05
N HIS B 417 3.63 21.98 13.81
CA HIS B 417 3.24 20.96 12.84
C HIS B 417 3.65 19.53 13.18
N THR B 418 4.43 19.31 14.23
CA THR B 418 4.76 17.94 14.67
C THR B 418 3.90 17.52 15.86
N LYS B 419 2.98 18.37 16.27
CA LYS B 419 2.00 18.07 17.29
C LYS B 419 0.61 18.21 16.61
N PRO B 420 -0.40 17.48 17.08
CA PRO B 420 -1.66 17.44 16.33
C PRO B 420 -2.33 18.79 16.18
N VAL B 421 -2.90 19.01 14.99
CA VAL B 421 -3.60 20.26 14.69
C VAL B 421 -4.74 20.51 15.70
N ALA B 422 -5.54 19.50 16.00
CA ALA B 422 -6.66 19.65 16.96
C ALA B 422 -6.21 19.97 18.38
N PHE B 423 -4.99 19.56 18.69
CA PHE B 423 -4.42 19.87 19.99
C PHE B 423 -4.19 21.38 20.10
N TRP B 424 -3.62 21.99 19.07
CA TRP B 424 -3.43 23.43 19.12
C TRP B 424 -4.78 24.13 19.12
N GLU B 425 -5.75 23.60 18.38
CA GLU B 425 -7.07 24.20 18.33
C GLU B 425 -7.66 24.29 19.74
N ARG B 426 -7.55 23.20 20.48
CA ARG B 426 -8.10 23.12 21.85
C ARG B 426 -7.38 24.08 22.80
N VAL B 427 -6.05 24.02 22.77
CA VAL B 427 -5.22 24.76 23.67
C VAL B 427 -5.39 26.25 23.44
N ILE B 428 -5.47 26.65 22.16
CA ILE B 428 -5.63 28.07 21.83
C ILE B 428 -7.03 28.56 22.24
N ALA B 429 -8.05 27.75 21.99
CA ALA B 429 -9.42 28.13 22.37
C ALA B 429 -9.55 28.30 23.89
N ASP B 430 -8.84 27.47 24.62
CA ASP B 430 -8.89 27.52 26.09
C ASP B 430 -8.18 28.81 26.60
N ILE B 431 -6.97 29.10 26.12
CA ILE B 431 -6.27 30.31 26.57
C ILE B 431 -6.99 31.62 26.19
N ASN B 432 -7.37 31.74 24.92
CA ASN B 432 -8.02 32.93 24.45
C ASN B 432 -9.45 33.08 24.98
N GLY B 433 -10.04 31.97 25.43
CA GLY B 433 -11.35 32.00 26.06
C GLY B 433 -11.33 32.84 27.33
N THR B 434 -10.24 32.78 28.10
CA THR B 434 -10.11 33.63 29.29
C THR B 434 -9.23 34.86 29.01
N ASP B 435 -8.35 34.80 28.01
CA ASP B 435 -7.34 35.86 27.81
C ASP B 435 -7.15 36.10 26.31
N PRO B 436 -8.17 36.71 25.67
CA PRO B 436 -8.21 36.87 24.23
C PRO B 436 -7.10 37.75 23.69
N ASP B 437 -6.39 38.43 24.61
CA ASP B 437 -5.28 39.25 24.19
C ASP B 437 -4.02 38.40 23.90
N VAL B 438 -4.01 37.11 24.27
CA VAL B 438 -2.78 36.32 24.05
C VAL B 438 -2.59 35.99 22.58
N ILE B 439 -1.39 36.23 22.09
CA ILE B 439 -1.02 35.99 20.71
C ILE B 439 -0.10 34.77 20.59
N PHE B 440 -0.44 33.86 19.68
CA PHE B 440 0.36 32.67 19.38
C PHE B 440 0.90 32.81 17.98
N LEU B 441 2.21 32.58 17.86
CA LEU B 441 2.94 32.60 16.61
C LEU B 441 3.39 31.20 16.27
N ALA B 442 3.02 30.70 15.10
CA ALA B 442 3.35 29.33 14.71
C ALA B 442 4.61 29.29 13.89
N GLU B 443 5.62 28.63 14.41
CA GLU B 443 6.84 28.43 13.64
C GLU B 443 6.77 27.15 12.86
N ALA B 444 5.91 27.11 11.86
CA ALA B 444 5.71 25.91 11.03
C ALA B 444 6.18 26.15 9.63
N PHE B 445 7.41 25.71 9.36
CA PHE B 445 8.00 25.80 8.05
C PHE B 445 7.76 24.45 7.37
N THR B 446 6.66 24.33 6.63
CA THR B 446 6.23 23.03 6.16
C THR B 446 5.39 23.24 4.94
N ARG B 447 4.53 22.29 4.60
CA ARG B 447 3.80 22.43 3.34
C ARG B 447 2.62 23.39 3.54
N PRO B 448 2.09 23.94 2.44
CA PRO B 448 1.06 24.97 2.53
C PRO B 448 -0.19 24.53 3.27
N ALA B 449 -0.68 23.31 3.04
CA ALA B 449 -1.93 22.92 3.69
C ALA B 449 -1.85 23.07 5.23
N MET B 450 -0.78 22.53 5.81
CA MET B 450 -0.56 22.57 7.25
C MET B 450 -0.38 24.00 7.76
N MET B 451 0.39 24.79 7.03
CA MET B 451 0.64 26.17 7.45
C MET B 451 -0.68 26.89 7.48
N ALA B 452 -1.49 26.67 6.47
CA ALA B 452 -2.81 27.33 6.34
C ALA B 452 -3.77 26.89 7.44
N THR B 453 -3.80 25.58 7.71
CA THR B 453 -4.70 25.01 8.71
C THR B 453 -4.40 25.49 10.14
N LEU B 454 -3.12 25.64 10.47
CA LEU B 454 -2.72 26.07 11.78
C LEU B 454 -3.21 27.50 12.02
N ALA B 455 -3.02 28.35 11.03
CA ALA B 455 -3.55 29.69 11.14
C ALA B 455 -5.06 29.61 11.30
N GLN B 456 -5.70 28.79 10.47
CA GLN B 456 -7.16 28.74 10.46
C GLN B 456 -7.76 28.27 11.78
N ILE B 457 -7.06 27.39 12.51
CA ILE B 457 -7.60 26.84 13.77
C ILE B 457 -7.25 27.66 15.00
N GLY B 458 -6.54 28.79 14.82
CA GLY B 458 -6.36 29.72 15.91
C GLY B 458 -5.05 30.50 16.01
N PHE B 459 -4.01 30.10 15.30
CA PHE B 459 -2.74 30.81 15.46
C PHE B 459 -2.81 32.23 14.92
N GLN B 460 -2.50 33.21 15.77
CA GLN B 460 -2.70 34.59 15.44
C GLN B 460 -1.76 35.02 14.37
N GLN B 461 -0.60 34.38 14.35
CA GLN B 461 0.51 34.76 13.49
C GLN B 461 1.15 33.49 13.03
N SER B 462 1.78 33.56 11.87
CA SER B 462 2.55 32.46 11.32
C SER B 462 3.91 32.95 10.78
N TYR B 463 4.93 32.13 10.96
CA TYR B 463 6.11 32.29 10.13
C TYR B 463 5.78 31.87 8.70
N THR B 464 6.62 32.27 7.76
CA THR B 464 6.31 32.22 6.34
C THR B 464 7.51 31.72 5.53
N TYR B 465 7.36 31.67 4.19
CA TYR B 465 8.45 31.31 3.30
C TYR B 465 9.39 32.48 2.98
N PHE B 466 9.22 33.61 3.65
CA PHE B 466 9.93 34.83 3.24
C PHE B 466 11.41 34.62 2.93
N THR B 467 12.17 33.99 3.84
CA THR B 467 13.61 33.89 3.67
C THR B 467 13.98 33.20 2.38
N TRP B 468 13.03 32.43 1.81
CA TRP B 468 13.28 31.74 0.54
C TRP B 468 12.60 32.44 -0.62
N ARG B 469 12.31 33.72 -0.45
CA ARG B 469 11.79 34.54 -1.53
C ARG B 469 12.71 35.76 -1.69
N ASN B 470 13.57 35.70 -2.70
CA ASN B 470 14.63 36.70 -2.91
C ASN B 470 14.67 37.40 -4.26
N THR B 471 14.17 36.77 -5.32
CA THR B 471 14.11 37.43 -6.62
C THR B 471 12.84 38.28 -6.65
N LYS B 472 12.74 39.15 -7.67
CA LYS B 472 11.55 39.98 -7.87
C LYS B 472 10.28 39.12 -8.05
N GLN B 473 10.39 38.09 -8.90
CA GLN B 473 9.27 37.23 -9.21
C GLN B 473 8.79 36.50 -7.96
N GLU B 474 9.72 35.94 -7.19
CA GLU B 474 9.41 35.27 -5.91
C GLU B 474 8.75 36.20 -4.89
N LEU B 475 9.31 37.37 -4.66
CA LEU B 475 8.70 38.33 -3.73
C LEU B 475 7.31 38.76 -4.20
N THR B 476 7.16 39.02 -5.49
CA THR B 476 5.91 39.52 -6.03
C THR B 476 4.82 38.46 -5.91
N GLU B 477 5.11 37.24 -6.34
CA GLU B 477 4.14 36.16 -6.26
C GLU B 477 3.77 35.86 -4.80
N TYR B 478 4.77 35.80 -3.94
CA TYR B 478 4.49 35.41 -2.54
C TYR B 478 3.69 36.44 -1.73
N LEU B 479 4.03 37.72 -1.90
CA LEU B 479 3.30 38.77 -1.22
C LEU B 479 1.90 38.99 -1.80
N THR B 480 1.69 38.66 -3.08
CA THR B 480 0.34 38.67 -3.66
C THR B 480 -0.50 37.57 -3.02
N GLU B 481 0.11 36.44 -2.71
CA GLU B 481 -0.61 35.38 -1.99
C GLU B 481 -0.97 35.83 -0.56
N LEU B 482 -0.01 36.36 0.18
CA LEU B 482 -0.22 36.69 1.61
C LEU B 482 -1.15 37.87 1.84
N SER B 483 -1.15 38.82 0.92
CA SER B 483 -2.00 40.00 1.04
C SER B 483 -3.41 39.78 0.44
N GLY B 484 -3.64 38.62 -0.19
CA GLY B 484 -4.92 38.32 -0.83
C GLY B 484 -5.82 37.54 0.13
N GLU B 485 -6.44 36.48 -0.37
CA GLU B 485 -7.39 35.69 0.44
C GLU B 485 -6.80 35.11 1.71
N ALA B 486 -5.53 34.73 1.68
CA ALA B 486 -4.88 34.21 2.89
C ALA B 486 -4.94 35.19 4.08
N ALA B 487 -5.01 36.47 3.80
CA ALA B 487 -5.03 37.49 4.86
C ALA B 487 -6.32 37.41 5.71
N SER B 488 -7.32 36.65 5.28
CA SER B 488 -8.49 36.49 6.12
C SER B 488 -8.27 35.50 7.26
N TYR B 489 -7.15 34.76 7.23
CA TYR B 489 -6.87 33.79 8.29
C TYR B 489 -5.41 33.71 8.80
N MET B 490 -4.47 34.37 8.11
CA MET B 490 -3.07 34.29 8.47
C MET B 490 -2.51 35.69 8.58
N ARG B 491 -1.68 35.89 9.59
CA ARG B 491 -0.96 37.14 9.78
C ARG B 491 0.52 36.80 9.74
N PRO B 492 1.25 37.32 8.76
CA PRO B 492 2.64 36.84 8.59
C PRO B 492 3.59 37.58 9.47
N ASN B 493 4.60 36.87 9.96
CA ASN B 493 5.71 37.47 10.70
C ASN B 493 7.00 37.18 9.94
N PHE B 494 7.55 38.21 9.30
CA PHE B 494 8.69 38.14 8.38
C PHE B 494 9.98 38.29 9.16
N PHE B 495 10.50 37.17 9.67
CA PHE B 495 11.83 37.13 10.24
C PHE B 495 12.84 37.03 9.09
N ALA B 496 13.72 38.03 8.98
CA ALA B 496 14.67 38.09 7.86
C ALA B 496 15.72 37.02 8.03
N ASN B 497 15.92 36.62 9.29
CA ASN B 497 16.75 35.44 9.62
C ASN B 497 16.23 34.80 10.92
N THR B 498 16.68 33.58 11.17
CA THR B 498 16.44 32.93 12.46
C THR B 498 17.70 32.17 12.83
N PRO B 499 17.77 31.66 14.05
CA PRO B 499 18.94 30.82 14.38
C PRO B 499 19.18 29.62 13.46
N ASP B 500 18.14 29.20 12.73
CA ASP B 500 18.22 28.04 11.83
C ASP B 500 18.24 28.42 10.37
N ILE B 501 18.19 29.71 10.05
CA ILE B 501 18.10 30.12 8.66
C ILE B 501 18.97 31.31 8.39
N LEU B 502 20.15 31.06 7.81
CA LEU B 502 21.01 32.09 7.26
C LEU B 502 21.01 31.82 5.78
N HIS B 503 20.23 32.59 5.03
CA HIS B 503 20.02 32.26 3.64
C HIS B 503 21.25 32.53 2.79
N ALA B 504 21.40 31.79 1.69
CA ALA B 504 22.48 32.01 0.75
C ALA B 504 22.58 33.48 0.26
N TYR B 505 21.45 34.16 0.17
CA TYR B 505 21.43 35.54 -0.31
C TYR B 505 22.25 36.44 0.62
N LEU B 506 22.11 36.23 1.92
CA LEU B 506 22.88 36.99 2.88
C LEU B 506 24.33 36.52 2.88
N GLN B 507 24.54 35.20 2.77
CA GLN B 507 25.89 34.64 2.78
C GLN B 507 26.77 35.27 1.66
N HIS B 508 26.19 35.47 0.49
CA HIS B 508 26.95 35.86 -0.68
C HIS B 508 26.92 37.35 -0.89
N GLY B 509 25.89 38.02 -0.37
CA GLY B 509 25.71 39.45 -0.62
C GLY B 509 26.32 40.37 0.41
N GLY B 510 26.69 39.85 1.56
CA GLY B 510 27.27 40.70 2.62
C GLY B 510 26.32 41.79 3.09
N ARG B 511 26.87 42.86 3.63
CA ARG B 511 26.07 43.90 4.27
C ARG B 511 25.00 44.51 3.37
N PRO B 512 25.34 44.82 2.11
CA PRO B 512 24.24 45.27 1.19
C PRO B 512 23.02 44.32 1.07
N ALA B 513 23.24 43.01 1.22
CA ALA B 513 22.12 42.04 1.24
C ALA B 513 21.33 42.09 2.54
N PHE B 514 22.01 42.29 3.66
CA PHE B 514 21.31 42.47 4.94
C PHE B 514 20.44 43.69 4.90
N GLU B 515 20.93 44.74 4.24
CA GLU B 515 20.21 45.98 4.12
C GLU B 515 18.96 45.81 3.27
N VAL B 516 19.11 45.15 2.13
CA VAL B 516 17.99 44.92 1.26
C VAL B 516 16.94 44.10 1.98
N ARG B 517 17.33 43.00 2.61
CA ARG B 517 16.36 42.14 3.26
C ARG B 517 15.66 42.83 4.42
N ALA B 518 16.34 43.72 5.15
CA ALA B 518 15.66 44.52 6.21
C ALA B 518 14.59 45.41 5.60
N VAL B 519 14.92 46.07 4.49
CA VAL B 519 13.98 46.99 3.87
C VAL B 519 12.72 46.22 3.45
N LEU B 520 12.94 45.10 2.75
CA LEU B 520 11.86 44.29 2.22
C LEU B 520 10.97 43.77 3.34
N ALA B 521 11.56 43.16 4.34
CA ALA B 521 10.77 42.60 5.44
C ALA B 521 9.95 43.69 6.18
N ALA B 522 10.57 44.83 6.44
CA ALA B 522 9.96 45.90 7.24
C ALA B 522 8.82 46.61 6.50
N THR B 523 8.94 46.72 5.17
CA THR B 523 7.93 47.44 4.38
C THR B 523 6.83 46.54 3.77
N LEU B 524 7.09 45.23 3.64
CA LEU B 524 6.15 44.32 2.99
C LEU B 524 5.18 43.69 3.98
N SER B 525 5.60 43.47 5.23
CA SER B 525 4.69 42.94 6.25
C SER B 525 4.57 43.87 7.42
N PRO B 526 3.37 43.96 8.01
CA PRO B 526 3.21 44.81 9.17
C PRO B 526 3.85 44.18 10.37
N THR B 527 4.17 42.90 10.31
CA THR B 527 5.03 42.32 11.34
C THR B 527 6.32 41.74 10.75
N TRP B 528 7.44 42.12 11.35
CA TRP B 528 8.72 41.60 10.94
C TRP B 528 9.62 41.43 12.12
N GLY B 529 10.75 40.78 11.86
CA GLY B 529 11.71 40.46 12.91
C GLY B 529 13.09 40.11 12.46
N ILE B 530 14.04 40.23 13.38
CA ILE B 530 15.40 39.74 13.15
C ILE B 530 15.87 38.97 14.36
N TYR B 531 16.83 38.08 14.12
CA TYR B 531 17.51 37.40 15.21
C TYR B 531 18.89 38.05 15.41
N SER B 532 19.21 38.34 16.66
CA SER B 532 20.43 39.09 17.04
C SER B 532 21.67 38.66 16.26
N GLY B 533 22.42 39.66 15.80
CA GLY B 533 23.60 39.45 14.97
C GLY B 533 23.33 39.75 13.52
N TYR B 534 22.06 39.77 13.13
CA TYR B 534 21.64 40.23 11.82
C TYR B 534 22.15 41.68 11.62
N GLU B 535 22.11 42.50 12.66
CA GLU B 535 22.64 43.86 12.61
C GLU B 535 24.09 43.86 12.22
N LEU B 536 24.84 42.88 12.73
CA LEU B 536 26.29 42.81 12.55
C LEU B 536 26.64 42.13 11.23
N CYS B 537 25.61 41.80 10.46
CA CYS B 537 25.80 41.17 9.16
C CYS B 537 26.57 39.84 9.29
N GLU B 538 26.33 39.14 10.39
CA GLU B 538 26.87 37.78 10.59
C GLU B 538 26.32 36.89 9.49
N ASN B 539 27.23 36.29 8.72
CA ASN B 539 26.81 35.56 7.55
C ASN B 539 27.75 34.44 7.18
N THR B 540 28.48 33.90 8.15
CA THR B 540 29.35 32.77 7.88
C THR B 540 28.58 31.50 8.14
N PRO B 541 28.37 30.69 7.11
CA PRO B 541 27.60 29.49 7.28
C PRO B 541 28.44 28.37 7.86
N LEU B 542 27.78 27.33 8.36
CA LEU B 542 28.46 26.12 8.82
C LEU B 542 29.35 25.53 7.73
N ARG B 543 28.85 25.47 6.51
CA ARG B 543 29.60 24.96 5.36
C ARG B 543 28.86 25.44 4.14
N GLU B 544 29.51 25.41 2.99
CA GLU B 544 28.84 25.81 1.77
C GLU B 544 27.59 24.95 1.58
N GLY B 545 26.49 25.57 1.15
CA GLY B 545 25.25 24.85 0.88
C GLY B 545 24.39 24.67 2.12
N SER B 546 24.80 25.23 3.24
CA SER B 546 24.03 25.09 4.47
C SER B 546 23.37 26.39 4.78
N GLU B 547 22.32 26.34 5.61
CA GLU B 547 21.64 27.50 6.13
C GLU B 547 21.84 27.63 7.65
N GLU B 548 22.68 26.76 8.21
CA GLU B 548 23.09 26.94 9.60
C GLU B 548 24.20 27.97 9.69
N TYR B 549 24.23 28.72 10.78
CA TYR B 549 25.40 29.52 11.13
C TYR B 549 26.57 28.69 11.64
N LEU B 550 27.79 29.07 11.27
CA LEU B 550 29.00 28.56 11.91
C LEU B 550 29.01 29.03 13.36
N ASP B 551 29.39 28.15 14.28
CA ASP B 551 29.45 28.48 15.70
C ASP B 551 28.09 28.99 16.17
N SER B 552 27.04 28.26 15.85
CA SER B 552 25.67 28.70 16.19
C SER B 552 25.43 28.95 17.68
N GLU B 553 24.78 30.07 17.98
CA GLU B 553 24.35 30.45 19.34
C GLU B 553 23.48 29.39 20.01
N LYS B 554 22.87 28.53 19.21
CA LYS B 554 22.06 27.44 19.77
C LYS B 554 22.91 26.56 20.67
N TYR B 555 24.20 26.49 20.39
CA TYR B 555 25.11 25.51 21.04
C TYR B 555 26.18 26.18 21.91
N GLN B 556 26.17 27.51 21.98
CA GLN B 556 27.23 28.19 22.72
C GLN B 556 26.87 29.60 23.11
N LEU B 557 27.54 30.10 24.11
CA LEU B 557 27.44 31.51 24.43
C LEU B 557 28.02 32.29 23.28
N LYS B 558 27.35 33.36 22.89
CA LYS B 558 27.84 34.14 21.77
C LYS B 558 27.96 35.63 22.14
N PRO B 559 29.03 35.98 22.87
CA PRO B 559 29.20 37.36 23.26
C PRO B 559 29.46 38.23 22.05
N ARG B 560 28.82 39.37 22.03
CA ARG B 560 29.03 40.30 20.97
C ARG B 560 29.39 41.66 21.58
N ASP B 561 30.38 42.31 20.99
CA ASP B 561 30.85 43.58 21.52
C ASP B 561 30.02 44.69 20.89
N TRP B 562 28.84 44.96 21.46
CA TRP B 562 27.89 45.92 20.87
C TRP B 562 28.42 47.33 20.84
N THR B 563 29.10 47.71 21.90
CA THR B 563 29.67 49.03 21.98
C THR B 563 30.67 49.24 20.84
N ARG B 564 31.57 48.27 20.62
CA ARG B 564 32.55 48.34 19.54
C ARG B 564 31.88 48.41 18.18
N ALA B 565 30.88 47.54 17.96
CA ALA B 565 30.19 47.51 16.69
C ALA B 565 29.51 48.87 16.41
N ALA B 566 28.92 49.47 17.46
CA ALA B 566 28.29 50.80 17.34
C ALA B 566 29.36 51.83 16.98
N ARG B 567 30.47 51.82 17.69
CA ARG B 567 31.57 52.76 17.51
C ARG B 567 32.17 52.71 16.10
N GLU B 568 32.31 51.50 15.57
CA GLU B 568 33.08 51.28 14.35
C GLU B 568 32.19 51.34 13.15
N GLY B 569 30.88 51.43 13.38
CA GLY B 569 29.93 51.58 12.29
C GLY B 569 29.73 50.30 11.48
N THR B 570 30.06 49.15 12.06
CA THR B 570 30.00 47.86 11.35
C THR B 570 28.68 47.17 11.68
N THR B 571 27.67 47.98 11.97
CA THR B 571 26.33 47.49 12.29
C THR B 571 25.33 48.23 11.43
N ILE B 572 24.22 47.57 11.09
CA ILE B 572 23.13 48.23 10.37
C ILE B 572 21.96 48.57 11.30
N ALA B 573 22.20 48.54 12.61
CA ALA B 573 21.26 49.11 13.57
C ALA B 573 20.63 50.46 13.11
N PRO B 574 21.44 51.42 12.58
CA PRO B 574 20.81 52.71 12.16
C PRO B 574 19.74 52.60 11.07
N LEU B 575 19.96 51.77 10.07
CA LEU B 575 18.94 51.47 9.07
C LEU B 575 17.71 50.79 9.66
N VAL B 576 17.92 49.84 10.56
CA VAL B 576 16.83 49.16 11.22
C VAL B 576 15.99 50.15 12.01
N THR B 577 16.66 51.02 12.74
CA THR B 577 16.02 52.07 13.52
C THR B 577 15.15 52.97 12.66
N ARG B 578 15.74 53.47 11.58
CA ARG B 578 14.99 54.29 10.65
C ARG B 578 13.81 53.52 10.04
N LEU B 579 13.99 52.25 9.69
CA LEU B 579 12.86 51.46 9.13
C LEU B 579 11.67 51.37 10.10
N ASN B 580 11.97 51.19 11.39
CA ASN B 580 10.91 51.11 12.39
C ASN B 580 10.25 52.43 12.65
N THR B 581 11.02 53.51 12.59
CA THR B 581 10.44 54.84 12.72
C THR B 581 9.49 55.15 11.54
N ILE B 582 9.96 54.90 10.33
CA ILE B 582 9.14 55.05 9.15
C ILE B 582 7.81 54.31 9.34
N ARG B 583 7.89 53.07 9.84
CA ARG B 583 6.69 52.26 10.08
C ARG B 583 5.80 52.92 11.12
N ARG B 584 6.40 53.46 12.17
CA ARG B 584 5.59 54.05 13.25
C ARG B 584 4.89 55.33 12.83
N GLU B 585 5.40 55.95 11.77
CA GLU B 585 4.92 57.26 11.31
C GLU B 585 3.99 57.14 10.10
N ASN B 586 3.91 55.95 9.52
CA ASN B 586 3.13 55.73 8.30
C ASN B 586 2.15 54.54 8.43
N PRO B 587 0.85 54.82 8.72
CA PRO B 587 -0.17 53.76 8.88
C PRO B 587 -0.23 52.73 7.73
N ALA B 588 0.15 53.15 6.53
CA ALA B 588 0.15 52.26 5.38
C ALA B 588 1.06 51.07 5.63
N LEU B 589 2.12 51.23 6.41
CA LEU B 589 3.04 50.13 6.74
C LEU B 589 2.58 49.26 7.91
N ARG B 590 1.47 49.61 8.53
CA ARG B 590 0.96 48.81 9.65
C ARG B 590 -0.26 47.96 9.26
N GLN B 591 -0.46 47.76 7.97
CA GLN B 591 -1.50 46.85 7.50
C GLN B 591 -0.86 46.01 6.43
N LEU B 592 -1.59 44.99 6.01
CA LEU B 592 -1.11 43.94 5.12
C LEU B 592 -1.80 43.95 3.75
N ARG B 593 -3.12 44.11 3.74
CA ARG B 593 -3.96 43.81 2.55
C ARG B 593 -3.79 44.74 1.37
N ASP B 594 -3.47 46.00 1.63
CA ASP B 594 -3.30 46.95 0.54
C ASP B 594 -1.84 47.01 0.11
N LEU B 595 -1.59 46.44 -1.05
CA LEU B 595 -0.24 46.31 -1.56
C LEU B 595 -0.32 46.15 -3.06
N HIS B 596 0.46 46.95 -3.76
CA HIS B 596 0.45 46.89 -5.21
C HIS B 596 1.87 47.00 -5.74
N PHE B 597 2.19 46.12 -6.69
CA PHE B 597 3.48 46.10 -7.35
C PHE B 597 3.44 46.85 -8.67
N HIS B 598 4.35 47.81 -8.82
CA HIS B 598 4.48 48.63 -10.02
C HIS B 598 5.65 48.17 -10.90
N PRO B 599 5.45 48.10 -12.24
CA PRO B 599 6.53 47.57 -13.09
C PRO B 599 7.78 48.47 -13.20
N THR B 600 8.94 47.83 -13.23
CA THR B 600 10.19 48.49 -13.62
C THR B 600 10.77 47.77 -14.84
N ASP B 601 11.79 48.34 -15.46
CA ASP B 601 12.41 47.69 -16.63
C ASP B 601 13.73 46.96 -16.32
N LYS B 602 13.99 46.67 -15.04
CA LYS B 602 15.14 45.83 -14.65
C LYS B 602 14.69 44.71 -13.72
N GLU B 603 15.08 43.49 -14.09
CA GLU B 603 14.72 42.29 -13.30
C GLU B 603 15.11 42.49 -11.81
N GLU B 604 16.23 43.17 -11.58
CA GLU B 604 16.78 43.31 -10.24
C GLU B 604 16.13 44.42 -9.41
N VAL B 605 15.28 45.24 -10.02
CA VAL B 605 14.66 46.39 -9.31
C VAL B 605 13.15 46.19 -9.18
N ILE B 606 12.71 46.10 -7.94
CA ILE B 606 11.31 45.91 -7.57
C ILE B 606 10.73 47.18 -6.97
N ALA B 607 9.46 47.43 -7.26
CA ALA B 607 8.76 48.62 -6.81
C ALA B 607 7.36 48.24 -6.33
N TYR B 608 6.94 48.84 -5.21
CA TYR B 608 5.60 48.58 -4.68
C TYR B 608 5.10 49.72 -3.78
N SER B 609 3.78 49.77 -3.64
CA SER B 609 3.09 50.77 -2.82
C SER B 609 2.07 50.15 -1.88
N LYS B 610 1.87 50.79 -0.75
CA LYS B 610 0.88 50.39 0.26
C LYS B 610 0.17 51.65 0.72
N ARG B 611 -1.12 51.52 1.04
CA ARG B 611 -1.93 52.66 1.42
C ARG B 611 -2.84 52.38 2.61
N GLN B 612 -3.06 53.40 3.41
CA GLN B 612 -4.06 53.42 4.46
C GLN B 612 -4.61 54.86 4.61
N GLY B 613 -5.88 55.06 4.27
CA GLY B 613 -6.50 56.37 4.18
C GLY B 613 -5.64 57.30 3.33
N SER B 614 -5.29 58.45 3.89
CA SER B 614 -4.51 59.42 3.13
C SER B 614 -3.02 59.11 3.06
N ASN B 615 -2.57 58.03 3.71
CA ASN B 615 -1.15 57.72 3.74
C ASN B 615 -0.77 56.73 2.63
N THR B 616 0.22 57.11 1.81
CA THR B 616 0.71 56.27 0.72
C THR B 616 2.22 56.16 0.86
N VAL B 617 2.73 54.93 0.95
CA VAL B 617 4.16 54.69 0.99
C VAL B 617 4.57 53.92 -0.26
N LEU B 618 5.63 54.39 -0.89
CA LEU B 618 6.10 53.87 -2.14
C LEU B 618 7.58 53.47 -2.01
N VAL B 619 7.87 52.18 -2.23
CA VAL B 619 9.18 51.61 -1.97
C VAL B 619 9.79 51.07 -3.27
N VAL B 620 11.07 51.37 -3.51
CA VAL B 620 11.80 50.80 -4.64
C VAL B 620 13.10 50.22 -4.12
N VAL B 621 13.35 48.94 -4.40
CA VAL B 621 14.51 48.22 -3.86
C VAL B 621 15.34 47.58 -4.95
N ASN B 622 16.67 47.75 -4.85
CA ASN B 622 17.61 47.03 -5.69
C ASN B 622 17.93 45.67 -5.06
N LEU B 623 17.41 44.59 -5.65
CA LEU B 623 17.65 43.25 -5.14
C LEU B 623 19.05 42.73 -5.41
N ASP B 624 19.83 43.45 -6.21
CA ASP B 624 21.23 43.12 -6.51
C ASP B 624 22.11 43.75 -5.45
N PRO B 625 22.85 42.93 -4.66
CA PRO B 625 23.72 43.48 -3.61
C PRO B 625 25.17 43.76 -4.04
N ARG B 626 25.50 43.47 -5.30
CA ARG B 626 26.88 43.61 -5.79
CA ARG B 626 26.87 43.58 -5.82
C ARG B 626 27.06 44.68 -6.87
N HIS B 627 25.99 44.99 -7.60
CA HIS B 627 26.07 45.94 -8.71
C HIS B 627 25.00 47.01 -8.59
N THR B 628 25.41 48.24 -8.86
CA THR B 628 24.51 49.38 -9.04
C THR B 628 23.51 49.09 -10.15
N GLN B 629 22.22 49.35 -9.91
CA GLN B 629 21.19 49.14 -10.92
C GLN B 629 20.45 50.44 -11.17
N GLU B 630 20.24 50.74 -12.44
CA GLU B 630 19.40 51.86 -12.84
C GLU B 630 18.16 51.32 -13.51
N ALA B 631 17.05 51.98 -13.24
CA ALA B 631 15.80 51.52 -13.78
C ALA B 631 14.82 52.66 -13.96
N THR B 632 13.89 52.44 -14.89
CA THR B 632 12.75 53.31 -15.06
C THR B 632 11.64 52.60 -14.32
N VAL B 633 11.13 53.22 -13.26
CA VAL B 633 9.96 52.71 -12.56
C VAL B 633 8.72 53.35 -13.17
N SER B 634 7.82 52.53 -13.72
CA SER B 634 6.59 53.05 -14.29
C SER B 634 5.40 52.86 -13.33
N LEU B 635 4.99 53.91 -12.63
CA LEU B 635 3.86 53.80 -11.68
C LEU B 635 2.48 53.69 -12.33
N ASP B 636 1.72 52.68 -11.89
CA ASP B 636 0.26 52.60 -11.98
C ASP B 636 -0.42 53.73 -11.20
N MET B 637 -0.63 54.86 -11.85
CA MET B 637 -1.10 56.06 -11.17
C MET B 637 -2.49 55.93 -10.53
N PRO B 638 -3.48 55.33 -11.24
CA PRO B 638 -4.82 55.22 -10.63
C PRO B 638 -4.81 54.38 -9.34
N GLN B 639 -3.85 53.48 -9.23
CA GLN B 639 -3.67 52.67 -8.05
C GLN B 639 -3.09 53.51 -6.89
N LEU B 640 -2.49 54.65 -7.22
CA LEU B 640 -2.08 55.61 -6.20
C LEU B 640 -3.16 56.65 -5.91
N GLY B 641 -4.29 56.56 -6.60
CA GLY B 641 -5.38 57.54 -6.45
C GLY B 641 -5.18 58.79 -7.30
N LEU B 642 -4.41 58.67 -8.38
CA LEU B 642 -3.98 59.81 -9.19
C LEU B 642 -4.26 59.59 -10.68
N ASP B 643 -4.24 60.66 -11.47
CA ASP B 643 -4.30 60.53 -12.93
C ASP B 643 -2.92 60.29 -13.55
N TRP B 644 -2.92 59.77 -14.77
CA TRP B 644 -1.68 59.40 -15.50
C TRP B 644 -0.71 60.55 -15.72
N HIS B 645 -1.25 61.71 -16.10
CA HIS B 645 -0.46 62.92 -16.35
C HIS B 645 0.09 63.57 -15.07
N GLU B 646 -0.60 63.32 -13.96
CA GLU B 646 -0.24 63.90 -12.66
C GLU B 646 1.18 63.52 -12.22
N SER B 647 1.78 64.40 -11.44
CA SER B 647 3.16 64.27 -10.99
C SER B 647 3.18 64.75 -9.55
N VAL B 648 3.48 63.86 -8.62
CA VAL B 648 3.30 64.19 -7.20
C VAL B 648 4.56 63.95 -6.34
N PRO B 649 4.76 64.84 -5.36
CA PRO B 649 6.04 64.90 -4.66
C PRO B 649 6.17 63.77 -3.66
N VAL B 650 7.38 63.26 -3.49
CA VAL B 650 7.65 62.22 -2.51
C VAL B 650 8.90 62.60 -1.71
N ARG B 651 9.00 62.09 -0.48
CA ARG B 651 10.23 62.19 0.32
C ARG B 651 10.76 60.78 0.59
N ASP B 652 12.01 60.53 0.21
CA ASP B 652 12.72 59.30 0.59
C ASP B 652 13.06 59.37 2.06
N GLU B 653 12.37 58.59 2.88
CA GLU B 653 12.52 58.69 4.32
C GLU B 653 13.83 58.12 4.82
N LEU B 654 14.54 57.40 3.96
CA LEU B 654 15.88 56.90 4.30
C LEU B 654 16.95 58.00 4.27
N THR B 655 16.69 59.08 3.54
CA THR B 655 17.68 60.14 3.33
C THR B 655 17.14 61.56 3.54
N GLY B 656 15.83 61.77 3.58
CA GLY B 656 15.26 63.11 3.73
C GLY B 656 15.10 63.84 2.41
N GLU B 657 15.66 63.26 1.34
CA GLU B 657 15.66 63.86 0.01
C GLU B 657 14.29 63.78 -0.66
N THR B 658 13.97 64.80 -1.45
CA THR B 658 12.65 65.00 -2.05
C THR B 658 12.73 64.83 -3.56
N TYR B 659 11.72 64.20 -4.16
CA TYR B 659 11.64 64.03 -5.61
C TYR B 659 10.24 64.35 -6.08
N HIS B 660 10.10 64.53 -7.40
CA HIS B 660 8.78 64.60 -8.02
C HIS B 660 8.55 63.42 -8.95
N TRP B 661 7.57 62.58 -8.61
CA TRP B 661 7.36 61.32 -9.34
C TRP B 661 5.96 61.21 -9.93
N GLY B 662 5.92 60.65 -11.14
CA GLY B 662 4.67 60.33 -11.83
C GLY B 662 4.81 59.06 -12.64
N ARG B 663 4.11 59.04 -13.78
CA ARG B 663 4.07 57.89 -14.71
C ARG B 663 5.40 57.12 -14.88
N ALA B 664 6.52 57.83 -14.98
CA ALA B 664 7.79 57.19 -15.36
C ALA B 664 8.99 57.88 -14.72
N ASN B 665 9.73 57.15 -13.90
CA ASN B 665 10.76 57.76 -13.06
C ASN B 665 12.11 57.03 -13.11
N TYR B 666 13.18 57.79 -13.35
CA TYR B 666 14.54 57.28 -13.26
C TYR B 666 14.92 57.07 -11.79
N VAL B 667 15.43 55.88 -11.47
CA VAL B 667 16.05 55.58 -10.17
C VAL B 667 17.41 54.92 -10.34
N ARG B 668 18.30 55.17 -9.39
CA ARG B 668 19.66 54.65 -9.45
C ARG B 668 20.01 54.25 -8.04
N LEU B 669 20.21 52.95 -7.84
CA LEU B 669 20.45 52.41 -6.52
C LEU B 669 21.83 51.73 -6.49
N GLU B 670 22.69 52.21 -5.60
CA GLU B 670 24.05 51.71 -5.48
C GLU B 670 24.16 50.89 -4.18
N PRO B 671 24.53 49.60 -4.29
CA PRO B 671 24.65 48.81 -3.08
C PRO B 671 25.70 49.37 -2.11
N GLY B 672 25.39 49.40 -0.81
CA GLY B 672 26.31 49.94 0.20
C GLY B 672 25.92 51.35 0.60
N ARG B 673 25.52 52.15 -0.40
CA ARG B 673 25.07 53.54 -0.21
C ARG B 673 23.54 53.73 -0.30
N THR B 674 22.85 52.93 -1.12
CA THR B 674 21.41 53.11 -1.33
C THR B 674 20.73 51.77 -1.73
N PRO B 675 20.31 50.94 -0.72
CA PRO B 675 19.58 49.69 -0.97
C PRO B 675 18.24 49.93 -1.67
N ALA B 676 17.60 51.04 -1.34
CA ALA B 676 16.26 51.31 -1.77
C ALA B 676 15.86 52.76 -1.47
N HIS B 677 14.74 53.16 -2.07
CA HIS B 677 14.01 54.37 -1.67
C HIS B 677 12.80 53.89 -0.89
N VAL B 678 12.55 54.51 0.26
CA VAL B 678 11.30 54.28 0.98
C VAL B 678 10.61 55.63 1.09
N CYS B 679 9.67 55.88 0.18
CA CYS B 679 9.13 57.22 0.01
C CYS B 679 7.72 57.33 0.54
N THR B 680 7.43 58.46 1.17
CA THR B 680 6.07 58.84 1.53
C THR B 680 5.57 59.94 0.59
N VAL B 681 4.28 59.87 0.27
CA VAL B 681 3.62 60.92 -0.51
C VAL B 681 3.18 62.01 0.45
N LEU B 682 3.55 63.26 0.15
CA LEU B 682 3.08 64.44 0.90
C LEU B 682 2.02 65.23 0.09
N ARG B 683 1.39 66.21 0.73
CA ARG B 683 0.53 67.17 0.03
C ARG B 683 1.15 68.55 0.17
C1 GLC C . 4.54 -57.03 -21.37
C2 GLC C . 4.46 -55.52 -21.67
C3 GLC C . 5.85 -54.90 -21.56
C4 GLC C . 6.61 -55.34 -20.28
C5 GLC C . 6.50 -56.84 -19.95
C6 GLC C . 6.93 -56.92 -18.50
O2 GLC C . 3.92 -55.31 -23.00
O3 GLC C . 5.76 -53.48 -21.63
O4 GLC C . 8.04 -54.96 -20.33
O5 GLC C . 5.10 -57.11 -20.04
O6 GLC C . 7.80 -57.96 -18.23
C1 GLC C . 8.55 -54.10 -19.25
C2 GLC C . 8.94 -52.80 -19.98
C3 GLC C . 10.14 -53.16 -20.79
C4 GLC C . 11.30 -53.83 -20.01
C5 GLC C . 10.89 -55.03 -19.12
C6 GLC C . 11.96 -55.38 -18.03
O2 GLC C . 7.86 -52.46 -20.94
O3 GLC C . 10.54 -52.04 -21.51
O4 GLC C . 12.10 -54.36 -21.08
O5 GLC C . 9.63 -54.75 -18.44
O6 GLC C . 11.23 -55.82 -16.87
C1 GLC C . 13.51 -54.19 -20.80
C2 GLC C . 14.12 -53.64 -22.10
C3 GLC C . 13.98 -54.69 -23.23
C4 GLC C . 14.41 -56.11 -22.78
C5 GLC C . 14.06 -56.51 -21.31
C6 GLC C . 14.96 -57.62 -20.68
O2 GLC C . 13.44 -52.42 -22.49
O3 GLC C . 14.71 -54.28 -24.40
O4 GLC C . 13.68 -56.97 -23.69
O5 GLC C . 14.09 -55.44 -20.31
O6 GLC C . 14.17 -58.80 -20.50
C1 GLC C . 14.54 -57.75 -24.60
C2 GLC C . 14.10 -57.73 -26.08
C3 GLC C . 12.62 -58.11 -26.15
C4 GLC C . 12.47 -59.60 -25.74
C5 GLC C . 13.29 -59.94 -24.46
C6 GLC C . 13.74 -61.41 -24.60
O2 GLC C . 14.36 -56.47 -26.73
O3 GLC C . 12.05 -57.87 -27.45
O4 GLC C . 11.08 -60.01 -25.52
O5 GLC C . 14.47 -59.13 -24.11
O6 GLC C . 13.66 -62.07 -23.34
C1 GLC C . 10.72 -61.20 -26.27
C2 GLC C . 9.70 -60.88 -27.38
C3 GLC C . 8.40 -60.38 -26.76
C4 GLC C . 7.86 -61.36 -25.74
C5 GLC C . 8.90 -61.96 -24.76
C6 GLC C . 8.36 -63.32 -24.17
O2 GLC C . 10.22 -59.84 -28.22
O3 GLC C . 7.39 -60.12 -27.75
O4 GLC C . 7.00 -60.43 -25.06
O5 GLC C . 10.21 -62.23 -25.37
O6 GLC C . 8.88 -63.59 -22.84
C1 GLC C . 5.64 -60.82 -24.91
C2 GLC C . 4.67 -59.67 -25.35
C3 GLC C . 4.77 -58.43 -24.45
C4 GLC C . 4.90 -58.82 -22.95
C5 GLC C . 5.82 -60.05 -22.59
C6 GLC C . 5.68 -60.37 -21.09
O2 GLC C . 4.86 -59.30 -26.74
O3 GLC C . 3.59 -57.60 -24.66
O4 GLC C . 5.43 -57.66 -22.36
O5 GLC C . 5.54 -61.21 -23.47
O6 GLC C . 6.51 -61.46 -20.70
C1 GLC D . 14.15 26.05 -0.39
C2 GLC D . 14.73 26.61 -1.71
C3 GLC D . 14.81 25.54 -2.82
C4 GLC D . 15.29 24.15 -2.32
C5 GLC D . 14.69 23.78 -0.92
C6 GLC D . 15.32 22.57 -0.22
O2 GLC D . 13.91 27.68 -2.18
O3 GLC D . 15.66 26.02 -3.87
O4 GLC D . 14.93 23.20 -3.40
O5 GLC D . 14.81 24.87 0.09
O6 GLC D . 15.65 22.95 1.13
C1 GLC D . 15.80 21.99 -3.52
C2 GLC D . 15.94 21.66 -4.99
C3 GLC D . 14.52 21.40 -5.52
C4 GLC D . 14.02 20.03 -5.01
C5 GLC D . 14.19 19.98 -3.45
C6 GLC D . 14.28 18.51 -2.97
O2 GLC D . 16.58 22.75 -5.67
O3 GLC D . 14.45 21.50 -6.97
O4 GLC D . 12.63 19.82 -5.42
O5 GLC D . 15.34 20.74 -2.84
O6 GLC D . 14.47 18.47 -1.55
C1 GLC D . 12.28 18.48 -5.90
C2 GLC D . 11.12 18.57 -6.94
C3 GLC D . 9.81 19.08 -6.31
C4 GLC D . 9.54 18.42 -4.96
C5 GLC D . 10.80 18.34 -4.05
C6 GLC D . 10.48 17.78 -2.63
O2 GLC D . 11.43 19.48 -8.00
O3 GLC D . 8.69 18.88 -7.19
O4 GLC D . 8.49 19.25 -4.41
O5 GLC D . 11.89 17.65 -4.77
O6 GLC D . 10.61 16.35 -2.59
C1 GLC D . 7.18 18.62 -4.30
C2 GLC D . 6.02 19.53 -4.77
C3 GLC D . 5.97 20.84 -3.98
C4 GLC D . 6.03 20.58 -2.43
C5 GLC D . 7.01 19.41 -1.97
C6 GLC D . 6.87 18.96 -0.47
O2 GLC D . 6.08 19.78 -6.19
O3 GLC D . 4.79 21.59 -4.34
O4 GLC D . 6.46 21.80 -1.77
O5 GLC D . 6.99 18.25 -2.88
O6 GLC D . 8.14 18.90 0.20
C1 GLC D . 5.51 22.54 -0.94
C2 GLC D . 5.30 23.96 -1.51
C3 GLC D . 6.62 24.79 -1.40
C4 GLC D . 7.33 24.64 -0.04
C5 GLC D . 7.39 23.19 0.51
C6 GLC D . 7.92 23.17 1.97
O2 GLC D . 4.81 23.87 -2.87
O3 GLC D . 6.39 26.18 -1.56
O4 GLC D . 8.67 25.25 -0.15
O5 GLC D . 6.02 22.71 0.43
O6 GLC D . 8.35 21.87 2.31
C1 GLC D . 9.06 26.11 0.99
C2 GLC D . 9.50 27.31 0.20
C3 GLC D . 10.75 26.94 -0.55
C4 GLC D . 11.86 26.35 0.35
C5 GLC D . 11.44 25.27 1.40
C6 GLC D . 12.49 25.14 2.54
O2 GLC D . 8.44 27.61 -0.75
O3 GLC D . 11.23 28.06 -1.25
O4 GLC D . 12.75 25.72 -0.58
O5 GLC D . 10.08 25.56 1.94
O6 GLC D . 11.84 25.18 3.82
C1 EDO E . -2.80 -31.44 -5.59
O1 EDO E . -2.78 -31.30 -7.05
C2 EDO E . -1.87 -32.54 -5.10
O2 EDO E . -0.47 -32.27 -5.35
#